data_5O9D
#
_entry.id   5O9D
#
_cell.length_a   65.492
_cell.length_b   104.828
_cell.length_c   109.009
_cell.angle_alpha   90.00
_cell.angle_beta   91.13
_cell.angle_gamma   90.00
#
_symmetry.space_group_name_H-M   'P 1 21 1'
#
loop_
_entity.id
_entity.type
_entity.pdbx_description
1 polymer 'Alcohol dehydrogenase'
2 non-polymer 'ZINC ION'
3 non-polymer NICOTINAMIDE-ADENINE-DINUCLEOTIDE
4 non-polymer '(2~{S})-2-methylpentanedioic acid'
5 water water
#
_entity_poly.entity_id   1
_entity_poly.type   'polypeptide(L)'
_entity_poly.pdbx_seq_one_letter_code
;MKAVQYTEIGSEPVVVDIPTPTPGPGEILLKVTAAGLCYSDIHVMDMPAAQYAFGLPLTLGHEGVGTVAELGEGVTGFGV
GDAVAVYGPWGCGACHACARGRENYCTRAADLGITPPGLGSPGSMAEYMIVDSARHLVPIGDLDPVAAAPLTDAGLTPYH
AISRVLPLLGPGSTAVVIGVGGLGHVGIQILRAVSAARVIAVDLDDDRLALAREVGADAAVKSGAGAADAIRELTGGQGA
TAVFDFVGAQSTIDTAQQVVAVDGHISVVGIHAGAHAKVGFFMIPFGASVVTPFAGTRSELMEVVALARAGRLDIHTETF
TLDEGPAAYRRLREGSIRGRGVVVPTSHHHHH
;
_entity_poly.pdbx_strand_id   A,B,C,D
#
loop_
_chem_comp.id
_chem_comp.type
_chem_comp.name
_chem_comp.formula
9ON non-polymer '(2~{S})-2-methylpentanedioic acid' 'C6 H10 O4'
NAD non-polymer NICOTINAMIDE-ADENINE-DINUCLEOTIDE 'C21 H27 N7 O14 P2'
ZN non-polymer 'ZINC ION' 'Zn 2'
#
# COMPACT_ATOMS: atom_id res chain seq x y z
N MET A 1 34.66 26.20 -22.61
CA MET A 1 34.62 24.72 -22.40
C MET A 1 34.10 23.98 -23.63
N LYS A 2 34.42 22.70 -23.70
CA LYS A 2 33.95 21.83 -24.75
C LYS A 2 32.56 21.30 -24.37
N ALA A 3 31.68 21.25 -25.36
CA ALA A 3 30.34 20.67 -25.20
C ALA A 3 29.89 20.01 -26.49
N VAL A 4 28.93 19.11 -26.38
CA VAL A 4 28.27 18.50 -27.53
C VAL A 4 26.87 19.08 -27.58
N GLN A 5 26.55 19.75 -28.70
CA GLN A 5 25.29 20.42 -28.84
C GLN A 5 24.54 19.98 -30.08
N TYR A 6 23.22 19.93 -29.95
CA TYR A 6 22.32 19.89 -31.11
C TYR A 6 22.13 21.33 -31.53
N THR A 7 22.55 21.66 -32.75
CA THR A 7 22.61 23.06 -33.23
C THR A 7 21.69 23.39 -34.43
N GLU A 8 21.29 22.38 -35.18
CA GLU A 8 20.50 22.58 -36.41
C GLU A 8 19.53 21.42 -36.55
N ILE A 9 18.26 21.71 -36.80
CA ILE A 9 17.23 20.68 -36.95
C ILE A 9 17.63 19.71 -38.07
N GLY A 10 17.57 18.41 -37.78
CA GLY A 10 17.92 17.38 -38.76
C GLY A 10 19.40 17.07 -38.96
N SER A 11 20.29 17.80 -38.26
CA SER A 11 21.72 17.62 -38.36
C SER A 11 22.23 16.85 -37.15
N GLU A 12 23.40 16.25 -37.32
CA GLU A 12 24.06 15.58 -36.22
C GLU A 12 24.51 16.60 -35.18
N PRO A 13 24.57 16.18 -33.91
CA PRO A 13 25.15 17.08 -32.92
C PRO A 13 26.63 17.33 -33.20
N VAL A 14 27.11 18.46 -32.70
CA VAL A 14 28.48 18.91 -32.97
C VAL A 14 29.21 19.24 -31.67
N VAL A 15 30.53 19.07 -31.72
CA VAL A 15 31.41 19.49 -30.64
C VAL A 15 31.64 20.99 -30.81
N VAL A 16 31.43 21.75 -29.75
CA VAL A 16 31.52 23.21 -29.78
C VAL A 16 32.41 23.69 -28.64
N ASP A 17 32.82 24.95 -28.70
CA ASP A 17 33.47 25.63 -27.59
C ASP A 17 32.51 26.74 -27.16
N ILE A 18 32.06 26.69 -25.91
CA ILE A 18 31.12 27.68 -25.37
C ILE A 18 31.62 28.11 -23.97
N PRO A 19 31.16 29.27 -23.48
CA PRO A 19 31.63 29.72 -22.16
C PRO A 19 31.32 28.75 -21.01
N THR A 20 32.29 28.56 -20.12
CA THR A 20 32.03 27.86 -18.86
C THR A 20 31.02 28.69 -18.09
N PRO A 21 29.87 28.07 -17.69
CA PRO A 21 28.85 28.87 -16.99
C PRO A 21 29.26 29.19 -15.55
N THR A 22 28.59 30.18 -15.00
CA THR A 22 28.82 30.65 -13.63
C THR A 22 27.50 30.42 -12.86
N PRO A 23 27.57 29.83 -11.66
CA PRO A 23 26.32 29.59 -10.93
C PRO A 23 25.75 30.87 -10.31
N GLY A 24 24.48 31.16 -10.59
CA GLY A 24 23.74 32.21 -9.89
C GLY A 24 23.31 31.75 -8.50
N PRO A 25 22.56 32.59 -7.77
CA PRO A 25 22.10 32.21 -6.41
C PRO A 25 21.29 30.90 -6.43
N GLY A 26 21.57 30.01 -5.47
CA GLY A 26 20.92 28.71 -5.39
C GLY A 26 21.45 27.63 -6.33
N GLU A 27 22.23 28.02 -7.35
CA GLU A 27 22.72 27.07 -8.34
C GLU A 27 24.05 26.44 -7.94
N ILE A 28 24.37 25.31 -8.55
CA ILE A 28 25.62 24.63 -8.35
C ILE A 28 26.25 24.37 -9.72
N LEU A 29 27.55 24.62 -9.82
CA LEU A 29 28.31 24.28 -11.00
C LEU A 29 28.97 22.95 -10.73
N LEU A 30 28.74 21.98 -11.60
CA LEU A 30 29.44 20.70 -11.56
C LEU A 30 30.51 20.61 -12.63
N LYS A 31 31.64 20.04 -12.27
CA LYS A 31 32.56 19.49 -13.22
C LYS A 31 32.03 18.11 -13.58
N VAL A 32 31.66 17.91 -14.84
CA VAL A 32 31.04 16.66 -15.25
C VAL A 32 32.09 15.56 -15.31
N THR A 33 31.80 14.44 -14.69
CA THR A 33 32.67 13.28 -14.72
C THR A 33 32.13 12.19 -15.63
N ALA A 34 30.83 12.19 -15.92
CA ALA A 34 30.25 11.23 -16.85
C ALA A 34 28.90 11.69 -17.29
N ALA A 35 28.60 11.48 -18.57
CA ALA A 35 27.34 11.92 -19.17
C ALA A 35 26.80 10.79 -20.02
N GLY A 36 25.63 10.27 -19.66
CA GLY A 36 25.03 9.13 -20.35
C GLY A 36 24.30 9.53 -21.61
N LEU A 37 24.36 8.67 -22.62
CA LEU A 37 23.56 8.82 -23.83
C LEU A 37 22.29 7.98 -23.71
N CYS A 38 21.14 8.60 -23.90
CA CYS A 38 19.86 7.92 -23.82
C CYS A 38 19.22 7.94 -25.20
N TYR A 39 18.53 6.87 -25.57
CA TYR A 39 17.86 6.84 -26.87
C TYR A 39 16.81 7.95 -27.00
N SER A 40 16.31 8.48 -25.88
CA SER A 40 15.42 9.64 -25.97
C SER A 40 16.08 10.83 -26.69
N ASP A 41 17.39 10.96 -26.59
CA ASP A 41 18.13 12.00 -27.35
C ASP A 41 17.95 11.81 -28.86
N ILE A 42 17.89 10.57 -29.31
CA ILE A 42 17.61 10.25 -30.72
C ILE A 42 16.19 10.71 -31.08
N HIS A 43 15.19 10.39 -30.23
CA HIS A 43 13.82 10.89 -30.48
C HIS A 43 13.82 12.41 -30.60
N VAL A 44 14.53 13.08 -29.71
CA VAL A 44 14.57 14.55 -29.71
C VAL A 44 15.16 15.10 -31.00
N MET A 45 16.29 14.54 -31.41
CA MET A 45 16.97 15.00 -32.63
C MET A 45 16.24 14.60 -33.92
N ASP A 46 15.31 13.66 -33.84
CA ASP A 46 14.49 13.29 -34.99
C ASP A 46 13.18 14.05 -35.11
N MET A 47 12.87 14.89 -34.12
CA MET A 47 11.67 15.72 -34.19
C MET A 47 11.80 16.71 -35.34
N PRO A 48 10.72 16.88 -36.14
CA PRO A 48 10.72 17.97 -37.13
C PRO A 48 10.72 19.34 -36.44
N ALA A 49 11.07 20.37 -37.21
CA ALA A 49 11.16 21.74 -36.68
C ALA A 49 9.90 22.19 -35.95
N ALA A 50 8.74 21.81 -36.48
CA ALA A 50 7.43 22.19 -35.91
C ALA A 50 7.16 21.62 -34.52
N GLN A 51 7.73 20.45 -34.23
CA GLN A 51 7.54 19.77 -32.94
C GLN A 51 8.66 20.12 -31.95
N TYR A 52 9.89 20.26 -32.43
CA TYR A 52 11.05 20.52 -31.57
C TYR A 52 10.86 21.83 -30.79
N ALA A 53 10.91 21.75 -29.47
CA ALA A 53 10.62 22.90 -28.60
C ALA A 53 11.69 23.19 -27.53
N PHE A 54 12.85 22.54 -27.62
CA PHE A 54 13.87 22.70 -26.58
C PHE A 54 14.89 23.80 -26.83
N GLY A 55 14.75 24.52 -27.95
CA GLY A 55 15.66 25.61 -28.29
C GLY A 55 16.96 25.12 -28.89
N LEU A 56 17.57 25.99 -29.70
CA LEU A 56 18.87 25.72 -30.31
C LEU A 56 19.81 26.88 -30.01
N PRO A 57 21.07 26.61 -29.67
CA PRO A 57 21.61 25.26 -29.49
C PRO A 57 21.12 24.64 -28.17
N LEU A 58 21.29 23.32 -28.06
CA LEU A 58 21.00 22.58 -26.85
C LEU A 58 22.18 21.69 -26.55
N THR A 59 22.80 21.90 -25.39
CA THR A 59 23.79 20.97 -24.90
C THR A 59 23.06 19.71 -24.47
N LEU A 60 23.38 18.60 -25.12
CA LEU A 60 22.74 17.34 -24.84
C LEU A 60 23.17 16.75 -23.51
N GLY A 61 22.41 15.74 -23.06
CA GLY A 61 22.78 14.92 -21.93
C GLY A 61 21.91 15.15 -20.73
N HIS A 62 21.01 14.22 -20.46
CA HIS A 62 20.17 14.31 -19.26
C HIS A 62 20.47 13.22 -18.23
N GLU A 63 21.59 12.53 -18.44
CA GLU A 63 22.14 11.58 -17.49
C GLU A 63 23.48 12.11 -17.04
N GLY A 64 23.53 12.81 -15.93
CA GLY A 64 24.74 13.51 -15.52
C GLY A 64 25.21 13.16 -14.14
N VAL A 65 26.52 12.99 -14.01
CA VAL A 65 27.20 12.86 -12.73
C VAL A 65 28.42 13.80 -12.77
N GLY A 66 28.79 14.35 -11.63
CA GLY A 66 29.95 15.22 -11.56
C GLY A 66 30.43 15.45 -10.15
N THR A 67 31.35 16.39 -10.03
CA THR A 67 31.82 16.83 -8.74
C THR A 67 31.48 18.30 -8.63
N VAL A 68 31.12 18.73 -7.42
CA VAL A 68 30.76 20.10 -7.17
C VAL A 68 32.02 20.96 -7.39
N ALA A 69 31.92 21.91 -8.32
CA ALA A 69 33.04 22.78 -8.67
C ALA A 69 32.90 24.14 -8.02
N GLU A 70 31.69 24.71 -8.07
CA GLU A 70 31.42 26.01 -7.49
C GLU A 70 30.00 26.04 -6.95
N LEU A 71 29.86 26.61 -5.76
CA LEU A 71 28.56 26.82 -5.14
C LEU A 71 28.09 28.22 -5.43
N GLY A 72 26.88 28.35 -5.94
CA GLY A 72 26.23 29.65 -6.05
C GLY A 72 25.95 30.23 -4.68
N GLU A 73 25.69 31.53 -4.65
CA GLU A 73 25.31 32.24 -3.43
C GLU A 73 24.18 31.53 -2.68
N GLY A 74 24.40 31.30 -1.38
CA GLY A 74 23.39 30.73 -0.49
C GLY A 74 23.30 29.22 -0.45
N VAL A 75 24.03 28.51 -1.33
CA VAL A 75 23.97 27.06 -1.36
C VAL A 75 24.76 26.46 -0.20
N THR A 76 24.08 25.63 0.59
CA THR A 76 24.73 24.76 1.57
C THR A 76 24.19 23.33 1.34
N GLY A 77 24.74 22.38 2.10
CA GLY A 77 24.41 20.97 1.96
C GLY A 77 25.38 20.23 1.08
N PHE A 78 26.21 20.96 0.31
CA PHE A 78 27.29 20.37 -0.47
C PHE A 78 28.56 21.19 -0.36
N GLY A 79 29.68 20.49 -0.37
CA GLY A 79 31.02 21.10 -0.42
C GLY A 79 31.63 20.90 -1.80
N VAL A 80 32.57 21.77 -2.13
CA VAL A 80 33.36 21.63 -3.35
C VAL A 80 34.05 20.25 -3.32
N GLY A 81 34.02 19.56 -4.46
CA GLY A 81 34.57 18.20 -4.56
C GLY A 81 33.56 17.08 -4.35
N ASP A 82 32.39 17.33 -3.78
CA ASP A 82 31.42 16.26 -3.54
C ASP A 82 30.95 15.63 -4.87
N ALA A 83 30.98 14.29 -4.93
CA ALA A 83 30.51 13.55 -6.09
C ALA A 83 29.01 13.40 -6.01
N VAL A 84 28.33 13.80 -7.08
CA VAL A 84 26.89 13.86 -7.12
C VAL A 84 26.32 13.43 -8.47
N ALA A 85 25.13 12.87 -8.40
CA ALA A 85 24.32 12.54 -9.58
C ALA A 85 23.23 13.58 -9.68
N VAL A 86 22.85 13.90 -10.89
CA VAL A 86 21.84 14.93 -11.13
C VAL A 86 20.48 14.25 -11.28
N TYR A 87 19.54 14.65 -10.44
CA TYR A 87 18.15 14.30 -10.62
C TYR A 87 17.61 15.08 -11.81
N GLY A 88 17.18 14.36 -12.84
CA GLY A 88 16.86 14.94 -14.14
C GLY A 88 15.54 15.68 -14.32
N PRO A 89 14.41 15.07 -13.89
CA PRO A 89 13.11 15.66 -14.23
C PRO A 89 12.65 16.77 -13.27
N TRP A 90 13.26 17.93 -13.40
CA TRP A 90 13.06 19.02 -12.50
C TRP A 90 11.62 19.46 -12.45
N GLY A 91 11.10 19.61 -11.24
CA GLY A 91 9.76 20.17 -11.03
C GLY A 91 9.81 21.47 -10.27
N CYS A 92 8.64 21.99 -9.95
CA CYS A 92 8.52 23.29 -9.27
C CYS A 92 8.95 23.22 -7.80
N GLY A 93 8.94 22.02 -7.21
CA GLY A 93 9.37 21.84 -5.81
C GLY A 93 8.31 22.12 -4.76
N ALA A 94 7.16 22.67 -5.17
CA ALA A 94 6.17 23.23 -4.26
C ALA A 94 4.78 22.56 -4.26
N CYS A 95 4.41 21.93 -5.37
CA CYS A 95 3.08 21.35 -5.52
C CYS A 95 3.00 20.03 -4.77
N HIS A 96 1.81 19.47 -4.71
CA HIS A 96 1.59 18.23 -3.97
C HIS A 96 2.44 17.06 -4.46
N ALA A 97 2.60 16.91 -5.77
CA ALA A 97 3.50 15.90 -6.32
C ALA A 97 4.96 16.16 -5.91
N CYS A 98 5.41 17.39 -6.10
CA CYS A 98 6.79 17.74 -5.74
C CYS A 98 7.06 17.60 -4.23
N ALA A 99 6.06 17.89 -3.42
CA ALA A 99 6.19 17.79 -1.97
C ALA A 99 6.46 16.32 -1.56
N ARG A 100 6.04 15.36 -2.36
CA ARG A 100 6.37 13.95 -2.16
C ARG A 100 7.62 13.49 -2.92
N GLY A 101 8.37 14.43 -3.50
CA GLY A 101 9.53 14.11 -4.31
C GLY A 101 9.22 13.66 -5.73
N ARG A 102 7.95 13.71 -6.11
CA ARG A 102 7.50 13.15 -7.40
C ARG A 102 7.53 14.24 -8.44
N GLU A 103 8.71 14.84 -8.61
CA GLU A 103 8.86 15.99 -9.49
C GLU A 103 8.68 15.59 -10.96
N ASN A 104 8.89 14.30 -11.22
CA ASN A 104 8.58 13.72 -12.52
C ASN A 104 7.12 13.88 -12.95
N TYR A 105 6.21 14.01 -11.98
CA TYR A 105 4.79 14.23 -12.24
C TYR A 105 4.33 15.61 -11.84
N CYS A 106 5.25 16.58 -11.79
CA CYS A 106 4.89 17.97 -11.52
C CYS A 106 4.05 18.51 -12.67
N THR A 107 2.93 19.15 -12.39
CA THR A 107 2.12 19.78 -13.46
C THR A 107 2.38 21.30 -13.61
N ARG A 108 3.16 21.86 -12.69
CA ARG A 108 3.47 23.29 -12.72
C ARG A 108 4.74 23.64 -13.50
N ALA A 109 5.60 22.66 -13.77
CA ALA A 109 6.95 22.95 -14.30
C ALA A 109 6.92 23.69 -15.65
N ALA A 110 6.09 23.20 -16.57
CA ALA A 110 5.94 23.81 -17.91
C ALA A 110 5.61 25.30 -17.83
N ASP A 111 4.51 25.63 -17.15
CA ASP A 111 4.07 27.02 -16.99
C ASP A 111 5.09 27.92 -16.28
N LEU A 112 5.91 27.32 -15.40
CA LEU A 112 6.97 28.08 -14.73
C LEU A 112 8.28 28.18 -15.55
N GLY A 113 8.32 27.58 -16.73
CA GLY A 113 9.52 27.58 -17.57
C GLY A 113 10.66 26.70 -17.06
N ILE A 114 10.33 25.65 -16.33
CA ILE A 114 11.31 24.77 -15.74
C ILE A 114 11.47 23.62 -16.72
N THR A 115 12.68 23.48 -17.28
CA THR A 115 12.99 22.41 -18.20
C THR A 115 14.19 21.60 -17.67
N PRO A 116 14.24 20.29 -18.00
CA PRO A 116 15.35 19.52 -17.51
C PRO A 116 16.66 19.75 -18.29
N PRO A 117 17.81 19.50 -17.64
CA PRO A 117 19.09 19.54 -18.34
C PRO A 117 19.11 18.53 -19.47
N GLY A 118 19.59 18.94 -20.63
CA GLY A 118 19.63 18.11 -21.82
C GLY A 118 18.33 18.09 -22.61
N LEU A 119 17.27 18.69 -22.06
CA LEU A 119 15.93 18.62 -22.63
C LEU A 119 15.22 19.97 -22.48
N GLY A 120 15.94 21.05 -22.74
CA GLY A 120 15.43 22.41 -22.65
C GLY A 120 16.38 23.33 -21.92
N SER A 121 17.10 22.78 -20.93
CA SER A 121 18.21 23.46 -20.25
C SER A 121 19.52 22.77 -20.63
N PRO A 122 20.67 23.45 -20.42
CA PRO A 122 21.91 22.82 -20.86
C PRO A 122 22.23 21.52 -20.09
N GLY A 123 22.59 20.49 -20.85
CA GLY A 123 22.81 19.15 -20.31
C GLY A 123 24.22 18.88 -19.84
N SER A 124 24.49 17.59 -19.65
CA SER A 124 25.73 17.13 -19.04
C SER A 124 26.83 16.78 -20.04
N MET A 125 26.56 16.87 -21.34
CA MET A 125 27.58 16.54 -22.33
C MET A 125 28.47 17.75 -22.59
N ALA A 126 29.23 18.06 -21.56
CA ALA A 126 30.06 19.25 -21.52
C ALA A 126 31.02 19.09 -20.36
N GLU A 127 32.06 19.89 -20.33
CA GLU A 127 33.01 19.81 -19.22
C GLU A 127 32.39 20.24 -17.90
N TYR A 128 31.45 21.18 -17.96
CA TYR A 128 30.76 21.69 -16.78
C TYR A 128 29.26 21.81 -17.04
N MET A 129 28.48 21.76 -15.98
CA MET A 129 27.05 22.00 -16.08
C MET A 129 26.49 22.66 -14.84
N ILE A 130 25.42 23.42 -15.03
CA ILE A 130 24.69 24.06 -13.96
C ILE A 130 23.52 23.17 -13.53
N VAL A 131 23.33 23.08 -12.22
CA VAL A 131 22.15 22.49 -11.61
C VAL A 131 21.46 23.61 -10.84
N ASP A 132 20.14 23.67 -10.98
CA ASP A 132 19.33 24.80 -10.48
C ASP A 132 19.22 24.88 -8.97
N SER A 133 19.27 23.74 -8.31
CA SER A 133 18.99 23.67 -6.89
C SER A 133 19.65 22.46 -6.27
N ALA A 134 20.03 22.59 -5.00
CA ALA A 134 20.63 21.50 -4.24
C ALA A 134 19.77 20.24 -4.18
N ARG A 135 18.44 20.41 -4.17
CA ARG A 135 17.56 19.26 -4.08
C ARG A 135 17.63 18.35 -5.32
N HIS A 136 18.22 18.85 -6.41
CA HIS A 136 18.42 18.05 -7.60
C HIS A 136 19.77 17.34 -7.70
N LEU A 137 20.52 17.32 -6.59
CA LEU A 137 21.77 16.58 -6.49
C LEU A 137 21.61 15.48 -5.47
N VAL A 138 22.12 14.30 -5.80
CA VAL A 138 22.12 13.17 -4.90
C VAL A 138 23.59 12.73 -4.74
N PRO A 139 24.10 12.60 -3.50
CA PRO A 139 25.48 12.13 -3.36
C PRO A 139 25.68 10.68 -3.80
N ILE A 140 26.79 10.41 -4.46
CA ILE A 140 27.14 9.05 -4.90
C ILE A 140 28.39 8.50 -4.23
N GLY A 141 29.05 9.30 -3.37
CA GLY A 141 30.28 8.88 -2.68
C GLY A 141 31.33 8.46 -3.70
N ASP A 142 31.95 7.31 -3.46
CA ASP A 142 33.01 6.80 -4.35
C ASP A 142 32.53 5.91 -5.50
N LEU A 143 31.23 5.90 -5.85
CA LEU A 143 30.78 5.17 -7.03
C LEU A 143 31.52 5.62 -8.28
N ASP A 144 31.97 4.66 -9.09
CA ASP A 144 32.59 4.97 -10.37
C ASP A 144 31.61 5.84 -11.19
N PRO A 145 32.03 7.07 -11.56
CA PRO A 145 31.10 7.93 -12.31
C PRO A 145 30.54 7.33 -13.60
N VAL A 146 31.36 6.57 -14.32
CA VAL A 146 30.94 6.00 -15.60
C VAL A 146 29.73 5.07 -15.42
N ALA A 147 29.78 4.23 -14.39
CA ALA A 147 28.67 3.34 -14.11
C ALA A 147 27.54 4.07 -13.39
N ALA A 148 27.82 5.21 -12.76
CA ALA A 148 26.81 6.00 -12.07
C ALA A 148 25.94 6.84 -13.00
N ALA A 149 26.51 7.39 -14.07
CA ALA A 149 25.74 8.29 -14.94
C ALA A 149 24.42 7.67 -15.41
N PRO A 150 24.44 6.41 -15.88
CA PRO A 150 23.18 5.77 -16.31
C PRO A 150 22.12 5.56 -15.24
N LEU A 151 22.51 5.55 -13.98
CA LEU A 151 21.55 5.42 -12.89
C LEU A 151 20.49 6.51 -12.94
N THR A 152 20.85 7.68 -13.45
CA THR A 152 19.96 8.82 -13.44
C THR A 152 18.81 8.74 -14.42
N ASP A 153 18.84 7.81 -15.36
CA ASP A 153 17.71 7.61 -16.24
C ASP A 153 17.53 6.14 -16.62
N ALA A 154 18.58 5.51 -17.13
CA ALA A 154 18.55 4.05 -17.36
C ALA A 154 18.25 3.27 -16.11
N GLY A 155 18.66 3.76 -14.93
CA GLY A 155 18.30 3.17 -13.66
C GLY A 155 16.98 3.69 -13.13
N LEU A 156 16.87 5.02 -13.04
CA LEU A 156 15.70 5.67 -12.45
C LEU A 156 14.37 5.27 -13.10
N THR A 157 14.33 5.28 -14.43
CA THR A 157 13.07 5.05 -15.13
C THR A 157 12.53 3.63 -14.91
N PRO A 158 13.34 2.59 -15.15
CA PRO A 158 12.87 1.23 -14.84
C PRO A 158 12.56 1.05 -13.36
N TYR A 159 13.37 1.69 -12.50
CA TYR A 159 13.13 1.56 -11.07
C TYR A 159 11.77 2.09 -10.69
N HIS A 160 11.41 3.26 -11.23
CA HIS A 160 10.11 3.84 -10.99
C HIS A 160 8.97 2.97 -11.54
N ALA A 161 9.14 2.49 -12.76
CA ALA A 161 8.14 1.67 -13.42
C ALA A 161 7.87 0.41 -12.61
N ILE A 162 8.95 -0.22 -12.14
CA ILE A 162 8.84 -1.43 -11.32
C ILE A 162 8.21 -1.10 -9.96
N SER A 163 8.63 0.01 -9.37
CA SER A 163 8.12 0.43 -8.06
C SER A 163 6.63 0.65 -8.02
N ARG A 164 6.05 1.10 -9.12
CA ARG A 164 4.61 1.36 -9.18
C ARG A 164 3.81 0.10 -8.90
N VAL A 165 4.35 -1.08 -9.24
CA VAL A 165 3.63 -2.34 -9.08
C VAL A 165 4.41 -3.38 -8.32
N LEU A 166 5.38 -2.95 -7.52
CA LEU A 166 6.22 -3.90 -6.79
C LEU A 166 5.41 -4.88 -5.93
N PRO A 167 4.31 -4.43 -5.27
CA PRO A 167 3.51 -5.38 -4.54
C PRO A 167 2.95 -6.55 -5.34
N LEU A 168 2.81 -6.43 -6.66
CA LEU A 168 2.38 -7.57 -7.49
C LEU A 168 3.46 -8.63 -7.68
N LEU A 169 4.73 -8.26 -7.49
CA LEU A 169 5.86 -9.06 -7.94
C LEU A 169 6.42 -9.91 -6.80
N GLY A 170 5.52 -10.70 -6.20
CA GLY A 170 5.87 -11.59 -5.12
C GLY A 170 6.47 -12.87 -5.64
N PRO A 171 6.85 -13.75 -4.71
CA PRO A 171 7.27 -15.10 -5.11
C PRO A 171 6.20 -15.78 -5.95
N GLY A 172 6.64 -16.41 -7.02
CA GLY A 172 5.75 -17.04 -7.98
C GLY A 172 5.36 -16.13 -9.12
N SER A 173 5.65 -14.83 -9.04
CA SER A 173 5.35 -13.91 -10.12
C SER A 173 6.40 -14.02 -11.24
N THR A 174 5.99 -13.55 -12.41
CA THR A 174 6.86 -13.45 -13.57
C THR A 174 6.82 -12.02 -14.08
N ALA A 175 7.99 -11.47 -14.37
CA ALA A 175 8.11 -10.17 -14.99
C ALA A 175 8.79 -10.34 -16.33
N VAL A 176 8.17 -9.80 -17.39
CA VAL A 176 8.76 -9.77 -18.72
C VAL A 176 9.39 -8.40 -18.93
N VAL A 177 10.62 -8.40 -19.45
CA VAL A 177 11.34 -7.18 -19.81
C VAL A 177 11.51 -7.26 -21.31
N ILE A 178 10.92 -6.31 -22.03
CA ILE A 178 11.05 -6.24 -23.47
C ILE A 178 12.01 -5.12 -23.83
N GLY A 179 13.11 -5.47 -24.49
CA GLY A 179 14.14 -4.52 -24.85
C GLY A 179 15.24 -4.51 -23.84
N VAL A 180 16.37 -5.12 -24.20
CA VAL A 180 17.52 -5.25 -23.28
C VAL A 180 18.63 -4.30 -23.74
N GLY A 181 18.33 -3.01 -23.69
CA GLY A 181 19.32 -1.99 -23.99
C GLY A 181 19.70 -1.25 -22.74
N GLY A 182 19.88 0.07 -22.86
CA GLY A 182 20.26 0.88 -21.73
C GLY A 182 19.33 0.71 -20.56
N LEU A 183 18.04 0.94 -20.75
CA LEU A 183 17.07 0.81 -19.67
C LEU A 183 16.86 -0.67 -19.31
N GLY A 184 16.64 -1.50 -20.32
CA GLY A 184 16.20 -2.86 -20.04
C GLY A 184 17.21 -3.71 -19.29
N HIS A 185 18.48 -3.55 -19.60
CA HIS A 185 19.50 -4.36 -18.94
C HIS A 185 19.63 -3.95 -17.47
N VAL A 186 19.28 -2.72 -17.14
CA VAL A 186 19.23 -2.29 -15.74
C VAL A 186 17.94 -2.75 -15.09
N GLY A 187 16.82 -2.66 -15.82
CA GLY A 187 15.51 -3.17 -15.35
C GLY A 187 15.53 -4.60 -14.87
N ILE A 188 16.19 -5.47 -15.62
CA ILE A 188 16.34 -6.87 -15.24
C ILE A 188 16.99 -6.97 -13.84
N GLN A 189 18.04 -6.19 -13.65
CA GLN A 189 18.80 -6.26 -12.42
C GLN A 189 18.03 -5.68 -11.23
N ILE A 190 17.25 -4.64 -11.48
CA ILE A 190 16.40 -4.08 -10.43
C ILE A 190 15.38 -5.14 -10.00
N LEU A 191 14.75 -5.78 -10.98
CA LEU A 191 13.77 -6.84 -10.66
C LEU A 191 14.36 -7.92 -9.79
N ARG A 192 15.58 -8.34 -10.10
CA ARG A 192 16.26 -9.37 -9.32
C ARG A 192 16.59 -8.88 -7.89
N ALA A 193 16.91 -7.61 -7.76
CA ALA A 193 17.31 -7.04 -6.48
C ALA A 193 16.15 -6.76 -5.53
N VAL A 194 15.02 -6.31 -6.06
CA VAL A 194 13.93 -5.81 -5.20
C VAL A 194 12.71 -6.72 -5.18
N SER A 195 12.75 -7.80 -5.95
CA SER A 195 11.64 -8.76 -5.99
C SER A 195 12.13 -10.17 -6.13
N ALA A 196 11.20 -11.11 -5.92
CA ALA A 196 11.45 -12.49 -6.18
C ALA A 196 10.85 -12.93 -7.53
N ALA A 197 10.50 -11.98 -8.40
CA ALA A 197 9.97 -12.33 -9.71
C ALA A 197 10.96 -13.14 -10.54
N ARG A 198 10.42 -14.11 -11.28
CA ARG A 198 11.15 -14.75 -12.35
C ARG A 198 11.19 -13.77 -13.51
N VAL A 199 12.36 -13.56 -14.12
CA VAL A 199 12.49 -12.53 -15.15
C VAL A 199 12.72 -13.17 -16.51
N ILE A 200 11.84 -12.85 -17.45
CA ILE A 200 11.96 -13.28 -18.85
C ILE A 200 12.29 -12.05 -19.68
N ALA A 201 13.44 -12.08 -20.35
CA ALA A 201 13.85 -10.99 -21.22
C ALA A 201 13.51 -11.30 -22.68
N VAL A 202 13.17 -10.25 -23.41
CA VAL A 202 12.76 -10.34 -24.80
C VAL A 202 13.54 -9.30 -25.62
N ASP A 203 14.16 -9.72 -26.71
CA ASP A 203 14.87 -8.78 -27.57
C ASP A 203 14.89 -9.33 -28.97
N LEU A 204 15.12 -8.46 -29.96
CA LEU A 204 15.30 -8.90 -31.33
C LEU A 204 16.65 -9.55 -31.58
N ASP A 205 17.63 -9.16 -30.79
CA ASP A 205 19.04 -9.43 -31.07
C ASP A 205 19.53 -10.52 -30.09
N ASP A 206 20.05 -11.61 -30.63
CA ASP A 206 20.59 -12.71 -29.81
C ASP A 206 21.70 -12.28 -28.84
N ASP A 207 22.53 -11.34 -29.26
CA ASP A 207 23.57 -10.81 -28.36
C ASP A 207 22.96 -10.05 -27.17
N ARG A 208 21.82 -9.40 -27.38
CA ARG A 208 21.12 -8.74 -26.27
C ARG A 208 20.46 -9.75 -25.37
N LEU A 209 19.98 -10.86 -25.93
CA LEU A 209 19.49 -11.96 -25.08
C LEU A 209 20.63 -12.53 -24.23
N ALA A 210 21.83 -12.63 -24.79
CA ALA A 210 23.00 -13.04 -24.02
C ALA A 210 23.28 -12.05 -22.89
N LEU A 211 23.21 -10.76 -23.20
CA LEU A 211 23.36 -9.70 -22.18
C LEU A 211 22.32 -9.87 -21.09
N ALA A 212 21.08 -10.16 -21.47
CA ALA A 212 20.02 -10.38 -20.48
C ALA A 212 20.37 -11.49 -19.50
N ARG A 213 20.86 -12.62 -20.03
CA ARG A 213 21.27 -13.74 -19.18
C ARG A 213 22.47 -13.36 -18.31
N GLU A 214 23.40 -12.60 -18.87
CA GLU A 214 24.58 -12.12 -18.11
C GLU A 214 24.18 -11.28 -16.90
N VAL A 215 23.11 -10.50 -17.01
CA VAL A 215 22.68 -9.63 -15.90
C VAL A 215 21.54 -10.22 -15.05
N GLY A 216 21.23 -11.49 -15.28
CA GLY A 216 20.38 -12.25 -14.36
C GLY A 216 19.01 -12.64 -14.83
N ALA A 217 18.68 -12.47 -16.11
CA ALA A 217 17.40 -12.95 -16.61
C ALA A 217 17.35 -14.49 -16.48
N ASP A 218 16.20 -14.99 -16.08
CA ASP A 218 15.98 -16.43 -15.94
C ASP A 218 15.78 -17.11 -17.28
N ALA A 219 15.21 -16.38 -18.24
CA ALA A 219 14.92 -16.90 -19.55
C ALA A 219 15.01 -15.76 -20.55
N ALA A 220 15.25 -16.11 -21.80
CA ALA A 220 15.40 -15.12 -22.84
C ALA A 220 14.63 -15.62 -24.04
N VAL A 221 13.86 -14.74 -24.62
CA VAL A 221 12.93 -15.08 -25.72
C VAL A 221 13.21 -14.08 -26.86
N LYS A 222 13.29 -14.60 -28.07
CA LYS A 222 13.36 -13.80 -29.25
C LYS A 222 12.06 -13.01 -29.46
N SER A 223 12.17 -11.70 -29.68
CA SER A 223 10.99 -10.86 -29.93
C SER A 223 10.42 -11.17 -31.30
N GLY A 224 9.17 -10.78 -31.52
CA GLY A 224 8.52 -10.99 -32.79
C GLY A 224 7.32 -11.89 -32.63
N ALA A 225 6.89 -12.48 -33.74
CA ALA A 225 5.61 -13.18 -33.82
C ALA A 225 5.49 -14.36 -32.87
N GLY A 226 6.60 -15.02 -32.57
CA GLY A 226 6.60 -16.18 -31.66
C GLY A 226 6.72 -15.86 -30.17
N ALA A 227 6.96 -14.60 -29.84
CA ALA A 227 7.32 -14.24 -28.46
C ALA A 227 6.20 -14.50 -27.47
N ALA A 228 4.98 -14.12 -27.86
CA ALA A 228 3.85 -14.27 -26.94
C ALA A 228 3.65 -15.74 -26.56
N ASP A 229 3.67 -16.61 -27.57
CA ASP A 229 3.48 -18.04 -27.32
C ASP A 229 4.62 -18.63 -26.49
N ALA A 230 5.85 -18.19 -26.77
CA ALA A 230 7.02 -18.67 -26.02
C ALA A 230 6.94 -18.23 -24.55
N ILE A 231 6.53 -17.00 -24.31
CA ILE A 231 6.37 -16.50 -22.94
C ILE A 231 5.26 -17.26 -22.21
N ARG A 232 4.13 -17.46 -22.89
CA ARG A 232 3.05 -18.27 -22.30
C ARG A 232 3.46 -19.71 -21.97
N GLU A 233 4.32 -20.30 -22.78
CA GLU A 233 4.84 -21.64 -22.50
C GLU A 233 5.70 -21.62 -21.21
N LEU A 234 6.47 -20.56 -21.03
CA LEU A 234 7.29 -20.41 -19.83
C LEU A 234 6.46 -20.14 -18.56
N THR A 235 5.34 -19.43 -18.69
CA THR A 235 4.48 -19.08 -17.54
C THR A 235 3.36 -20.10 -17.28
N GLY A 236 3.39 -21.24 -17.94
CA GLY A 236 2.41 -22.32 -17.74
C GLY A 236 0.99 -22.03 -18.20
N GLY A 237 0.83 -21.06 -19.09
CA GLY A 237 -0.51 -20.69 -19.60
C GLY A 237 -1.17 -19.53 -18.89
N GLN A 238 -0.64 -19.11 -17.73
CA GLN A 238 -1.26 -18.08 -16.90
C GLN A 238 -0.87 -16.67 -17.33
N GLY A 239 0.24 -16.58 -18.04
CA GLY A 239 0.73 -15.30 -18.47
C GLY A 239 1.61 -14.66 -17.42
N ALA A 240 2.14 -13.50 -17.76
CA ALA A 240 3.12 -12.83 -16.97
C ALA A 240 2.44 -11.83 -16.06
N THR A 241 2.85 -11.84 -14.80
CA THR A 241 2.31 -10.90 -13.85
C THR A 241 2.52 -9.45 -14.28
N ALA A 242 3.71 -9.13 -14.76
CA ALA A 242 3.97 -7.78 -15.24
C ALA A 242 4.86 -7.81 -16.49
N VAL A 243 4.59 -6.88 -17.39
CA VAL A 243 5.38 -6.72 -18.57
C VAL A 243 5.91 -5.29 -18.56
N PHE A 244 7.23 -5.14 -18.61
CA PHE A 244 7.88 -3.84 -18.67
C PHE A 244 8.42 -3.72 -20.08
N ASP A 245 7.74 -2.92 -20.89
CA ASP A 245 8.06 -2.80 -22.29
C ASP A 245 8.93 -1.55 -22.50
N PHE A 246 10.23 -1.77 -22.64
CA PHE A 246 11.19 -0.68 -22.87
C PHE A 246 11.39 -0.36 -24.33
N VAL A 247 10.60 -0.96 -25.21
CA VAL A 247 10.64 -0.67 -26.64
C VAL A 247 9.42 0.21 -26.94
N GLY A 248 8.23 -0.31 -26.62
CA GLY A 248 7.01 0.44 -26.79
C GLY A 248 6.55 0.57 -28.22
N ALA A 249 6.99 -0.32 -29.09
CA ALA A 249 6.50 -0.37 -30.47
C ALA A 249 5.14 -1.03 -30.42
N GLN A 250 4.32 -0.82 -31.46
CA GLN A 250 3.00 -1.50 -31.47
C GLN A 250 3.15 -3.01 -31.33
N SER A 251 4.15 -3.60 -32.00
CA SER A 251 4.30 -5.07 -31.96
C SER A 251 4.65 -5.57 -30.53
N THR A 252 5.47 -4.83 -29.80
CA THR A 252 5.85 -5.22 -28.43
C THR A 252 4.71 -4.99 -27.44
N ILE A 253 3.96 -3.91 -27.63
CA ILE A 253 2.76 -3.67 -26.82
C ILE A 253 1.74 -4.78 -27.08
N ASP A 254 1.60 -5.20 -28.33
CA ASP A 254 0.70 -6.31 -28.66
C ASP A 254 1.16 -7.59 -27.99
N THR A 255 2.46 -7.87 -28.04
CA THR A 255 3.02 -9.01 -27.31
C THR A 255 2.65 -8.91 -25.81
N ALA A 256 2.85 -7.74 -25.25
CA ALA A 256 2.56 -7.48 -23.83
C ALA A 256 1.10 -7.79 -23.50
N GLN A 257 0.17 -7.32 -24.33
CA GLN A 257 -1.25 -7.61 -24.09
C GLN A 257 -1.61 -9.07 -24.23
N GLN A 258 -0.91 -9.78 -25.09
CA GLN A 258 -1.15 -11.19 -25.33
C GLN A 258 -0.57 -12.10 -24.25
N VAL A 259 0.34 -11.57 -23.43
CA VAL A 259 0.96 -12.37 -22.36
C VAL A 259 0.62 -11.95 -20.93
N VAL A 260 0.11 -10.74 -20.72
CA VAL A 260 -0.11 -10.26 -19.36
C VAL A 260 -1.20 -11.14 -18.69
N ALA A 261 -1.01 -11.36 -17.40
CA ALA A 261 -1.95 -12.12 -16.60
C ALA A 261 -3.16 -11.29 -16.23
N VAL A 262 -4.23 -12.00 -15.90
CA VAL A 262 -5.36 -11.42 -15.18
C VAL A 262 -4.83 -10.73 -13.92
N ASP A 263 -5.30 -9.52 -13.66
CA ASP A 263 -4.87 -8.71 -12.51
C ASP A 263 -3.38 -8.38 -12.53
N GLY A 264 -2.79 -8.34 -13.72
CA GLY A 264 -1.38 -8.05 -13.90
C GLY A 264 -1.19 -6.60 -14.32
N HIS A 265 -0.09 -6.32 -14.99
CA HIS A 265 0.31 -4.95 -15.29
C HIS A 265 1.16 -4.90 -16.55
N ILE A 266 0.92 -3.89 -17.37
CA ILE A 266 1.81 -3.56 -18.48
C ILE A 266 2.28 -2.13 -18.28
N SER A 267 3.59 -1.96 -18.27
CA SER A 267 4.22 -0.66 -18.17
C SER A 267 4.85 -0.36 -19.53
N VAL A 268 4.30 0.62 -20.23
CA VAL A 268 4.79 1.02 -21.54
C VAL A 268 5.78 2.13 -21.31
N VAL A 269 7.05 1.77 -21.31
CA VAL A 269 8.13 2.70 -20.95
C VAL A 269 8.81 3.26 -22.18
N GLY A 270 9.08 2.38 -23.14
CA GLY A 270 9.66 2.81 -24.40
C GLY A 270 8.70 3.67 -25.20
N ILE A 271 9.27 4.58 -25.98
CA ILE A 271 8.52 5.59 -26.72
C ILE A 271 8.66 5.30 -28.23
N HIS A 272 7.52 5.04 -28.87
CA HIS A 272 7.45 4.84 -30.31
C HIS A 272 6.15 5.56 -30.70
N ALA A 273 6.28 6.68 -31.43
CA ALA A 273 5.14 7.55 -31.74
C ALA A 273 3.96 6.80 -32.37
N GLY A 274 2.76 7.01 -31.84
CA GLY A 274 1.55 6.36 -32.36
C GLY A 274 1.24 5.04 -31.67
N ALA A 275 2.23 4.39 -31.07
CA ALA A 275 2.02 3.07 -30.49
C ALA A 275 1.21 3.23 -29.21
N HIS A 276 0.31 2.29 -28.97
CA HIS A 276 -0.48 2.36 -27.75
C HIS A 276 -1.08 1.01 -27.41
N ALA A 277 -1.27 0.79 -26.11
CA ALA A 277 -2.05 -0.33 -25.66
C ALA A 277 -3.54 -0.04 -25.87
N LYS A 278 -4.30 -1.10 -26.12
CA LYS A 278 -5.74 -1.00 -26.31
C LYS A 278 -6.40 -1.61 -25.11
N VAL A 279 -6.83 -0.76 -24.19
CA VAL A 279 -7.33 -1.23 -22.91
C VAL A 279 -8.84 -1.17 -22.92
N GLY A 280 -9.45 -2.33 -23.11
CA GLY A 280 -10.89 -2.45 -23.18
C GLY A 280 -11.27 -3.90 -23.00
N PHE A 281 -12.53 -4.12 -22.69
CA PHE A 281 -13.01 -5.49 -22.48
C PHE A 281 -12.78 -6.34 -23.71
N PHE A 282 -12.37 -7.59 -23.48
CA PHE A 282 -12.05 -8.56 -24.55
C PHE A 282 -10.74 -8.29 -25.28
N MET A 283 -10.05 -7.19 -24.99
CA MET A 283 -8.78 -6.83 -25.63
C MET A 283 -7.61 -6.94 -24.68
N ILE A 284 -7.91 -7.10 -23.40
CA ILE A 284 -6.92 -7.20 -22.35
C ILE A 284 -7.56 -7.98 -21.21
N PRO A 285 -6.75 -8.71 -20.42
CA PRO A 285 -7.39 -9.44 -19.32
C PRO A 285 -8.03 -8.54 -18.27
N PHE A 286 -9.04 -9.07 -17.60
CA PHE A 286 -9.62 -8.40 -16.45
C PHE A 286 -8.56 -8.00 -15.45
N GLY A 287 -8.65 -6.77 -14.93
CA GLY A 287 -7.78 -6.31 -13.88
C GLY A 287 -6.34 -6.01 -14.27
N ALA A 288 -5.96 -6.16 -15.54
CA ALA A 288 -4.61 -5.89 -15.97
C ALA A 288 -4.48 -4.41 -16.30
N SER A 289 -3.78 -3.69 -15.45
CA SER A 289 -3.63 -2.26 -15.62
C SER A 289 -2.48 -1.93 -16.57
N VAL A 290 -2.60 -0.76 -17.21
CA VAL A 290 -1.61 -0.31 -18.14
C VAL A 290 -1.31 1.15 -17.88
N VAL A 291 -0.02 1.51 -17.96
CA VAL A 291 0.41 2.88 -17.72
C VAL A 291 1.63 3.19 -18.57
N THR A 292 1.83 4.48 -18.87
CA THR A 292 3.08 5.01 -19.41
C THR A 292 3.75 5.82 -18.31
N PRO A 293 4.70 5.22 -17.60
CA PRO A 293 5.37 5.96 -16.53
C PRO A 293 6.41 6.91 -17.12
N PHE A 294 6.84 7.86 -16.31
CA PHE A 294 7.80 8.86 -16.75
C PHE A 294 8.85 9.10 -15.68
N ALA A 295 10.10 8.85 -16.05
CA ALA A 295 11.25 9.14 -15.21
C ALA A 295 11.07 8.49 -13.84
N GLY A 296 11.37 9.20 -12.75
CA GLY A 296 11.15 8.68 -11.43
C GLY A 296 11.25 9.79 -10.41
N THR A 297 11.09 9.40 -9.15
CA THR A 297 11.06 10.34 -8.06
C THR A 297 12.43 10.57 -7.43
N ARG A 298 12.52 11.60 -6.62
CA ARG A 298 13.76 11.92 -5.91
C ARG A 298 14.24 10.75 -5.04
N SER A 299 13.32 10.19 -4.27
CA SER A 299 13.69 9.12 -3.35
C SER A 299 14.02 7.86 -4.13
N GLU A 300 13.38 7.66 -5.27
CA GLU A 300 13.73 6.55 -6.15
C GLU A 300 15.15 6.66 -6.69
N LEU A 301 15.59 7.86 -7.06
CA LEU A 301 16.97 8.00 -7.49
C LEU A 301 17.94 7.63 -6.36
N MET A 302 17.63 8.03 -5.14
CA MET A 302 18.45 7.68 -4.01
C MET A 302 18.52 6.15 -3.83
N GLU A 303 17.39 5.49 -4.03
CA GLU A 303 17.32 4.04 -3.92
C GLU A 303 18.12 3.36 -5.02
N VAL A 304 18.07 3.90 -6.23
CA VAL A 304 18.88 3.36 -7.33
C VAL A 304 20.38 3.47 -7.00
N VAL A 305 20.78 4.63 -6.50
CA VAL A 305 22.14 4.81 -6.06
C VAL A 305 22.52 3.82 -4.94
N ALA A 306 21.61 3.61 -4.01
CA ALA A 306 21.84 2.62 -2.94
C ALA A 306 22.01 1.20 -3.49
N LEU A 307 21.25 0.82 -4.51
CA LEU A 307 21.44 -0.48 -5.17
C LEU A 307 22.83 -0.58 -5.77
N ALA A 308 23.24 0.47 -6.47
CA ALA A 308 24.56 0.52 -7.10
C ALA A 308 25.68 0.40 -6.06
N ARG A 309 25.55 1.15 -4.97
CA ARG A 309 26.53 1.11 -3.90
C ARG A 309 26.62 -0.24 -3.19
N ALA A 310 25.51 -0.97 -3.15
CA ALA A 310 25.45 -2.31 -2.55
C ALA A 310 25.94 -3.41 -3.51
N GLY A 311 26.29 -3.06 -4.75
CA GLY A 311 26.82 -4.03 -5.70
C GLY A 311 25.73 -4.81 -6.44
N ARG A 312 24.50 -4.31 -6.45
CA ARG A 312 23.39 -5.01 -7.07
C ARG A 312 23.18 -4.67 -8.54
N LEU A 313 23.87 -3.65 -9.04
CA LEU A 313 23.70 -3.22 -10.42
C LEU A 313 25.04 -3.23 -11.16
N ASP A 314 25.14 -4.11 -12.16
CA ASP A 314 26.31 -4.16 -13.05
C ASP A 314 25.88 -3.40 -14.30
N ILE A 315 26.31 -2.15 -14.40
CA ILE A 315 25.91 -1.31 -15.51
C ILE A 315 26.92 -1.54 -16.63
N HIS A 316 26.44 -2.04 -17.76
CA HIS A 316 27.29 -2.26 -18.93
C HIS A 316 27.38 -0.97 -19.71
N THR A 317 28.61 -0.48 -19.87
CA THR A 317 28.85 0.78 -20.53
C THR A 317 29.95 0.68 -21.59
N GLU A 318 29.93 1.65 -22.48
CA GLU A 318 31.06 1.95 -23.33
C GLU A 318 31.36 3.44 -23.17
N THR A 319 32.64 3.75 -23.05
CA THR A 319 33.09 5.10 -22.75
C THR A 319 33.53 5.80 -24.02
N PHE A 320 33.18 7.08 -24.13
CA PHE A 320 33.54 7.95 -25.24
C PHE A 320 34.10 9.26 -24.69
N THR A 321 34.96 9.92 -25.46
CA THR A 321 35.38 11.29 -25.15
C THR A 321 34.29 12.25 -25.63
N LEU A 322 34.39 13.53 -25.24
CA LEU A 322 33.51 14.58 -25.78
C LEU A 322 33.62 14.68 -27.30
N ASP A 323 34.85 14.63 -27.80
CA ASP A 323 35.11 14.63 -29.25
C ASP A 323 34.40 13.50 -29.99
N GLU A 324 34.26 12.36 -29.33
CA GLU A 324 33.55 11.17 -29.87
C GLU A 324 32.05 11.21 -29.63
N GLY A 325 31.51 12.27 -29.02
CA GLY A 325 30.10 12.35 -28.70
C GLY A 325 29.20 12.14 -29.91
N PRO A 326 29.46 12.87 -31.00
CA PRO A 326 28.65 12.63 -32.22
C PRO A 326 28.75 11.20 -32.73
N ALA A 327 29.96 10.62 -32.75
CA ALA A 327 30.14 9.23 -33.12
C ALA A 327 29.34 8.27 -32.22
N ALA A 328 29.33 8.56 -30.92
CA ALA A 328 28.58 7.77 -29.97
C ALA A 328 27.07 7.79 -30.26
N TYR A 329 26.57 8.98 -30.63
CA TYR A 329 25.16 9.09 -31.03
C TYR A 329 24.84 8.29 -32.31
N ARG A 330 25.77 8.25 -33.26
CA ARG A 330 25.62 7.38 -34.43
C ARG A 330 25.57 5.88 -34.03
N ARG A 331 26.43 5.51 -33.08
CA ARG A 331 26.44 4.14 -32.54
C ARG A 331 25.11 3.79 -31.87
N LEU A 332 24.58 4.74 -31.08
CA LEU A 332 23.31 4.55 -30.42
C LEU A 332 22.20 4.36 -31.46
N ARG A 333 22.17 5.22 -32.47
CA ARG A 333 21.22 5.06 -33.60
C ARG A 333 21.22 3.69 -34.24
N GLU A 334 22.41 3.18 -34.56
CA GLU A 334 22.54 1.89 -35.24
C GLU A 334 22.37 0.69 -34.29
N GLY A 335 22.34 0.91 -32.98
CA GLY A 335 22.13 -0.15 -32.01
C GLY A 335 23.37 -0.97 -31.69
N SER A 336 24.54 -0.33 -31.72
CA SER A 336 25.79 -1.05 -31.55
C SER A 336 26.48 -0.75 -30.21
N ILE A 337 25.77 -0.14 -29.26
CA ILE A 337 26.30 0.05 -27.90
C ILE A 337 25.67 -1.02 -27.02
N ARG A 338 26.54 -1.87 -26.45
CA ARG A 338 26.04 -3.00 -25.68
C ARG A 338 25.80 -2.54 -24.23
N GLY A 339 24.63 -1.97 -24.00
CA GLY A 339 24.33 -1.32 -22.74
C GLY A 339 24.19 0.18 -22.95
N ARG A 340 24.89 0.96 -22.15
CA ARG A 340 24.78 2.42 -22.16
C ARG A 340 26.06 3.09 -22.62
N GLY A 341 25.93 4.03 -23.55
CA GLY A 341 27.05 4.88 -23.94
C GLY A 341 27.22 5.96 -22.87
N VAL A 342 28.47 6.24 -22.52
CA VAL A 342 28.80 7.25 -21.51
C VAL A 342 29.97 8.08 -21.99
N VAL A 343 29.76 9.39 -22.05
CA VAL A 343 30.81 10.33 -22.39
C VAL A 343 31.52 10.74 -21.11
N VAL A 344 32.84 10.70 -21.13
CA VAL A 344 33.66 11.12 -19.99
C VAL A 344 34.46 12.34 -20.46
N PRO A 345 34.08 13.53 -19.99
CA PRO A 345 34.83 14.74 -20.37
C PRO A 345 36.26 14.77 -19.85
N THR A 346 37.19 15.22 -20.69
CA THR A 346 38.62 15.33 -20.36
C THR A 346 39.10 14.13 -19.52
N MET B 1 -1.65 -46.79 14.21
CA MET B 1 -0.47 -46.04 13.69
C MET B 1 0.39 -45.50 14.84
N LYS B 2 1.63 -45.20 14.51
CA LYS B 2 2.56 -44.61 15.45
C LYS B 2 2.37 -43.10 15.46
N ALA B 3 2.43 -42.52 16.66
CA ALA B 3 2.36 -41.07 16.84
C ALA B 3 3.17 -40.66 18.04
N VAL B 4 3.53 -39.38 18.08
CA VAL B 4 4.19 -38.78 19.24
C VAL B 4 3.18 -37.87 19.90
N GLN B 5 2.88 -38.15 21.17
CA GLN B 5 1.87 -37.41 21.88
C GLN B 5 2.39 -36.83 23.19
N TYR B 6 1.89 -35.65 23.51
CA TYR B 6 1.97 -35.10 24.86
C TYR B 6 0.80 -35.69 25.63
N THR B 7 1.10 -36.45 26.68
CA THR B 7 0.08 -37.26 27.39
C THR B 7 -0.15 -36.89 28.86
N GLU B 8 0.82 -36.24 29.47
CA GLU B 8 0.79 -35.92 30.90
C GLU B 8 1.48 -34.57 31.10
N ILE B 9 0.82 -33.67 31.83
CA ILE B 9 1.36 -32.34 32.09
C ILE B 9 2.73 -32.46 32.76
N GLY B 10 3.73 -31.73 32.25
CA GLY B 10 5.08 -31.75 32.82
C GLY B 10 5.98 -32.91 32.40
N SER B 11 5.45 -33.85 31.61
CA SER B 11 6.20 -35.03 31.18
C SER B 11 6.65 -34.86 29.74
N GLU B 12 7.67 -35.62 29.38
CA GLU B 12 8.13 -35.67 28.00
C GLU B 12 7.06 -36.31 27.12
N PRO B 13 7.01 -35.90 25.84
CA PRO B 13 6.09 -36.60 24.94
C PRO B 13 6.54 -38.05 24.74
N VAL B 14 5.58 -38.87 24.36
CA VAL B 14 5.79 -40.32 24.24
C VAL B 14 5.35 -40.83 22.89
N VAL B 15 6.01 -41.90 22.43
CA VAL B 15 5.60 -42.60 21.22
C VAL B 15 4.46 -43.54 21.62
N VAL B 16 3.35 -43.47 20.88
CA VAL B 16 2.16 -44.23 21.18
C VAL B 16 1.69 -44.98 19.93
N ASP B 17 0.78 -45.93 20.13
CA ASP B 17 0.07 -46.58 19.04
C ASP B 17 -1.40 -46.18 19.20
N ILE B 18 -1.94 -45.49 18.20
CA ILE B 18 -3.33 -45.03 18.23
C ILE B 18 -3.98 -45.34 16.89
N PRO B 19 -5.33 -45.37 16.83
CA PRO B 19 -5.97 -45.71 15.56
C PRO B 19 -5.63 -44.75 14.41
N THR B 20 -5.41 -45.30 13.22
CA THR B 20 -5.30 -44.50 12.02
C THR B 20 -6.68 -43.86 11.82
N PRO B 21 -6.73 -42.51 11.71
CA PRO B 21 -8.03 -41.87 11.56
C PRO B 21 -8.64 -42.07 10.18
N THR B 22 -9.93 -41.86 10.10
CA THR B 22 -10.70 -41.99 8.86
C THR B 22 -11.30 -40.61 8.57
N PRO B 23 -11.17 -40.11 7.33
CA PRO B 23 -11.71 -38.79 7.05
C PRO B 23 -13.23 -38.77 6.94
N GLY B 24 -13.87 -37.89 7.71
CA GLY B 24 -15.30 -37.57 7.55
C GLY B 24 -15.54 -36.69 6.34
N PRO B 25 -16.81 -36.29 6.10
CA PRO B 25 -17.12 -35.40 4.95
C PRO B 25 -16.29 -34.10 4.98
N GLY B 26 -15.75 -33.71 3.83
CA GLY B 26 -14.92 -32.52 3.72
C GLY B 26 -13.46 -32.67 4.16
N GLU B 27 -13.14 -33.74 4.89
CA GLU B 27 -11.80 -33.92 5.44
C GLU B 27 -10.90 -34.69 4.47
N ILE B 28 -9.60 -34.57 4.68
CA ILE B 28 -8.60 -35.27 3.91
C ILE B 28 -7.67 -35.98 4.89
N LEU B 29 -7.37 -37.24 4.57
CA LEU B 29 -6.37 -37.99 5.32
C LEU B 29 -5.07 -37.88 4.56
N LEU B 30 -4.03 -37.41 5.23
CA LEU B 30 -2.68 -37.39 4.67
C LEU B 30 -1.82 -38.48 5.26
N LYS B 31 -1.03 -39.11 4.41
CA LYS B 31 0.12 -39.86 4.86
C LYS B 31 1.24 -38.85 5.06
N VAL B 32 1.69 -38.72 6.30
CA VAL B 32 2.67 -37.68 6.63
C VAL B 32 4.03 -38.10 6.10
N THR B 33 4.67 -37.18 5.39
CA THR B 33 6.01 -37.41 4.87
C THR B 33 7.06 -36.64 5.67
N ALA B 34 6.67 -35.59 6.38
CA ALA B 34 7.59 -34.83 7.22
C ALA B 34 6.83 -33.98 8.21
N ALA B 35 7.33 -33.90 9.43
CA ALA B 35 6.68 -33.17 10.50
C ALA B 35 7.75 -32.35 11.22
N GLY B 36 7.64 -31.03 11.18
CA GLY B 36 8.63 -30.13 11.77
C GLY B 36 8.43 -29.96 13.27
N LEU B 37 9.54 -29.83 13.99
CA LEU B 37 9.52 -29.48 15.42
C LEU B 37 9.73 -27.99 15.55
N CYS B 38 8.84 -27.32 16.26
CA CYS B 38 8.92 -25.88 16.48
C CYS B 38 9.13 -25.64 17.96
N TYR B 39 9.91 -24.63 18.31
CA TYR B 39 10.14 -24.32 19.71
C TYR B 39 8.84 -23.97 20.44
N SER B 40 7.80 -23.54 19.70
CA SER B 40 6.51 -23.33 20.34
C SER B 40 5.97 -24.60 21.04
N ASP B 41 6.32 -25.76 20.52
CA ASP B 41 5.96 -27.03 21.18
C ASP B 41 6.56 -27.13 22.58
N ILE B 42 7.78 -26.60 22.75
CA ILE B 42 8.41 -26.51 24.07
C ILE B 42 7.60 -25.59 24.98
N HIS B 43 7.21 -24.41 24.48
CA HIS B 43 6.34 -23.51 25.29
C HIS B 43 5.08 -24.23 25.72
N VAL B 44 4.47 -24.96 24.79
CA VAL B 44 3.20 -25.67 25.07
C VAL B 44 3.40 -26.70 26.19
N MET B 45 4.44 -27.51 26.05
CA MET B 45 4.71 -28.57 27.04
C MET B 45 5.22 -28.04 28.38
N ASP B 46 5.66 -26.79 28.43
CA ASP B 46 6.06 -26.15 29.68
C ASP B 46 4.95 -25.41 30.39
N MET B 47 3.78 -25.30 29.78
CA MET B 47 2.63 -24.66 30.43
C MET B 47 2.23 -25.47 31.65
N PRO B 48 1.96 -24.79 32.78
CA PRO B 48 1.34 -25.51 33.91
C PRO B 48 -0.07 -25.98 33.58
N ALA B 49 -0.59 -26.92 34.38
CA ALA B 49 -1.92 -27.51 34.16
C ALA B 49 -3.02 -26.44 34.03
N ALA B 50 -2.93 -25.39 34.83
CA ALA B 50 -3.93 -24.31 34.84
C ALA B 50 -4.02 -23.51 33.52
N GLN B 51 -2.90 -23.41 32.80
CA GLN B 51 -2.83 -22.68 31.55
C GLN B 51 -3.07 -23.60 30.33
N TYR B 52 -2.56 -24.84 30.38
CA TYR B 52 -2.65 -25.76 29.26
C TYR B 52 -4.10 -26.03 28.90
N ALA B 53 -4.48 -25.77 27.64
CA ALA B 53 -5.88 -25.87 27.20
C ALA B 53 -6.09 -26.69 25.92
N PHE B 54 -5.07 -27.40 25.45
CA PHE B 54 -5.16 -28.14 24.20
C PHE B 54 -5.63 -29.58 24.31
N GLY B 55 -5.93 -30.03 25.54
CA GLY B 55 -6.42 -31.40 25.76
C GLY B 55 -5.31 -32.42 25.77
N LEU B 56 -5.55 -33.52 26.48
CA LEU B 56 -4.62 -34.64 26.54
C LEU B 56 -5.37 -35.92 26.18
N PRO B 57 -4.77 -36.82 25.39
CA PRO B 57 -3.47 -36.61 24.75
C PRO B 57 -3.55 -35.64 23.58
N LEU B 58 -2.39 -35.16 23.15
CA LEU B 58 -2.28 -34.28 21.99
C LEU B 58 -1.17 -34.81 21.12
N THR B 59 -1.50 -35.20 19.90
CA THR B 59 -0.49 -35.52 18.90
C THR B 59 0.16 -34.22 18.49
N LEU B 60 1.45 -34.12 18.74
CA LEU B 60 2.20 -32.93 18.44
C LEU B 60 2.42 -32.74 16.93
N GLY B 61 2.83 -31.53 16.57
CA GLY B 61 3.31 -31.23 15.23
C GLY B 61 2.38 -30.34 14.49
N HIS B 62 2.76 -29.07 14.35
CA HIS B 62 1.95 -28.13 13.57
C HIS B 62 2.66 -27.66 12.29
N GLU B 63 3.74 -28.35 11.95
CA GLU B 63 4.44 -28.17 10.69
C GLU B 63 4.34 -29.47 9.92
N GLY B 64 3.37 -29.61 9.04
CA GLY B 64 3.10 -30.87 8.40
C GLY B 64 3.10 -30.83 6.89
N VAL B 65 3.71 -31.83 6.29
CA VAL B 65 3.64 -32.09 4.85
C VAL B 65 3.30 -33.58 4.68
N GLY B 66 2.56 -33.89 3.63
CA GLY B 66 2.22 -35.28 3.36
C GLY B 66 1.74 -35.50 1.95
N THR B 67 1.23 -36.69 1.71
CA THR B 67 0.59 -37.00 0.46
C THR B 67 -0.85 -37.35 0.78
N VAL B 68 -1.75 -36.97 -0.11
CA VAL B 68 -3.17 -37.24 0.07
C VAL B 68 -3.36 -38.77 0.01
N ALA B 69 -3.89 -39.34 1.07
CA ALA B 69 -4.09 -40.79 1.18
C ALA B 69 -5.53 -41.16 0.93
N GLU B 70 -6.46 -40.42 1.53
CA GLU B 70 -7.87 -40.67 1.39
C GLU B 70 -8.63 -39.35 1.39
N LEU B 71 -9.58 -39.25 0.48
CA LEU B 71 -10.48 -38.10 0.40
C LEU B 71 -11.76 -38.43 1.13
N GLY B 72 -12.16 -37.56 2.06
CA GLY B 72 -13.47 -37.64 2.65
C GLY B 72 -14.55 -37.37 1.61
N GLU B 73 -15.78 -37.75 1.94
CA GLU B 73 -16.95 -37.50 1.10
C GLU B 73 -17.03 -36.03 0.68
N GLY B 74 -17.19 -35.81 -0.64
CA GLY B 74 -17.39 -34.48 -1.20
C GLY B 74 -16.13 -33.69 -1.53
N VAL B 75 -14.95 -34.17 -1.12
CA VAL B 75 -13.71 -33.44 -1.36
C VAL B 75 -13.28 -33.58 -2.82
N THR B 76 -13.10 -32.44 -3.48
CA THR B 76 -12.43 -32.36 -4.77
C THR B 76 -11.32 -31.30 -4.68
N GLY B 77 -10.57 -31.17 -5.77
CA GLY B 77 -9.44 -30.25 -5.83
C GLY B 77 -8.12 -30.94 -5.54
N PHE B 78 -8.17 -32.17 -4.99
CA PHE B 78 -6.98 -32.97 -4.77
C PHE B 78 -7.24 -34.43 -5.14
N GLY B 79 -6.20 -35.07 -5.68
CA GLY B 79 -6.22 -36.50 -5.98
C GLY B 79 -5.34 -37.24 -4.99
N VAL B 80 -5.61 -38.53 -4.85
CA VAL B 80 -4.77 -39.39 -4.01
C VAL B 80 -3.34 -39.34 -4.56
N GLY B 81 -2.37 -39.24 -3.66
CA GLY B 81 -0.97 -39.10 -4.05
C GLY B 81 -0.43 -37.67 -4.13
N ASP B 82 -1.30 -36.66 -4.18
CA ASP B 82 -0.83 -35.27 -4.31
C ASP B 82 -0.01 -34.87 -3.07
N ALA B 83 1.17 -34.29 -3.29
CA ALA B 83 2.02 -33.79 -2.22
C ALA B 83 1.55 -32.41 -1.79
N VAL B 84 1.31 -32.26 -0.49
CA VAL B 84 0.73 -31.07 0.07
C VAL B 84 1.34 -30.67 1.40
N ALA B 85 1.35 -29.37 1.64
CA ALA B 85 1.72 -28.78 2.91
C ALA B 85 0.44 -28.36 3.60
N VAL B 86 0.45 -28.45 4.92
CA VAL B 86 -0.72 -28.11 5.70
C VAL B 86 -0.61 -26.66 6.18
N TYR B 87 -1.60 -25.86 5.81
CA TYR B 87 -1.74 -24.52 6.38
C TYR B 87 -2.21 -24.68 7.82
N GLY B 88 -1.40 -24.21 8.74
CA GLY B 88 -1.56 -24.47 10.17
C GLY B 88 -2.63 -23.73 10.95
N PRO B 89 -2.70 -22.38 10.83
CA PRO B 89 -3.58 -21.62 11.74
C PRO B 89 -5.03 -21.54 11.26
N TRP B 90 -5.75 -22.64 11.46
CA TRP B 90 -7.09 -22.79 10.91
C TRP B 90 -8.03 -21.74 11.46
N GLY B 91 -8.75 -21.09 10.56
CA GLY B 91 -9.81 -20.17 10.95
C GLY B 91 -11.18 -20.64 10.52
N CYS B 92 -12.18 -19.80 10.74
CA CYS B 92 -13.56 -20.12 10.43
C CYS B 92 -13.86 -20.17 8.94
N GLY B 93 -13.07 -19.49 8.14
CA GLY B 93 -13.24 -19.48 6.67
C GLY B 93 -14.23 -18.44 6.15
N ALA B 94 -14.99 -17.80 7.06
CA ALA B 94 -16.17 -17.01 6.70
C ALA B 94 -16.11 -15.52 7.05
N CYS B 95 -15.31 -15.16 8.06
CA CYS B 95 -15.24 -13.78 8.55
C CYS B 95 -14.42 -12.93 7.59
N HIS B 96 -14.41 -11.64 7.84
CA HIS B 96 -13.68 -10.71 6.98
C HIS B 96 -12.19 -11.00 6.84
N ALA B 97 -11.53 -11.34 7.96
CA ALA B 97 -10.13 -11.77 7.91
C ALA B 97 -9.97 -13.06 7.09
N CYS B 98 -10.80 -14.07 7.38
CA CYS B 98 -10.70 -15.33 6.66
C CYS B 98 -11.00 -15.18 5.16
N ALA B 99 -11.92 -14.27 4.82
CA ALA B 99 -12.28 -14.02 3.44
C ALA B 99 -11.07 -13.49 2.65
N ARG B 100 -10.12 -12.85 3.32
CA ARG B 100 -8.87 -12.43 2.71
C ARG B 100 -7.73 -13.46 2.86
N GLY B 101 -8.04 -14.66 3.34
CA GLY B 101 -7.04 -15.67 3.59
C GLY B 101 -6.28 -15.52 4.89
N ARG B 102 -6.67 -14.53 5.70
CA ARG B 102 -5.91 -14.16 6.90
C ARG B 102 -6.46 -14.94 8.08
N GLU B 103 -6.47 -16.25 7.96
CA GLU B 103 -7.08 -17.10 8.96
C GLU B 103 -6.31 -17.09 10.27
N ASN B 104 -5.03 -16.72 10.17
CA ASN B 104 -4.20 -16.44 11.32
C ASN B 104 -4.75 -15.37 12.25
N TYR B 105 -5.54 -14.45 11.71
CA TYR B 105 -6.17 -13.38 12.50
C TYR B 105 -7.67 -13.55 12.61
N CYS B 106 -8.15 -14.79 12.45
CA CYS B 106 -9.58 -15.07 12.63
C CYS B 106 -9.93 -14.89 14.11
N THR B 107 -10.98 -14.18 14.43
CA THR B 107 -11.45 -14.07 15.83
C THR B 107 -12.61 -14.99 16.17
N ARG B 108 -13.14 -15.70 15.17
CA ARG B 108 -14.29 -16.58 15.37
C ARG B 108 -13.90 -18.04 15.66
N ALA B 109 -12.64 -18.40 15.39
CA ALA B 109 -12.21 -19.80 15.47
C ALA B 109 -12.44 -20.43 16.86
N ALA B 110 -12.01 -19.72 17.90
CA ALA B 110 -12.16 -20.16 19.29
C ALA B 110 -13.60 -20.55 19.62
N ASP B 111 -14.53 -19.62 19.44
CA ASP B 111 -15.96 -19.85 19.73
C ASP B 111 -16.57 -20.96 18.89
N LEU B 112 -16.05 -21.19 17.69
CA LEU B 112 -16.52 -22.30 16.85
C LEU B 112 -15.84 -23.65 17.17
N GLY B 113 -14.92 -23.67 18.12
CA GLY B 113 -14.18 -24.90 18.46
C GLY B 113 -13.17 -25.35 17.41
N ILE B 114 -12.63 -24.40 16.65
CA ILE B 114 -11.66 -24.71 15.61
C ILE B 114 -10.30 -24.50 16.22
N THR B 115 -9.52 -25.58 16.30
CA THR B 115 -8.14 -25.51 16.79
C THR B 115 -7.16 -26.03 15.73
N PRO B 116 -5.92 -25.54 15.73
CA PRO B 116 -4.97 -26.02 14.74
C PRO B 116 -4.39 -27.41 15.05
N PRO B 117 -3.97 -28.14 14.01
CA PRO B 117 -3.28 -29.42 14.20
C PRO B 117 -2.01 -29.20 15.02
N GLY B 118 -1.80 -30.07 16.00
CA GLY B 118 -0.67 -29.98 16.91
C GLY B 118 -0.87 -29.02 18.07
N LEU B 119 -1.97 -28.27 18.07
CA LEU B 119 -2.22 -27.20 19.04
C LEU B 119 -3.70 -27.17 19.42
N GLY B 120 -4.27 -28.36 19.64
CA GLY B 120 -5.66 -28.53 20.02
C GLY B 120 -6.35 -29.62 19.22
N SER B 121 -5.94 -29.77 17.96
CA SER B 121 -6.34 -30.89 17.10
C SER B 121 -5.11 -31.77 16.84
N PRO B 122 -5.34 -33.02 16.39
CA PRO B 122 -4.19 -33.91 16.23
C PRO B 122 -3.20 -33.42 15.15
N GLY B 123 -1.93 -33.41 15.50
CA GLY B 123 -0.88 -32.87 14.64
C GLY B 123 -0.27 -33.85 13.67
N SER B 124 0.89 -33.45 13.13
CA SER B 124 1.53 -34.17 12.05
C SER B 124 2.60 -35.15 12.51
N MET B 125 2.86 -35.24 13.81
CA MET B 125 3.87 -36.17 14.29
C MET B 125 3.24 -37.54 14.48
N ALA B 126 2.92 -38.13 13.34
CA ALA B 126 2.20 -39.39 13.27
C ALA B 126 2.31 -39.88 11.83
N GLU B 127 2.00 -41.15 11.62
CA GLU B 127 2.06 -41.70 10.28
C GLU B 127 1.00 -41.07 9.36
N TYR B 128 -0.13 -40.72 9.94
CA TYR B 128 -1.24 -40.12 9.21
C TYR B 128 -1.81 -38.95 10.00
N MET B 129 -2.45 -38.04 9.28
CA MET B 129 -3.16 -36.92 9.92
C MET B 129 -4.36 -36.49 9.10
N ILE B 130 -5.36 -35.97 9.82
CA ILE B 130 -6.56 -35.43 9.23
C ILE B 130 -6.38 -33.92 9.06
N VAL B 131 -6.81 -33.43 7.90
CA VAL B 131 -6.98 -32.01 7.63
C VAL B 131 -8.45 -31.78 7.41
N ASP B 132 -8.95 -30.69 8.03
CA ASP B 132 -10.39 -30.42 8.12
C ASP B 132 -11.04 -30.03 6.79
N SER B 133 -10.27 -29.38 5.92
CA SER B 133 -10.80 -28.81 4.72
C SER B 133 -9.72 -28.66 3.66
N ALA B 134 -10.12 -28.78 2.40
CA ALA B 134 -9.22 -28.63 1.27
C ALA B 134 -8.48 -27.29 1.23
N ARG B 135 -9.12 -26.23 1.72
CA ARG B 135 -8.49 -24.92 1.70
C ARG B 135 -7.27 -24.82 2.62
N HIS B 136 -7.08 -25.80 3.50
CA HIS B 136 -5.91 -25.87 4.36
C HIS B 136 -4.77 -26.72 3.82
N LEU B 137 -4.85 -27.10 2.55
CA LEU B 137 -3.77 -27.80 1.87
C LEU B 137 -3.24 -26.91 0.75
N VAL B 138 -1.92 -26.87 0.62
CA VAL B 138 -1.28 -26.17 -0.47
CA VAL B 138 -1.27 -26.17 -0.46
C VAL B 138 -0.38 -27.18 -1.20
N PRO B 139 -0.50 -27.30 -2.55
CA PRO B 139 0.38 -28.24 -3.24
C PRO B 139 1.84 -27.81 -3.22
N ILE B 140 2.73 -28.79 -3.05
CA ILE B 140 4.18 -28.56 -3.08
C ILE B 140 4.89 -29.24 -4.25
N GLY B 141 4.16 -29.98 -5.08
CA GLY B 141 4.73 -30.69 -6.23
C GLY B 141 5.86 -31.61 -5.76
N ASP B 142 6.99 -31.56 -6.45
CA ASP B 142 8.13 -32.43 -6.13
C ASP B 142 9.14 -31.84 -5.10
N LEU B 143 8.75 -30.83 -4.33
CA LEU B 143 9.64 -30.36 -3.24
C LEU B 143 9.96 -31.50 -2.27
N ASP B 144 11.21 -31.61 -1.88
CA ASP B 144 11.63 -32.57 -0.85
C ASP B 144 10.79 -32.29 0.42
N PRO B 145 10.03 -33.31 0.88
CA PRO B 145 9.19 -33.05 2.07
C PRO B 145 9.93 -32.59 3.32
N VAL B 146 11.14 -33.09 3.53
CA VAL B 146 11.91 -32.74 4.73
C VAL B 146 12.20 -31.23 4.78
N ALA B 147 12.58 -30.67 3.63
CA ALA B 147 12.84 -29.24 3.56
C ALA B 147 11.53 -28.45 3.46
N ALA B 148 10.44 -29.09 3.03
CA ALA B 148 9.15 -28.44 2.93
C ALA B 148 8.41 -28.28 4.25
N ALA B 149 8.53 -29.25 5.16
CA ALA B 149 7.76 -29.20 6.41
C ALA B 149 7.96 -27.89 7.19
N PRO B 150 9.22 -27.42 7.33
CA PRO B 150 9.44 -26.13 8.02
C PRO B 150 8.85 -24.89 7.35
N LEU B 151 8.57 -24.94 6.06
CA LEU B 151 7.95 -23.83 5.36
C LEU B 151 6.63 -23.43 6.00
N THR B 152 5.94 -24.40 6.60
CA THR B 152 4.61 -24.16 7.13
C THR B 152 4.57 -23.34 8.42
N ASP B 153 5.73 -23.13 9.06
CA ASP B 153 5.77 -22.25 10.21
C ASP B 153 7.08 -21.51 10.30
N ALA B 154 8.21 -22.23 10.27
CA ALA B 154 9.52 -21.58 10.17
C ALA B 154 9.65 -20.67 8.96
N GLY B 155 8.98 -21.01 7.86
CA GLY B 155 8.91 -20.14 6.70
C GLY B 155 7.77 -19.14 6.78
N LEU B 156 6.57 -19.64 7.02
CA LEU B 156 5.36 -18.82 7.02
C LEU B 156 5.42 -17.64 8.00
N THR B 157 5.85 -17.89 9.23
CA THR B 157 5.81 -16.86 10.25
C THR B 157 6.77 -15.69 9.93
N PRO B 158 8.04 -15.96 9.64
CA PRO B 158 8.93 -14.85 9.23
C PRO B 158 8.44 -14.18 7.95
N TYR B 159 7.90 -14.97 7.02
CA TYR B 159 7.42 -14.42 5.78
C TYR B 159 6.32 -13.39 6.02
N HIS B 160 5.36 -13.75 6.89
CA HIS B 160 4.31 -12.83 7.26
C HIS B 160 4.82 -11.58 7.97
N ALA B 161 5.71 -11.78 8.93
CA ALA B 161 6.29 -10.69 9.69
C ALA B 161 6.99 -9.68 8.77
N ILE B 162 7.76 -10.21 7.83
CA ILE B 162 8.46 -9.39 6.85
C ILE B 162 7.47 -8.70 5.91
N SER B 163 6.46 -9.44 5.47
CA SER B 163 5.46 -8.91 4.53
C SER B 163 4.69 -7.73 5.06
N ARG B 164 4.48 -7.67 6.38
CA ARG B 164 3.73 -6.59 6.98
C ARG B 164 4.42 -5.24 6.72
N VAL B 165 5.75 -5.24 6.59
CA VAL B 165 6.50 -4.01 6.43
C VAL B 165 7.42 -4.03 5.23
N LEU B 166 7.12 -4.88 4.26
CA LEU B 166 7.98 -5.00 3.10
C LEU B 166 8.24 -3.67 2.38
N PRO B 167 7.21 -2.80 2.27
CA PRO B 167 7.49 -1.51 1.66
C PRO B 167 8.55 -0.65 2.34
N LEU B 168 8.86 -0.88 3.62
CA LEU B 168 9.95 -0.16 4.27
C LEU B 168 11.33 -0.63 3.82
N LEU B 169 11.43 -1.85 3.29
CA LEU B 169 12.71 -2.53 3.14
C LEU B 169 13.25 -2.37 1.73
N GLY B 170 13.37 -1.11 1.31
CA GLY B 170 13.90 -0.80 -0.01
C GLY B 170 15.42 -0.80 0.00
N PRO B 171 16.01 -0.51 -1.17
CA PRO B 171 17.45 -0.34 -1.24
C PRO B 171 17.92 0.72 -0.26
N GLY B 172 18.99 0.43 0.44
CA GLY B 172 19.50 1.31 1.48
C GLY B 172 18.97 0.98 2.85
N SER B 173 17.95 0.14 2.96
CA SER B 173 17.44 -0.28 4.25
C SER B 173 18.30 -1.37 4.88
N THR B 174 18.14 -1.50 6.19
CA THR B 174 18.79 -2.57 6.95
CA THR B 174 18.79 -2.56 6.95
C THR B 174 17.73 -3.31 7.75
N ALA B 175 17.81 -4.63 7.74
CA ALA B 175 16.94 -5.47 8.55
C ALA B 175 17.83 -6.26 9.50
N VAL B 176 17.52 -6.22 10.79
CA VAL B 176 18.17 -7.01 11.80
C VAL B 176 17.30 -8.26 12.08
N VAL B 177 17.93 -9.42 12.12
CA VAL B 177 17.30 -10.69 12.46
C VAL B 177 17.95 -11.13 13.75
N ILE B 178 17.16 -11.22 14.82
CA ILE B 178 17.65 -11.68 16.10
C ILE B 178 17.17 -13.11 16.34
N GLY B 179 18.11 -14.02 16.48
CA GLY B 179 17.81 -15.43 16.66
C GLY B 179 17.87 -16.16 15.34
N VAL B 180 18.93 -16.92 15.13
CA VAL B 180 19.16 -17.65 13.88
C VAL B 180 18.92 -19.15 14.11
N GLY B 181 17.69 -19.48 14.47
CA GLY B 181 17.26 -20.86 14.65
C GLY B 181 16.33 -21.25 13.52
N GLY B 182 15.32 -22.05 13.85
CA GLY B 182 14.37 -22.51 12.88
C GLY B 182 13.78 -21.37 12.07
N LEU B 183 13.17 -20.40 12.75
CA LEU B 183 12.55 -19.28 12.07
C LEU B 183 13.60 -18.33 11.50
N GLY B 184 14.59 -17.97 12.32
CA GLY B 184 15.51 -16.93 11.92
C GLY B 184 16.35 -17.23 10.70
N HIS B 185 16.79 -18.48 10.57
CA HIS B 185 17.64 -18.84 9.43
C HIS B 185 16.84 -18.80 8.15
N VAL B 186 15.53 -19.00 8.22
CA VAL B 186 14.66 -18.86 7.06
C VAL B 186 14.35 -17.39 6.82
N GLY B 187 14.10 -16.62 7.89
CA GLY B 187 13.88 -15.17 7.81
C GLY B 187 14.94 -14.41 7.07
N ILE B 188 16.21 -14.74 7.33
CA ILE B 188 17.34 -14.13 6.61
C ILE B 188 17.17 -14.34 5.11
N GLN B 189 16.83 -15.56 4.74
CA GLN B 189 16.75 -15.92 3.33
C GLN B 189 15.56 -15.26 2.64
N ILE B 190 14.45 -15.14 3.35
CA ILE B 190 13.28 -14.44 2.82
C ILE B 190 13.65 -12.98 2.57
N LEU B 191 14.29 -12.34 3.53
CA LEU B 191 14.73 -10.94 3.37
C LEU B 191 15.59 -10.76 2.12
N ARG B 192 16.51 -11.69 1.89
CA ARG B 192 17.37 -11.61 0.71
C ARG B 192 16.58 -11.81 -0.59
N ALA B 193 15.56 -12.65 -0.56
CA ALA B 193 14.78 -12.98 -1.75
C ALA B 193 13.76 -11.91 -2.13
N VAL B 194 13.12 -11.28 -1.17
CA VAL B 194 11.99 -10.39 -1.46
C VAL B 194 12.30 -8.90 -1.23
N SER B 195 13.52 -8.61 -0.78
CA SER B 195 13.94 -7.22 -0.57
C SER B 195 15.37 -7.01 -0.92
N ALA B 196 15.75 -5.74 -1.00
CA ALA B 196 17.13 -5.36 -1.15
C ALA B 196 17.74 -4.91 0.18
N ALA B 197 17.10 -5.24 1.30
CA ALA B 197 17.64 -4.89 2.61
C ALA B 197 19.00 -5.54 2.86
N ARG B 198 19.89 -4.80 3.50
CA ARG B 198 21.09 -5.35 4.08
C ARG B 198 20.67 -6.11 5.35
N VAL B 199 21.14 -7.34 5.54
CA VAL B 199 20.67 -8.17 6.65
C VAL B 199 21.77 -8.36 7.67
N ILE B 200 21.49 -7.97 8.91
CA ILE B 200 22.40 -8.17 10.04
C ILE B 200 21.76 -9.21 10.96
N ALA B 201 22.44 -10.32 11.17
CA ALA B 201 21.97 -11.40 12.02
C ALA B 201 22.62 -11.29 13.40
N VAL B 202 21.87 -11.67 14.42
CA VAL B 202 22.29 -11.59 15.82
C VAL B 202 21.97 -12.92 16.49
N ASP B 203 22.94 -13.51 17.18
CA ASP B 203 22.67 -14.74 17.94
C ASP B 203 23.64 -14.84 19.08
N LEU B 204 23.30 -15.64 20.09
CA LEU B 204 24.23 -15.91 21.19
C LEU B 204 25.37 -16.83 20.81
N ASP B 205 25.12 -17.68 19.83
CA ASP B 205 25.96 -18.84 19.52
C ASP B 205 26.75 -18.55 18.23
N ASP B 206 28.07 -18.61 18.31
CA ASP B 206 28.94 -18.37 17.15
C ASP B 206 28.67 -19.29 15.97
N ASP B 207 28.31 -20.55 16.25
CA ASP B 207 27.94 -21.47 15.17
C ASP B 207 26.66 -21.02 14.44
N ARG B 208 25.74 -20.39 15.17
CA ARG B 208 24.53 -19.84 14.55
C ARG B 208 24.84 -18.60 13.75
N LEU B 209 25.83 -17.83 14.18
CA LEU B 209 26.31 -16.70 13.36
C LEU B 209 26.92 -17.21 12.06
N ALA B 210 27.64 -18.32 12.13
CA ALA B 210 28.17 -18.95 10.92
C ALA B 210 27.02 -19.39 10.01
N LEU B 211 25.98 -20.01 10.59
CA LEU B 211 24.78 -20.38 9.83
C LEU B 211 24.17 -19.15 9.16
N ALA B 212 24.09 -18.05 9.89
CA ALA B 212 23.54 -16.81 9.33
C ALA B 212 24.30 -16.38 8.06
N ARG B 213 25.62 -16.39 8.15
CA ARG B 213 26.46 -16.02 6.99
C ARG B 213 26.29 -17.04 5.86
N GLU B 214 26.18 -18.32 6.19
CA GLU B 214 25.97 -19.38 5.19
C GLU B 214 24.68 -19.17 4.39
N VAL B 215 23.63 -18.64 5.03
CA VAL B 215 22.35 -18.45 4.35
C VAL B 215 22.12 -17.01 3.86
N GLY B 216 23.16 -16.18 3.90
CA GLY B 216 23.18 -14.91 3.21
C GLY B 216 23.14 -13.64 4.02
N ALA B 217 23.31 -13.73 5.34
CA ALA B 217 23.41 -12.51 6.14
C ALA B 217 24.66 -11.72 5.73
N ASP B 218 24.50 -10.41 5.66
CA ASP B 218 25.61 -9.51 5.31
C ASP B 218 26.58 -9.31 6.45
N ALA B 219 26.08 -9.38 7.67
CA ALA B 219 26.92 -9.30 8.88
C ALA B 219 26.26 -10.14 9.95
N ALA B 220 27.04 -10.61 10.90
CA ALA B 220 26.51 -11.50 11.93
C ALA B 220 27.20 -11.10 13.21
N VAL B 221 26.44 -10.67 14.23
CA VAL B 221 27.01 -10.20 15.44
C VAL B 221 26.44 -10.83 16.67
N LYS B 222 27.30 -10.88 17.67
CA LYS B 222 27.03 -11.54 18.92
C LYS B 222 25.92 -10.82 19.70
N SER B 223 24.92 -11.55 20.15
CA SER B 223 23.84 -10.98 20.97
C SER B 223 24.36 -10.62 22.35
N GLY B 224 23.60 -9.82 23.07
CA GLY B 224 23.95 -9.44 24.42
C GLY B 224 24.16 -7.95 24.52
N ALA B 225 24.82 -7.54 25.59
CA ALA B 225 24.92 -6.13 25.96
C ALA B 225 25.59 -5.25 24.91
N GLY B 226 26.54 -5.81 24.17
CA GLY B 226 27.26 -5.06 23.13
C GLY B 226 26.58 -5.01 21.75
N ALA B 227 25.50 -5.75 21.59
CA ALA B 227 24.91 -5.93 20.26
C ALA B 227 24.36 -4.63 19.69
N ALA B 228 23.69 -3.83 20.53
CA ALA B 228 23.09 -2.59 20.05
C ALA B 228 24.15 -1.65 19.47
N ASP B 229 25.25 -1.48 20.20
CA ASP B 229 26.34 -0.61 19.74
C ASP B 229 26.98 -1.17 18.47
N ALA B 230 27.17 -2.48 18.40
CA ALA B 230 27.76 -3.11 17.23
C ALA B 230 26.88 -2.93 15.99
N ILE B 231 25.57 -3.10 16.16
CA ILE B 231 24.61 -2.90 15.07
C ILE B 231 24.62 -1.43 14.63
N ARG B 232 24.59 -0.51 15.58
CA ARG B 232 24.69 0.92 15.24
C ARG B 232 25.96 1.30 14.50
N GLU B 233 27.09 0.66 14.82
CA GLU B 233 28.32 0.89 14.08
C GLU B 233 28.17 0.42 12.62
N LEU B 234 27.50 -0.70 12.41
CA LEU B 234 27.25 -1.20 11.07
C LEU B 234 26.25 -0.32 10.27
N THR B 235 25.27 0.28 10.93
CA THR B 235 24.24 1.10 10.25
C THR B 235 24.61 2.60 10.17
N GLY B 236 25.84 2.95 10.55
CA GLY B 236 26.31 4.33 10.45
C GLY B 236 25.70 5.32 11.42
N GLY B 237 25.08 4.82 12.49
CA GLY B 237 24.42 5.67 13.48
C GLY B 237 22.94 5.89 13.28
N GLN B 238 22.40 5.49 12.13
CA GLN B 238 20.99 5.74 11.79
C GLN B 238 20.07 4.66 12.30
N GLY B 239 20.64 3.50 12.60
CA GLY B 239 19.87 2.41 13.11
C GLY B 239 19.27 1.59 11.99
N ALA B 240 18.55 0.56 12.40
CA ALA B 240 18.06 -0.43 11.49
C ALA B 240 16.62 -0.08 11.13
N THR B 241 16.34 -0.15 9.85
CA THR B 241 14.99 0.07 9.36
C THR B 241 13.98 -0.86 10.01
N ALA B 242 14.30 -2.14 10.11
CA ALA B 242 13.43 -3.09 10.74
C ALA B 242 14.23 -4.11 11.56
N VAL B 243 13.65 -4.52 12.67
CA VAL B 243 14.21 -5.53 13.52
C VAL B 243 13.18 -6.64 13.63
N PHE B 244 13.58 -7.86 13.25
CA PHE B 244 12.73 -9.04 13.36
C PHE B 244 13.31 -9.86 14.48
N ASP B 245 12.65 -9.82 15.63
CA ASP B 245 13.16 -10.46 16.82
C ASP B 245 12.49 -11.81 16.98
N PHE B 246 13.21 -12.86 16.61
CA PHE B 246 12.72 -14.23 16.71
C PHE B 246 13.04 -14.89 18.05
N VAL B 247 13.55 -14.11 19.00
CA VAL B 247 13.81 -14.58 20.36
C VAL B 247 12.71 -14.00 21.25
N GLY B 248 12.60 -12.69 21.26
CA GLY B 248 11.54 -12.02 22.01
C GLY B 248 11.76 -11.99 23.50
N ALA B 249 13.01 -12.15 23.95
CA ALA B 249 13.33 -12.01 25.35
C ALA B 249 13.37 -10.51 25.65
N GLN B 250 13.27 -10.13 26.92
CA GLN B 250 13.34 -8.70 27.23
C GLN B 250 14.64 -8.08 26.73
N SER B 251 15.76 -8.80 26.86
CA SER B 251 17.07 -8.25 26.44
C SER B 251 17.12 -8.02 24.92
N THR B 252 16.54 -8.91 24.13
CA THR B 252 16.53 -8.76 22.66
C THR B 252 15.57 -7.67 22.19
N ILE B 253 14.43 -7.57 22.86
CA ILE B 253 13.50 -6.47 22.59
C ILE B 253 14.16 -5.13 22.94
N ASP B 254 14.90 -5.09 24.04
CA ASP B 254 15.63 -3.89 24.40
C ASP B 254 16.69 -3.55 23.36
N THR B 255 17.43 -4.56 22.89
CA THR B 255 18.37 -4.36 21.78
C THR B 255 17.63 -3.76 20.56
N ALA B 256 16.48 -4.34 20.24
CA ALA B 256 15.67 -3.89 19.10
C ALA B 256 15.27 -2.42 19.25
N GLN B 257 14.83 -2.01 20.43
CA GLN B 257 14.46 -0.62 20.65
C GLN B 257 15.63 0.34 20.57
N GLN B 258 16.81 -0.12 20.97
CA GLN B 258 18.01 0.69 20.96
C GLN B 258 18.62 0.84 19.57
N VAL B 259 18.23 -0.02 18.62
CA VAL B 259 18.77 0.06 17.26
C VAL B 259 17.78 0.47 16.16
N VAL B 260 16.48 0.40 16.42
CA VAL B 260 15.51 0.68 15.37
C VAL B 260 15.60 2.15 14.96
N ALA B 261 15.43 2.38 13.67
CA ALA B 261 15.44 3.71 13.10
C ALA B 261 14.13 4.43 13.37
N VAL B 262 14.21 5.75 13.28
CA VAL B 262 13.02 6.60 13.14
C VAL B 262 12.20 6.09 11.97
N ASP B 263 10.89 5.99 12.16
CA ASP B 263 9.95 5.50 11.14
C ASP B 263 10.23 4.06 10.71
N GLY B 264 10.84 3.29 11.60
CA GLY B 264 11.17 1.89 11.35
C GLY B 264 10.13 0.97 11.95
N HIS B 265 10.55 -0.24 12.27
CA HIS B 265 9.63 -1.29 12.69
C HIS B 265 10.36 -2.32 13.54
N ILE B 266 9.69 -2.77 14.60
CA ILE B 266 10.14 -3.92 15.36
C ILE B 266 9.02 -4.94 15.31
N SER B 267 9.37 -6.15 14.91
CA SER B 267 8.46 -7.26 14.86
C SER B 267 8.90 -8.23 15.95
N VAL B 268 8.08 -8.38 16.98
CA VAL B 268 8.38 -9.26 18.09
C VAL B 268 7.72 -10.57 17.79
N VAL B 269 8.50 -11.51 17.26
CA VAL B 269 7.99 -12.78 16.76
C VAL B 269 8.20 -13.88 17.78
N GLY B 270 9.39 -13.93 18.36
CA GLY B 270 9.68 -14.89 19.40
C GLY B 270 8.87 -14.65 20.65
N ILE B 271 8.58 -15.72 21.37
CA ILE B 271 7.69 -15.71 22.52
C ILE B 271 8.50 -16.00 23.79
N HIS B 272 8.52 -15.04 24.70
CA HIS B 272 9.17 -15.19 26.00
C HIS B 272 8.21 -14.50 26.98
N ALA B 273 7.55 -15.29 27.82
CA ALA B 273 6.41 -14.78 28.65
C ALA B 273 6.83 -13.56 29.49
N GLY B 274 6.02 -12.51 29.45
CA GLY B 274 6.29 -11.28 30.21
C GLY B 274 7.10 -10.26 29.44
N ALA B 275 7.84 -10.68 28.41
CA ALA B 275 8.69 -9.77 27.67
C ALA B 275 7.81 -8.87 26.81
N HIS B 276 8.20 -7.60 26.70
CA HIS B 276 7.41 -6.69 25.88
C HIS B 276 8.23 -5.48 25.47
N ALA B 277 7.90 -4.95 24.31
CA ALA B 277 8.41 -3.65 23.91
C ALA B 277 7.69 -2.55 24.69
N LYS B 278 8.40 -1.47 24.94
CA LYS B 278 7.86 -0.32 25.65
C LYS B 278 7.71 0.79 24.65
N VAL B 279 6.49 0.98 24.15
CA VAL B 279 6.25 1.91 23.07
C VAL B 279 5.64 3.17 23.66
N GLY B 280 6.48 4.17 23.80
CA GLY B 280 6.09 5.44 24.35
C GLY B 280 7.11 6.48 23.97
N PHE B 281 6.71 7.73 24.07
CA PHE B 281 7.62 8.83 23.76
C PHE B 281 8.86 8.76 24.63
N PHE B 282 10.02 9.05 24.03
CA PHE B 282 11.33 8.99 24.70
C PHE B 282 11.85 7.58 24.95
N MET B 283 11.06 6.55 24.65
CA MET B 283 11.46 5.15 24.88
C MET B 283 11.69 4.41 23.57
N ILE B 284 11.27 5.02 22.47
CA ILE B 284 11.37 4.43 21.15
C ILE B 284 11.41 5.58 20.16
N PRO B 285 12.04 5.39 18.99
CA PRO B 285 12.05 6.53 18.05
C PRO B 285 10.65 6.87 17.52
N PHE B 286 10.48 8.14 17.14
CA PHE B 286 9.28 8.56 16.45
C PHE B 286 8.98 7.67 15.26
N GLY B 287 7.72 7.29 15.10
CA GLY B 287 7.28 6.57 13.94
C GLY B 287 7.69 5.11 13.84
N ALA B 288 8.40 4.57 14.83
CA ALA B 288 8.82 3.20 14.81
C ALA B 288 7.71 2.32 15.38
N SER B 289 7.07 1.57 14.52
CA SER B 289 5.95 0.75 14.92
C SER B 289 6.43 -0.60 15.47
N VAL B 290 5.62 -1.17 16.34
CA VAL B 290 5.92 -2.44 16.95
C VAL B 290 4.69 -3.32 16.92
N VAL B 291 4.92 -4.60 16.61
CA VAL B 291 3.83 -5.56 16.56
C VAL B 291 4.31 -6.93 16.97
N THR B 292 3.38 -7.75 17.44
CA THR B 292 3.57 -9.20 17.62
C THR B 292 2.75 -9.90 16.55
N PRO B 293 3.39 -10.28 15.44
CA PRO B 293 2.65 -10.97 14.39
C PRO B 293 2.42 -12.43 14.77
N PHE B 294 1.47 -13.05 14.09
CA PHE B 294 1.13 -14.44 14.40
C PHE B 294 0.95 -15.22 13.11
N ALA B 295 1.77 -16.26 12.96
CA ALA B 295 1.66 -17.20 11.85
C ALA B 295 1.68 -16.43 10.52
N GLY B 296 0.80 -16.79 9.58
CA GLY B 296 0.71 -16.09 8.32
C GLY B 296 -0.56 -16.47 7.61
N THR B 297 -0.72 -15.88 6.43
CA THR B 297 -1.92 -16.06 5.66
C THR B 297 -1.81 -17.20 4.65
N ARG B 298 -2.96 -17.58 4.11
CA ARG B 298 -3.01 -18.64 3.10
C ARG B 298 -2.12 -18.32 1.88
N SER B 299 -2.24 -17.10 1.38
CA SER B 299 -1.51 -16.72 0.18
C SER B 299 -0.03 -16.59 0.50
N GLU B 300 0.30 -16.19 1.73
CA GLU B 300 1.68 -16.16 2.17
C GLU B 300 2.31 -17.55 2.19
N LEU B 301 1.58 -18.57 2.63
CA LEU B 301 2.13 -19.92 2.57
C LEU B 301 2.42 -20.32 1.13
N MET B 302 1.52 -19.98 0.21
CA MET B 302 1.75 -20.28 -1.19
C MET B 302 3.02 -19.59 -1.71
N GLU B 303 3.23 -18.36 -1.28
CA GLU B 303 4.42 -17.59 -1.66
C GLU B 303 5.69 -18.20 -1.09
N VAL B 304 5.62 -18.68 0.15
CA VAL B 304 6.77 -19.37 0.75
C VAL B 304 7.13 -20.62 -0.04
N VAL B 305 6.11 -21.40 -0.39
CA VAL B 305 6.30 -22.56 -1.21
C VAL B 305 6.92 -22.18 -2.57
N ALA B 306 6.44 -21.08 -3.16
CA ALA B 306 7.00 -20.61 -4.42
C ALA B 306 8.49 -20.21 -4.30
N LEU B 307 8.87 -19.60 -3.19
CA LEU B 307 10.28 -19.30 -2.93
C LEU B 307 11.10 -20.58 -2.88
N ALA B 308 10.60 -21.56 -2.16
CA ALA B 308 11.27 -22.86 -2.02
C ALA B 308 11.44 -23.54 -3.37
N ARG B 309 10.37 -23.55 -4.16
CA ARG B 309 10.41 -24.16 -5.49
C ARG B 309 11.36 -23.44 -6.45
N ALA B 310 11.54 -22.13 -6.26
CA ALA B 310 12.46 -21.34 -7.09
C ALA B 310 13.93 -21.43 -6.62
N GLY B 311 14.19 -22.18 -5.54
CA GLY B 311 15.55 -22.38 -5.08
C GLY B 311 16.07 -21.26 -4.19
N ARG B 312 15.18 -20.44 -3.64
CA ARG B 312 15.58 -19.28 -2.85
C ARG B 312 15.72 -19.58 -1.37
N LEU B 313 15.27 -20.75 -0.93
CA LEU B 313 15.31 -21.10 0.50
C LEU B 313 16.08 -22.41 0.68
N ASP B 314 17.22 -22.33 1.35
CA ASP B 314 18.01 -23.49 1.76
C ASP B 314 17.63 -23.76 3.22
N ILE B 315 16.74 -24.72 3.43
CA ILE B 315 16.26 -25.04 4.75
C ILE B 315 17.22 -26.05 5.39
N HIS B 316 17.85 -25.64 6.48
CA HIS B 316 18.76 -26.51 7.23
C HIS B 316 17.95 -27.35 8.18
N THR B 317 18.07 -28.66 8.03
CA THR B 317 17.30 -29.59 8.84
C THR B 317 18.16 -30.72 9.40
N GLU B 318 17.63 -31.35 10.44
CA GLU B 318 18.08 -32.64 10.88
C GLU B 318 16.87 -33.55 10.96
N THR B 319 17.03 -34.78 10.47
CA THR B 319 15.95 -35.73 10.34
C THR B 319 15.95 -36.70 11.50
N PHE B 320 14.75 -37.02 11.97
CA PHE B 320 14.51 -37.97 13.06
C PHE B 320 13.40 -38.94 12.65
N THR B 321 13.43 -40.14 13.19
CA THR B 321 12.29 -41.06 13.07
C THR B 321 11.20 -40.67 14.09
N LEU B 322 10.02 -41.26 13.96
CA LEU B 322 8.97 -41.09 14.98
C LEU B 322 9.44 -41.57 16.36
N ASP B 323 10.11 -42.71 16.38
CA ASP B 323 10.71 -43.26 17.61
C ASP B 323 11.67 -42.28 18.30
N GLU B 324 12.38 -41.49 17.49
CA GLU B 324 13.31 -40.46 17.98
C GLU B 324 12.64 -39.11 18.28
N GLY B 325 11.32 -39.02 18.14
CA GLY B 325 10.62 -37.77 18.35
C GLY B 325 10.87 -37.16 19.72
N PRO B 326 10.70 -37.95 20.78
CA PRO B 326 11.02 -37.42 22.12
C PRO B 326 12.49 -36.96 22.27
N ALA B 327 13.42 -37.74 21.74
CA ALA B 327 14.83 -37.33 21.73
C ALA B 327 15.04 -36.01 20.97
N ALA B 328 14.35 -35.85 19.85
CA ALA B 328 14.41 -34.63 19.06
C ALA B 328 13.92 -33.42 19.85
N TYR B 329 12.85 -33.60 20.61
CA TYR B 329 12.37 -32.53 21.50
C TYR B 329 13.38 -32.16 22.60
N ARG B 330 14.08 -33.15 23.14
CA ARG B 330 15.20 -32.88 24.07
C ARG B 330 16.32 -32.08 23.40
N ARG B 331 16.63 -32.41 22.16
CA ARG B 331 17.63 -31.69 21.36
C ARG B 331 17.19 -30.23 21.14
N LEU B 332 15.92 -30.05 20.81
CA LEU B 332 15.37 -28.71 20.62
C LEU B 332 15.47 -27.90 21.92
N ARG B 333 15.08 -28.50 23.03
CA ARG B 333 15.26 -27.87 24.36
C ARG B 333 16.66 -27.39 24.64
N GLU B 334 17.64 -28.23 24.41
CA GLU B 334 19.04 -27.90 24.71
C GLU B 334 19.68 -26.99 23.65
N GLY B 335 19.02 -26.77 22.51
CA GLY B 335 19.52 -25.88 21.47
C GLY B 335 20.56 -26.49 20.56
N SER B 336 20.48 -27.79 20.32
CA SER B 336 21.51 -28.50 19.57
C SER B 336 21.03 -28.95 18.17
N ILE B 337 19.91 -28.41 17.69
CA ILE B 337 19.49 -28.64 16.30
C ILE B 337 19.89 -27.43 15.47
N ARG B 338 20.74 -27.64 14.49
CA ARG B 338 21.24 -26.57 13.65
C ARG B 338 20.24 -26.30 12.53
N GLY B 339 19.24 -25.48 12.84
CA GLY B 339 18.14 -25.21 11.93
C GLY B 339 16.87 -25.82 12.51
N ARG B 340 16.18 -26.61 11.68
CA ARG B 340 14.90 -27.20 12.05
C ARG B 340 14.98 -28.72 12.19
N GLY B 341 14.45 -29.24 13.29
CA GLY B 341 14.26 -30.68 13.44
C GLY B 341 13.05 -31.10 12.65
N VAL B 342 13.15 -32.23 11.96
CA VAL B 342 12.06 -32.75 11.14
C VAL B 342 11.95 -34.27 11.35
N VAL B 343 10.75 -34.70 11.76
CA VAL B 343 10.46 -36.11 11.90
C VAL B 343 9.94 -36.63 10.57
N VAL B 344 10.47 -37.76 10.14
CA VAL B 344 10.05 -38.42 8.91
C VAL B 344 9.45 -39.77 9.32
N PRO B 345 8.12 -39.90 9.28
CA PRO B 345 7.50 -41.19 9.63
C PRO B 345 7.84 -42.33 8.69
N THR B 346 8.08 -43.51 9.24
CA THR B 346 8.11 -44.82 8.53
C THR B 346 8.96 -45.77 9.36
N MET C 1 8.39 44.92 17.63
CA MET C 1 7.10 44.17 17.55
C MET C 1 6.77 43.48 18.87
N LYS C 2 5.50 43.18 19.06
CA LYS C 2 5.03 42.45 20.21
C LYS C 2 5.18 40.96 19.97
N ALA C 3 5.63 40.25 21.01
CA ALA C 3 5.72 38.79 20.99
C ALA C 3 5.44 38.22 22.35
N VAL C 4 5.08 36.94 22.40
CA VAL C 4 4.94 36.21 23.65
C VAL C 4 6.10 35.24 23.73
N GLN C 5 6.91 35.37 24.78
CA GLN C 5 8.11 34.57 24.91
C GLN C 5 8.16 33.84 26.23
N TYR C 6 8.71 32.62 26.18
CA TYR C 6 9.18 31.92 27.37
C TYR C 6 10.58 32.44 27.64
N THR C 7 10.78 33.07 28.80
CA THR C 7 12.01 33.80 29.11
C THR C 7 12.80 33.29 30.32
N GLU C 8 12.15 32.56 31.22
CA GLU C 8 12.76 32.07 32.45
C GLU C 8 12.19 30.70 32.77
N ILE C 9 13.08 29.74 33.06
CA ILE C 9 12.66 28.37 33.36
C ILE C 9 11.69 28.37 34.54
N GLY C 10 10.56 27.68 34.41
CA GLY C 10 9.56 27.60 35.47
C GLY C 10 8.59 28.77 35.59
N SER C 11 8.77 29.82 34.78
CA SER C 11 7.94 31.01 34.84
C SER C 11 6.94 31.01 33.70
N GLU C 12 5.88 31.78 33.87
CA GLU C 12 4.91 31.98 32.82
C GLU C 12 5.55 32.74 31.64
N PRO C 13 5.05 32.48 30.43
CA PRO C 13 5.53 33.30 29.33
C PRO C 13 5.07 34.75 29.49
N VAL C 14 5.81 35.65 28.86
CA VAL C 14 5.60 37.09 29.00
C VAL C 14 5.46 37.79 27.65
N VAL C 15 4.69 38.86 27.63
CA VAL C 15 4.58 39.72 26.47
C VAL C 15 5.79 40.64 26.46
N VAL C 16 6.49 40.70 25.34
CA VAL C 16 7.73 41.46 25.21
C VAL C 16 7.65 42.35 23.98
N ASP C 17 8.57 43.30 23.89
CA ASP C 17 8.78 44.09 22.69
C ASP C 17 10.17 43.75 22.19
N ILE C 18 10.26 43.20 20.98
CA ILE C 18 11.53 42.77 20.40
C ILE C 18 11.61 43.27 18.96
N PRO C 19 12.82 43.36 18.37
CA PRO C 19 12.91 43.81 16.97
C PRO C 19 12.12 42.96 15.98
N THR C 20 11.44 43.64 15.05
CA THR C 20 10.83 42.96 13.91
C THR C 20 11.98 42.37 13.11
N PRO C 21 11.95 41.04 12.85
CA PRO C 21 13.05 40.44 12.10
C PRO C 21 13.01 40.82 10.61
N THR C 22 14.16 40.66 9.97
CA THR C 22 14.33 40.95 8.56
C THR C 22 14.74 39.62 7.90
N PRO C 23 14.11 39.26 6.76
CA PRO C 23 14.46 37.98 6.13
C PRO C 23 15.81 38.01 5.43
N GLY C 24 16.68 37.05 5.78
CA GLY C 24 17.92 36.80 5.04
C GLY C 24 17.63 36.06 3.74
N PRO C 25 18.69 35.70 2.98
CA PRO C 25 18.49 34.98 1.71
C PRO C 25 17.71 33.67 1.90
N GLY C 26 16.74 33.42 1.00
CA GLY C 26 15.89 32.23 1.08
C GLY C 26 14.74 32.32 2.09
N GLU C 27 14.77 33.28 3.01
CA GLU C 27 13.77 33.37 4.06
C GLU C 27 12.56 34.20 3.62
N ILE C 28 11.45 34.01 4.33
CA ILE C 28 10.24 34.78 4.12
C ILE C 28 9.80 35.35 5.47
N LEU C 29 9.44 36.62 5.47
CA LEU C 29 8.85 37.24 6.64
C LEU C 29 7.34 37.19 6.46
N LEU C 30 6.65 36.62 7.44
CA LEU C 30 5.19 36.64 7.47
C LEU C 30 4.68 37.64 8.50
N LYS C 31 3.61 38.34 8.13
CA LYS C 31 2.77 38.99 9.10
C LYS C 31 1.82 37.93 9.62
N VAL C 32 1.91 37.63 10.91
CA VAL C 32 1.13 36.54 11.49
C VAL C 32 -0.32 36.98 11.59
N THR C 33 -1.21 36.14 11.10
CA THR C 33 -2.64 36.38 11.19
C THR C 33 -3.30 35.50 12.25
N ALA C 34 -2.66 34.38 12.60
CA ALA C 34 -3.19 33.52 13.66
C ALA C 34 -2.11 32.58 14.15
N ALA C 35 -2.06 32.37 15.47
CA ALA C 35 -1.03 31.54 16.07
C ALA C 35 -1.72 30.61 17.08
N GLY C 36 -1.64 29.31 16.84
CA GLY C 36 -2.34 28.32 17.67
C GLY C 36 -1.57 27.98 18.93
N LEU C 37 -2.29 27.73 20.02
CA LEU C 37 -1.69 27.23 21.26
C LEU C 37 -1.86 25.72 21.31
N CYS C 38 -0.76 25.01 21.51
CA CYS C 38 -0.78 23.56 21.57
C CYS C 38 -0.37 23.15 22.98
N TYR C 39 -0.96 22.08 23.50
CA TYR C 39 -0.60 21.61 24.82
C TYR C 39 0.87 21.20 24.90
N SER C 40 1.50 20.88 23.78
CA SER C 40 2.95 20.64 23.79
C SER C 40 3.75 21.83 24.34
N ASP C 41 3.25 23.03 24.15
CA ASP C 41 3.88 24.23 24.75
C ASP C 41 3.90 24.15 26.28
N ILE C 42 2.86 23.56 26.86
CA ILE C 42 2.81 23.31 28.31
C ILE C 42 3.90 22.31 28.69
N HIS C 43 4.03 21.20 27.94
CA HIS C 43 5.12 20.24 28.20
C HIS C 43 6.47 20.94 28.16
N VAL C 44 6.68 21.79 27.16
CA VAL C 44 7.94 22.50 26.98
C VAL C 44 8.24 23.39 28.19
N MET C 45 7.26 24.18 28.60
CA MET C 45 7.45 25.10 29.72
C MET C 45 7.52 24.42 31.08
N ASP C 46 7.12 23.15 31.16
CA ASP C 46 7.26 22.38 32.39
C ASP C 46 8.55 21.57 32.48
N MET C 47 9.36 21.58 31.43
CA MET C 47 10.66 20.91 31.47
C MET C 47 11.55 21.57 32.51
N PRO C 48 12.25 20.77 33.33
CA PRO C 48 13.29 21.39 34.20
C PRO C 48 14.44 21.94 33.37
N ALA C 49 15.26 22.78 34.00
CA ALA C 49 16.40 23.43 33.34
C ALA C 49 17.33 22.43 32.62
N ALA C 50 17.55 21.28 33.25
CA ALA C 50 18.43 20.23 32.71
C ALA C 50 17.96 19.61 31.40
N GLN C 51 16.63 19.56 31.20
CA GLN C 51 16.03 18.98 30.00
C GLN C 51 15.79 20.05 28.92
N TYR C 52 15.37 21.25 29.33
CA TYR C 52 14.99 22.30 28.38
C TYR C 52 16.19 22.65 27.48
N ALA C 53 16.00 22.54 26.16
CA ALA C 53 17.10 22.73 25.20
C ALA C 53 16.79 23.71 24.05
N PHE C 54 15.68 24.43 24.13
CA PHE C 54 15.27 25.31 23.03
C PHE C 54 15.77 26.74 23.12
N GLY C 55 16.55 27.06 24.16
CA GLY C 55 17.13 28.40 24.32
C GLY C 55 16.14 29.38 24.92
N LEU C 56 16.66 30.39 25.58
CA LEU C 56 15.87 31.48 26.15
C LEU C 56 16.44 32.81 25.67
N PRO C 57 15.59 33.78 25.31
CA PRO C 57 14.13 33.60 25.21
C PRO C 57 13.71 32.77 24.01
N LEU C 58 12.47 32.31 24.02
CA LEU C 58 11.88 31.58 22.92
C LEU C 58 10.52 32.18 22.66
N THR C 59 10.32 32.72 21.47
CA THR C 59 9.00 33.12 21.02
C THR C 59 8.20 31.87 20.77
N LEU C 60 7.12 31.68 21.52
CA LEU C 60 6.30 30.50 21.41
C LEU C 60 5.50 30.47 20.12
N GLY C 61 4.94 29.31 19.83
CA GLY C 61 3.92 29.17 18.78
C GLY C 61 4.46 28.38 17.61
N HIS C 62 4.05 27.12 17.49
CA HIS C 62 4.43 26.31 16.35
C HIS C 62 3.27 25.98 15.42
N GLU C 63 2.15 26.67 15.64
CA GLU C 63 0.98 26.62 14.75
C GLU C 63 0.79 28.00 14.17
N GLY C 64 1.33 28.26 12.98
CA GLY C 64 1.34 29.62 12.46
C GLY C 64 0.70 29.70 11.07
N VAL C 65 -0.10 30.75 10.89
CA VAL C 65 -0.60 31.17 9.59
C VAL C 65 -0.33 32.68 9.46
N GLY C 66 -0.08 33.13 8.25
CA GLY C 66 0.15 34.55 8.03
C GLY C 66 0.03 34.93 6.58
N THR C 67 0.40 36.17 6.32
CA THR C 67 0.47 36.67 4.96
C THR C 67 1.92 37.03 4.70
N VAL C 68 2.38 36.79 3.48
CA VAL C 68 3.75 37.08 3.11
C VAL C 68 3.95 38.61 3.18
N ALA C 69 4.88 39.05 4.01
CA ALA C 69 5.15 40.48 4.20
C ALA C 69 6.37 40.93 3.44
N GLU C 70 7.45 40.14 3.51
CA GLU C 70 8.71 40.48 2.85
C GLU C 70 9.39 39.20 2.38
N LEU C 71 9.89 39.25 1.13
CA LEU C 71 10.63 38.15 0.56
C LEU C 71 12.11 38.39 0.77
N GLY C 72 12.80 37.39 1.30
CA GLY C 72 14.25 37.41 1.33
C GLY C 72 14.83 37.34 -0.05
N GLU C 73 16.10 37.71 -0.17
CA GLU C 73 16.86 37.58 -1.41
C GLU C 73 16.70 36.19 -2.04
N GLY C 74 16.34 36.17 -3.32
CA GLY C 74 16.23 34.94 -4.10
C GLY C 74 14.88 34.23 -4.05
N VAL C 75 14.00 34.61 -3.13
CA VAL C 75 12.74 33.90 -2.95
C VAL C 75 11.74 34.32 -4.03
N THR C 76 11.25 33.33 -4.76
CA THR C 76 10.08 33.43 -5.64
C THR C 76 9.17 32.24 -5.29
N GLY C 77 8.02 32.17 -5.98
CA GLY C 77 7.00 31.18 -5.69
C GLY C 77 5.92 31.71 -4.75
N PHE C 78 6.20 32.84 -4.10
CA PHE C 78 5.20 33.56 -3.31
C PHE C 78 5.30 35.05 -3.56
N GLY C 79 4.14 35.70 -3.55
CA GLY C 79 4.03 37.16 -3.68
C GLY C 79 3.63 37.77 -2.34
N VAL C 80 3.97 39.04 -2.16
CA VAL C 80 3.58 39.76 -0.96
C VAL C 80 2.04 39.74 -0.85
N GLY C 81 1.53 39.48 0.35
CA GLY C 81 0.09 39.32 0.57
C GLY C 81 -0.45 37.90 0.51
N ASP C 82 0.30 36.94 -0.03
CA ASP C 82 -0.20 35.55 -0.11
C ASP C 82 -0.45 34.98 1.28
N ALA C 83 -1.63 34.37 1.48
CA ALA C 83 -1.97 33.74 2.74
C ALA C 83 -1.40 32.32 2.75
N VAL C 84 -0.64 32.02 3.81
CA VAL C 84 0.11 30.79 3.91
C VAL C 84 0.08 30.23 5.33
N ALA C 85 0.15 28.89 5.38
CA ALA C 85 0.30 28.15 6.62
C ALA C 85 1.74 27.69 6.69
N VAL C 86 2.28 27.64 7.90
CA VAL C 86 3.66 27.23 8.09
C VAL C 86 3.72 25.74 8.38
N TYR C 87 4.46 25.02 7.55
CA TYR C 87 4.82 23.65 7.85
C TYR C 87 5.84 23.66 8.99
N GLY C 88 5.47 23.07 10.11
CA GLY C 88 6.20 23.18 11.36
C GLY C 88 7.48 22.37 11.55
N PRO C 89 7.45 21.06 11.26
CA PRO C 89 8.60 20.21 11.63
C PRO C 89 9.72 20.20 10.59
N TRP C 90 10.47 21.30 10.57
CA TRP C 90 11.49 21.54 9.58
C TRP C 90 12.54 20.46 9.59
N GLY C 91 12.83 19.93 8.41
CA GLY C 91 13.93 18.99 8.22
C GLY C 91 15.01 19.55 7.33
N CYS C 92 15.99 18.72 7.03
CA CYS C 92 17.14 19.12 6.23
C CYS C 92 16.80 19.34 4.75
N GLY C 93 15.71 18.72 4.29
CA GLY C 93 15.26 18.88 2.89
C GLY C 93 15.94 17.98 1.87
N ALA C 94 16.98 17.25 2.30
CA ALA C 94 17.90 16.54 1.39
C ALA C 94 17.94 15.01 1.56
N CYS C 95 17.62 14.52 2.75
CA CYS C 95 17.72 13.08 3.06
C CYS C 95 16.56 12.33 2.43
N HIS C 96 16.61 11.01 2.53
CA HIS C 96 15.59 10.17 1.91
C HIS C 96 14.18 10.43 2.45
N ALA C 97 14.05 10.63 3.78
CA ALA C 97 12.76 11.03 4.36
C ALA C 97 12.31 12.39 3.83
N CYS C 98 13.19 13.38 3.86
CA CYS C 98 12.85 14.72 3.39
C CYS C 98 12.50 14.74 1.89
N ALA C 99 13.18 13.90 1.12
CA ALA C 99 12.93 13.82 -0.32
C ALA C 99 11.49 13.35 -0.60
N ARG C 100 10.88 12.61 0.32
CA ARG C 100 9.48 12.26 0.25
C ARG C 100 8.54 13.22 0.97
N GLY C 101 9.05 14.36 1.41
CA GLY C 101 8.26 15.32 2.17
C GLY C 101 8.10 14.99 3.64
N ARG C 102 8.76 13.92 4.10
CA ARG C 102 8.56 13.41 5.44
C ARG C 102 9.57 14.05 6.38
N GLU C 103 9.55 15.37 6.42
CA GLU C 103 10.55 16.12 7.17
C GLU C 103 10.38 15.92 8.68
N ASN C 104 9.16 15.55 9.05
CA ASN C 104 8.86 15.13 10.43
C ASN C 104 9.72 13.96 10.91
N TYR C 105 10.19 13.12 9.99
CA TYR C 105 11.06 11.99 10.32
C TYR C 105 12.48 12.18 9.83
N CYS C 106 12.90 13.43 9.63
CA CYS C 106 14.27 13.73 9.24
C CYS C 106 15.20 13.36 10.40
N THR C 107 16.27 12.65 10.14
CA THR C 107 17.27 12.36 11.21
C THR C 107 18.49 13.29 11.17
N ARG C 108 18.58 14.12 10.14
CA ARG C 108 19.72 15.03 9.97
C ARG C 108 19.52 16.41 10.59
N ALA C 109 18.28 16.78 10.90
CA ALA C 109 17.95 18.16 11.30
C ALA C 109 18.72 18.63 12.55
N ALA C 110 18.72 17.79 13.58
CA ALA C 110 19.43 18.08 14.85
C ALA C 110 20.89 18.45 14.62
N ASP C 111 21.65 17.56 13.98
CA ASP C 111 23.08 17.81 13.70
C ASP C 111 23.32 19.03 12.81
N LEU C 112 22.37 19.37 11.95
CA LEU C 112 22.48 20.57 11.13
C LEU C 112 22.02 21.86 11.83
N GLY C 113 21.56 21.77 13.08
CA GLY C 113 21.07 22.94 13.83
C GLY C 113 19.73 23.47 13.33
N ILE C 114 18.90 22.61 12.75
CA ILE C 114 17.61 23.00 12.23
C ILE C 114 16.60 22.72 13.31
N THR C 115 15.94 23.77 13.81
CA THR C 115 14.90 23.63 14.81
C THR C 115 13.58 24.24 14.32
N PRO C 116 12.44 23.71 14.76
CA PRO C 116 11.18 24.28 14.31
C PRO C 116 10.82 25.61 14.99
N PRO C 117 10.02 26.45 14.32
CA PRO C 117 9.49 27.67 14.92
C PRO C 117 8.66 27.33 16.16
N GLY C 118 8.89 28.07 17.23
CA GLY C 118 8.23 27.84 18.50
C GLY C 118 8.86 26.74 19.36
N LEU C 119 9.85 26.04 18.82
CA LEU C 119 10.45 24.87 19.46
C LEU C 119 11.96 24.85 19.20
N GLY C 120 12.59 26.01 19.30
CA GLY C 120 14.03 26.19 19.10
C GLY C 120 14.34 27.38 18.23
N SER C 121 13.45 27.66 17.27
CA SER C 121 13.51 28.89 16.46
C SER C 121 12.29 29.76 16.82
N PRO C 122 12.34 31.05 16.48
CA PRO C 122 11.24 31.92 16.91
C PRO C 122 9.89 31.54 16.27
N GLY C 123 8.87 31.45 17.11
CA GLY C 123 7.55 30.98 16.70
C GLY C 123 6.60 32.05 16.21
N SER C 124 5.33 31.68 16.14
CA SER C 124 4.30 32.49 15.51
C SER C 124 3.53 33.39 16.49
N MET C 125 3.84 33.31 17.79
CA MET C 125 3.15 34.16 18.74
C MET C 125 3.82 35.52 18.81
N ALA C 126 3.68 36.23 17.71
CA ALA C 126 4.34 37.52 17.50
C ALA C 126 3.64 38.17 16.32
N GLU C 127 3.89 39.46 16.14
CA GLU C 127 3.27 40.14 15.01
C GLU C 127 3.84 39.65 13.68
N TYR C 128 5.12 39.26 13.68
CA TYR C 128 5.80 38.78 12.49
C TYR C 128 6.62 37.54 12.83
N MET C 129 6.87 36.72 11.82
CA MET C 129 7.75 35.56 11.98
C MET C 129 8.49 35.24 10.70
N ILE C 130 9.68 34.69 10.88
CA ILE C 130 10.54 34.25 9.79
C ILE C 130 10.27 32.77 9.53
N VAL C 131 10.21 32.43 8.25
CA VAL C 131 10.20 31.06 7.76
C VAL C 131 11.48 30.90 6.94
N ASP C 132 12.15 29.77 7.15
CA ASP C 132 13.50 29.53 6.61
C ASP C 132 13.53 29.32 5.10
N SER C 133 12.47 28.76 4.55
CA SER C 133 12.46 28.34 3.17
C SER C 133 11.05 28.28 2.63
N ALA C 134 10.92 28.54 1.34
CA ALA C 134 9.62 28.49 0.64
C ALA C 134 8.91 27.16 0.76
N ARG C 135 9.67 26.06 0.82
CA ARG C 135 9.05 24.75 0.91
C ARG C 135 8.31 24.52 2.22
N HIS C 136 8.52 25.38 3.22
CA HIS C 136 7.80 25.31 4.47
C HIS C 136 6.55 26.20 4.54
N LEU C 137 6.11 26.72 3.40
CA LEU C 137 4.87 27.47 3.31
C LEU C 137 3.91 26.72 2.41
N VAL C 138 2.65 26.66 2.82
CA VAL C 138 1.60 26.06 2.04
C VAL C 138 0.51 27.11 1.85
N PRO C 139 0.06 27.36 0.60
CA PRO C 139 -1.02 28.37 0.44
C PRO C 139 -2.35 27.91 1.01
N ILE C 140 -3.07 28.84 1.63
CA ILE C 140 -4.41 28.57 2.19
C ILE C 140 -5.53 29.34 1.50
N GLY C 141 -5.19 30.21 0.54
CA GLY C 141 -6.17 31.05 -0.15
C GLY C 141 -6.97 31.87 0.84
N ASP C 142 -8.30 31.87 0.69
CA ASP C 142 -9.16 32.67 1.56
C ASP C 142 -9.67 31.94 2.84
N LEU C 143 -9.03 30.84 3.24
CA LEU C 143 -9.38 30.23 4.54
C LEU C 143 -9.25 31.22 5.67
N ASP C 144 -10.26 31.25 6.56
CA ASP C 144 -10.21 32.06 7.77
C ASP C 144 -8.94 31.70 8.55
N PRO C 145 -8.03 32.67 8.77
CA PRO C 145 -6.78 32.32 9.47
C PRO C 145 -6.97 31.69 10.85
N VAL C 146 -7.97 32.13 11.60
CA VAL C 146 -8.20 31.61 12.96
C VAL C 146 -8.46 30.10 12.95
N ALA C 147 -9.27 29.66 12.01
CA ALA C 147 -9.56 28.24 11.87
C ALA C 147 -8.44 27.50 11.15
N ALA C 148 -7.61 28.23 10.40
CA ALA C 148 -6.48 27.64 9.69
C ALA C 148 -5.27 27.35 10.57
N ALA C 149 -4.98 28.21 11.55
CA ALA C 149 -3.76 28.04 12.35
C ALA C 149 -3.65 26.64 12.97
N PRO C 150 -4.75 26.12 13.57
CA PRO C 150 -4.70 24.76 14.13
C PRO C 150 -4.46 23.63 13.15
N LEU C 151 -4.73 23.83 11.87
CA LEU C 151 -4.48 22.82 10.86
C LEU C 151 -3.02 22.38 10.86
N THR C 152 -2.12 23.30 11.23
CA THR C 152 -0.70 23.03 11.14
C THR C 152 -0.16 22.07 12.19
N ASP C 153 -0.95 21.76 13.21
CA ASP C 153 -0.54 20.76 14.18
C ASP C 153 -1.72 19.97 14.71
N ALA C 154 -2.74 20.67 15.24
CA ALA C 154 -4.00 20.01 15.61
C ALA C 154 -4.64 19.25 14.45
N GLY C 155 -4.46 19.72 13.23
CA GLY C 155 -4.90 18.99 12.05
C GLY C 155 -3.86 18.01 11.53
N LEU C 156 -2.64 18.52 11.31
CA LEU C 156 -1.56 17.72 10.74
C LEU C 156 -1.25 16.44 11.51
N THR C 157 -1.14 16.54 12.83
CA THR C 157 -0.71 15.40 13.61
C THR C 157 -1.74 14.25 13.59
N PRO C 158 -3.02 14.52 13.89
CA PRO C 158 -4.01 13.45 13.75
C PRO C 158 -4.12 12.93 12.31
N TYR C 159 -3.98 13.84 11.35
CA TYR C 159 -4.06 13.43 9.95
C TYR C 159 -2.99 12.42 9.60
N HIS C 160 -1.76 12.71 10.04
CA HIS C 160 -0.66 11.79 9.81
C HIS C 160 -0.87 10.45 10.54
N ALA C 161 -1.29 10.51 11.79
CA ALA C 161 -1.54 9.33 12.59
C ALA C 161 -2.58 8.43 11.93
N ILE C 162 -3.65 9.04 11.46
CA ILE C 162 -4.72 8.32 10.75
C ILE C 162 -4.22 7.76 9.43
N SER C 163 -3.46 8.57 8.70
CA SER C 163 -2.95 8.19 7.38
C SER C 163 -2.06 6.95 7.41
N ARG C 164 -1.33 6.75 8.49
CA ARG C 164 -0.44 5.63 8.63
C ARG C 164 -1.21 4.31 8.51
N VAL C 165 -2.46 4.28 8.94
CA VAL C 165 -3.25 3.06 8.96
C VAL C 165 -4.59 3.18 8.26
N LEU C 166 -4.71 4.16 7.36
CA LEU C 166 -5.97 4.40 6.70
C LEU C 166 -6.55 3.15 5.99
N PRO C 167 -5.67 2.31 5.37
CA PRO C 167 -6.22 1.11 4.78
C PRO C 167 -6.93 0.14 5.73
N LEU C 168 -6.67 0.22 7.05
CA LEU C 168 -7.42 -0.58 8.01
C LEU C 168 -8.84 -0.12 8.23
N LEU C 169 -9.11 1.16 7.92
CA LEU C 169 -10.32 1.82 8.38
C LEU C 169 -11.40 1.81 7.31
N GLY C 170 -11.72 0.62 6.84
CA GLY C 170 -12.75 0.41 5.84
C GLY C 170 -14.13 0.41 6.44
N PRO C 171 -15.16 0.26 5.60
CA PRO C 171 -16.50 0.06 6.10
C PRO C 171 -16.55 -1.13 7.07
N GLY C 172 -17.24 -0.94 8.17
CA GLY C 172 -17.32 -1.94 9.23
C GLY C 172 -16.27 -1.74 10.31
N SER C 173 -15.26 -0.90 10.07
CA SER C 173 -14.25 -0.63 11.07
C SER C 173 -14.75 0.35 12.13
N THR C 174 -14.06 0.35 13.26
CA THR C 174 -14.31 1.29 14.34
C THR C 174 -12.99 1.96 14.70
N ALA C 175 -13.02 3.28 14.85
CA ALA C 175 -11.88 4.03 15.34
C ALA C 175 -12.29 4.67 16.67
N VAL C 176 -11.47 4.47 17.70
CA VAL C 176 -11.63 5.14 18.98
C VAL C 176 -10.69 6.35 19.01
N VAL C 177 -11.22 7.50 19.44
CA VAL C 177 -10.45 8.71 19.64
C VAL C 177 -10.51 8.99 21.12
N ILE C 178 -9.35 8.97 21.77
CA ILE C 178 -9.25 9.28 23.18
C ILE C 178 -8.68 10.68 23.35
N GLY C 179 -9.46 11.56 23.97
CA GLY C 179 -9.06 12.94 24.18
C GLY C 179 -9.63 13.82 23.10
N VAL C 180 -10.68 14.58 23.45
CA VAL C 180 -11.37 15.44 22.49
C VAL C 180 -11.02 16.90 22.77
N GLY C 181 -9.74 17.21 22.63
CA GLY C 181 -9.24 18.58 22.75
C GLY C 181 -8.88 19.14 21.42
N GLY C 182 -7.80 19.91 21.39
CA GLY C 182 -7.31 20.51 20.17
C GLY C 182 -7.12 19.48 19.06
N LEU C 183 -6.31 18.47 19.32
CA LEU C 183 -6.05 17.44 18.32
C LEU C 183 -7.26 16.54 18.13
N GLY C 184 -7.84 16.07 19.22
CA GLY C 184 -8.87 15.04 19.13
C GLY C 184 -10.12 15.47 18.39
N HIS C 185 -10.54 16.70 18.61
CA HIS C 185 -11.77 17.17 17.97
C HIS C 185 -11.57 17.31 16.47
N VAL C 186 -10.33 17.53 16.03
CA VAL C 186 -10.03 17.54 14.61
C VAL C 186 -9.87 16.11 14.08
N GLY C 187 -9.22 15.25 14.86
CA GLY C 187 -9.10 13.81 14.54
C GLY C 187 -10.39 13.11 14.21
N ILE C 188 -11.44 13.39 15.00
CA ILE C 188 -12.77 12.84 14.74
C ILE C 188 -13.23 13.22 13.35
N GLN C 189 -13.04 14.49 13.00
CA GLN C 189 -13.53 15.01 11.74
C GLN C 189 -12.74 14.47 10.56
N ILE C 190 -11.45 14.27 10.74
CA ILE C 190 -10.63 13.68 9.69
C ILE C 190 -11.11 12.25 9.45
N LEU C 191 -11.32 11.49 10.51
CA LEU C 191 -11.82 10.11 10.37
C LEU C 191 -13.12 10.06 9.58
N ARG C 192 -14.04 10.98 9.86
CA ARG C 192 -15.31 11.03 9.15
C ARG C 192 -15.12 11.39 7.67
N ALA C 193 -14.14 12.25 7.37
CA ALA C 193 -13.92 12.73 6.03
C ALA C 193 -13.19 11.72 5.12
N VAL C 194 -12.23 11.00 5.66
CA VAL C 194 -11.36 10.15 4.84
C VAL C 194 -11.60 8.65 4.98
N SER C 195 -12.54 8.28 5.85
CA SER C 195 -12.88 6.86 6.05
C SER C 195 -14.34 6.68 6.30
N ALA C 196 -14.76 5.41 6.25
CA ALA C 196 -16.10 5.05 6.67
C ALA C 196 -16.10 4.43 8.06
N ALA C 197 -15.05 4.64 8.84
CA ALA C 197 -15.00 4.13 10.21
C ALA C 197 -16.10 4.73 11.07
N ARG C 198 -16.66 3.90 11.94
CA ARG C 198 -17.49 4.36 13.03
C ARG C 198 -16.57 4.96 14.08
N VAL C 199 -16.91 6.15 14.60
CA VAL C 199 -16.00 6.85 15.50
C VAL C 199 -16.58 6.91 16.90
N ILE C 200 -15.82 6.37 17.86
CA ILE C 200 -16.18 6.43 19.28
C ILE C 200 -15.20 7.36 19.96
N ALA C 201 -15.72 8.43 20.55
CA ALA C 201 -14.89 9.40 21.26
C ALA C 201 -14.91 9.11 22.75
N VAL C 202 -13.77 9.37 23.40
CA VAL C 202 -13.59 9.09 24.82
C VAL C 202 -12.97 10.32 25.47
N ASP C 203 -13.56 10.79 26.56
CA ASP C 203 -12.99 11.94 27.28
C ASP C 203 -13.45 11.87 28.72
N LEU C 204 -12.74 12.56 29.59
CA LEU C 204 -13.12 12.66 31.01
C LEU C 204 -14.33 13.58 31.21
N ASP C 205 -14.47 14.56 30.32
CA ASP C 205 -15.31 15.73 30.54
CA ASP C 205 -15.33 15.70 30.55
C ASP C 205 -16.55 15.60 29.64
N ASP C 206 -17.75 15.64 30.26
CA ASP C 206 -19.00 15.58 29.49
C ASP C 206 -19.16 16.64 28.43
N ASP C 207 -18.67 17.85 28.70
CA ASP C 207 -18.71 18.91 27.69
C ASP C 207 -17.85 18.58 26.46
N ARG C 208 -16.73 17.89 26.67
CA ARG C 208 -15.89 17.44 25.57
C ARG C 208 -16.56 16.30 24.80
N LEU C 209 -17.29 15.43 25.49
CA LEU C 209 -18.09 14.41 24.81
C LEU C 209 -19.18 15.07 23.95
N ALA C 210 -19.77 16.15 24.44
CA ALA C 210 -20.74 16.92 23.65
C ALA C 210 -20.07 17.49 22.41
N LEU C 211 -18.87 18.06 22.58
CA LEU C 211 -18.09 18.54 21.44
C LEU C 211 -17.83 17.41 20.43
N ALA C 212 -17.48 16.23 20.94
CA ALA C 212 -17.24 15.08 20.07
C ALA C 212 -18.45 14.77 19.19
N ARG C 213 -19.63 14.75 19.79
CA ARG C 213 -20.88 14.51 19.06
C ARG C 213 -21.15 15.64 18.07
N GLU C 214 -20.89 16.88 18.48
CA GLU C 214 -21.06 18.05 17.59
C GLU C 214 -20.21 17.94 16.32
N VAL C 215 -19.02 17.37 16.41
CA VAL C 215 -18.11 17.26 15.25
C VAL C 215 -18.16 15.90 14.56
N GLY C 216 -19.12 15.06 14.94
CA GLY C 216 -19.45 13.87 14.17
C GLY C 216 -19.13 12.52 14.76
N ALA C 217 -18.74 12.46 16.03
CA ALA C 217 -18.56 11.15 16.68
C ALA C 217 -19.88 10.41 16.73
N ASP C 218 -19.83 9.11 16.45
CA ASP C 218 -21.01 8.25 16.47
C ASP C 218 -21.45 7.91 17.89
N ALA C 219 -20.48 7.83 18.79
CA ALA C 219 -20.74 7.52 20.19
C ALA C 219 -19.69 8.21 21.03
N ALA C 220 -20.03 8.40 22.30
CA ALA C 220 -19.16 9.09 23.21
C ALA C 220 -19.17 8.30 24.50
N VAL C 221 -17.99 8.08 25.03
CA VAL C 221 -17.80 7.21 26.21
C VAL C 221 -16.97 8.01 27.21
N LYS C 222 -17.40 7.93 28.46
CA LYS C 222 -16.65 8.49 29.55
C LYS C 222 -15.32 7.72 29.76
N SER C 223 -14.20 8.45 29.84
CA SER C 223 -12.91 7.81 30.06
C SER C 223 -12.81 7.31 31.47
N GLY C 224 -11.85 6.41 31.72
CA GLY C 224 -11.67 5.87 33.06
C GLY C 224 -11.90 4.37 33.05
N ALA C 225 -12.12 3.84 34.25
CA ALA C 225 -12.10 2.38 34.46
C ALA C 225 -13.18 1.64 33.66
N GLY C 226 -14.33 2.29 33.40
CA GLY C 226 -15.42 1.68 32.65
C GLY C 226 -15.32 1.78 31.13
N ALA C 227 -14.35 2.54 30.62
CA ALA C 227 -14.31 2.86 29.21
C ALA C 227 -14.10 1.63 28.33
N ALA C 228 -13.20 0.75 28.74
CA ALA C 228 -12.90 -0.44 27.94
C ALA C 228 -14.14 -1.29 27.74
N ASP C 229 -14.87 -1.54 28.81
CA ASP C 229 -16.09 -2.35 28.73
C ASP C 229 -17.17 -1.66 27.87
N ALA C 230 -17.29 -0.34 28.02
CA ALA C 230 -18.28 0.42 27.27
C ALA C 230 -17.96 0.38 25.77
N ILE C 231 -16.68 0.53 25.43
CA ILE C 231 -16.24 0.45 24.04
C ILE C 231 -16.48 -0.94 23.47
N ARG C 232 -16.12 -1.97 24.23
CA ARG C 232 -16.39 -3.35 23.79
C ARG C 232 -17.86 -3.66 23.57
N GLU C 233 -18.73 -3.07 24.39
CA GLU C 233 -20.17 -3.23 24.20
C GLU C 233 -20.61 -2.60 22.86
N LEU C 234 -20.03 -1.45 22.53
CA LEU C 234 -20.32 -0.78 21.27
C LEU C 234 -19.77 -1.54 20.05
N THR C 235 -18.62 -2.21 20.18
CA THR C 235 -17.98 -2.92 19.06
C THR C 235 -18.39 -4.41 18.97
N GLY C 236 -19.38 -4.84 19.75
CA GLY C 236 -19.90 -6.21 19.70
C GLY C 236 -18.95 -7.29 20.22
N GLY C 237 -17.95 -6.90 21.01
CA GLY C 237 -16.97 -7.84 21.54
C GLY C 237 -15.69 -8.00 20.74
N GLN C 238 -15.65 -7.45 19.53
CA GLN C 238 -14.50 -7.63 18.62
C GLN C 238 -13.42 -6.59 18.86
N GLY C 239 -13.79 -5.50 19.50
CA GLY C 239 -12.85 -4.45 19.77
C GLY C 239 -12.75 -3.48 18.61
N ALA C 240 -11.92 -2.47 18.80
CA ALA C 240 -11.81 -1.37 17.89
C ALA C 240 -10.67 -1.63 16.92
N THR C 241 -10.94 -1.40 15.66
CA THR C 241 -9.92 -1.53 14.63
C THR C 241 -8.70 -0.66 14.89
N ALA C 242 -8.93 0.59 15.27
CA ALA C 242 -7.84 1.50 15.60
C ALA C 242 -8.19 2.38 16.78
N VAL C 243 -7.21 2.65 17.61
CA VAL C 243 -7.36 3.57 18.71
C VAL C 243 -6.34 4.68 18.53
N PHE C 244 -6.82 5.91 18.49
CA PHE C 244 -5.97 7.10 18.36
C PHE C 244 -6.02 7.77 19.71
N ASP C 245 -4.94 7.63 20.46
CA ASP C 245 -4.89 8.10 21.84
C ASP C 245 -4.18 9.44 21.85
N PHE C 246 -4.97 10.51 21.94
CA PHE C 246 -4.44 11.88 22.00
C PHE C 246 -4.15 12.36 23.41
N VAL C 247 -4.25 11.45 24.39
CA VAL C 247 -3.91 11.76 25.77
C VAL C 247 -2.57 11.11 26.06
N GLY C 248 -2.49 9.81 25.86
CA GLY C 248 -1.26 9.07 26.03
C GLY C 248 -0.84 8.88 27.49
N ALA C 249 -1.78 8.96 28.42
CA ALA C 249 -1.51 8.64 29.81
C ALA C 249 -1.48 7.12 29.91
N GLN C 250 -0.87 6.59 30.98
CA GLN C 250 -0.85 5.13 31.14
C GLN C 250 -2.27 4.54 31.13
N SER C 251 -3.21 5.21 31.78
CA SER C 251 -4.59 4.70 31.88
C SER C 251 -5.26 4.62 30.49
N THR C 252 -5.03 5.62 29.63
CA THR C 252 -5.64 5.63 28.29
C THR C 252 -4.97 4.64 27.34
N ILE C 253 -3.65 4.49 27.49
CA ILE C 253 -2.93 3.46 26.72
C ILE C 253 -3.43 2.08 27.15
N ASP C 254 -3.65 1.88 28.44
CA ASP C 254 -4.19 0.62 28.93
C ASP C 254 -5.58 0.37 28.37
N THR C 255 -6.42 1.40 28.38
CA THR C 255 -7.74 1.30 27.72
C THR C 255 -7.59 0.86 26.27
N ALA C 256 -6.68 1.52 25.57
CA ALA C 256 -6.40 1.23 24.16
C ALA C 256 -6.02 -0.24 23.96
N GLN C 257 -5.13 -0.76 24.78
CA GLN C 257 -4.72 -2.17 24.66
C GLN C 257 -5.85 -3.14 24.99
N GLN C 258 -6.74 -2.76 25.88
CA GLN C 258 -7.87 -3.59 26.26
C GLN C 258 -9.01 -3.60 25.25
N VAL C 259 -9.02 -2.63 24.33
CA VAL C 259 -10.09 -2.56 23.32
C VAL C 259 -9.65 -2.82 21.88
N VAL C 260 -8.35 -2.74 21.57
CA VAL C 260 -7.91 -2.86 20.20
C VAL C 260 -8.21 -4.28 19.68
N ALA C 261 -8.58 -4.34 18.40
CA ALA C 261 -8.88 -5.60 17.75
C ALA C 261 -7.59 -6.32 17.36
N VAL C 262 -7.72 -7.62 17.16
CA VAL C 262 -6.72 -8.43 16.45
C VAL C 262 -6.44 -7.75 15.11
N ASP C 263 -5.16 -7.63 14.77
CA ASP C 263 -4.71 -7.00 13.52
C ASP C 263 -5.11 -5.53 13.41
N GLY C 264 -5.29 -4.88 14.56
CA GLY C 264 -5.66 -3.47 14.63
C GLY C 264 -4.45 -2.61 14.86
N HIS C 265 -4.68 -1.43 15.44
CA HIS C 265 -3.63 -0.43 15.58
C HIS C 265 -3.90 0.47 16.77
N ILE C 266 -2.85 0.81 17.51
CA ILE C 266 -2.90 1.85 18.52
C ILE C 266 -1.88 2.90 18.14
N SER C 267 -2.35 4.14 18.03
CA SER C 267 -1.50 5.28 17.74
C SER C 267 -1.44 6.12 19.03
N VAL C 268 -0.27 6.14 19.66
CA VAL C 268 -0.06 6.88 20.90
C VAL C 268 0.45 8.25 20.48
N VAL C 269 -0.45 9.21 20.44
CA VAL C 269 -0.15 10.55 19.92
C VAL C 269 0.10 11.53 21.06
N GLY C 270 -0.73 11.46 22.09
CA GLY C 270 -0.55 12.28 23.26
C GLY C 270 0.71 11.90 24.02
N ILE C 271 1.29 12.90 24.67
CA ILE C 271 2.56 12.77 25.37
C ILE C 271 2.33 12.90 26.87
N HIS C 272 2.65 11.86 27.60
CA HIS C 272 2.61 11.85 29.06
C HIS C 272 3.87 11.09 29.47
N ALA C 273 4.84 11.79 30.04
CA ALA C 273 6.17 11.23 30.36
C ALA C 273 6.10 9.91 31.13
N GLY C 274 6.81 8.88 30.65
CA GLY C 274 6.83 7.57 31.30
C GLY C 274 5.76 6.62 30.80
N ALA C 275 4.69 7.14 30.21
CA ALA C 275 3.60 6.28 29.77
C ALA C 275 4.03 5.52 28.54
N HIS C 276 3.61 4.28 28.43
CA HIS C 276 3.97 3.48 27.25
C HIS C 276 3.05 2.31 27.08
N ALA C 277 2.84 1.91 25.83
CA ALA C 277 2.18 0.64 25.54
C ALA C 277 3.15 -0.50 25.83
N LYS C 278 2.58 -1.63 26.22
CA LYS C 278 3.35 -2.83 26.49
C LYS C 278 3.04 -3.82 25.40
N VAL C 279 3.92 -3.90 24.41
CA VAL C 279 3.66 -4.69 23.22
C VAL C 279 4.40 -6.00 23.33
N GLY C 280 3.67 -7.04 23.68
CA GLY C 280 4.24 -8.35 23.85
C GLY C 280 3.14 -9.38 23.86
N PHE C 281 3.51 -10.63 23.66
CA PHE C 281 2.52 -11.71 23.62
C PHE C 281 1.74 -11.77 24.92
N PHE C 282 0.44 -12.01 24.81
CA PHE C 282 -0.49 -12.07 25.96
C PHE C 282 -0.81 -10.70 26.58
N MET C 283 -0.20 -9.63 26.10
CA MET C 283 -0.44 -8.28 26.62
C MET C 283 -1.16 -7.39 25.61
N ILE C 284 -1.26 -7.87 24.37
CA ILE C 284 -1.86 -7.15 23.30
C ILE C 284 -2.34 -8.17 22.27
N PRO C 285 -3.39 -7.88 21.50
CA PRO C 285 -3.79 -8.88 20.51
C PRO C 285 -2.76 -9.11 19.42
N PHE C 286 -2.79 -10.32 18.86
CA PHE C 286 -1.99 -10.65 17.68
C PHE C 286 -2.19 -9.62 16.59
N GLY C 287 -1.10 -9.20 15.97
CA GLY C 287 -1.15 -8.33 14.82
C GLY C 287 -1.52 -6.88 15.07
N ALA C 288 -1.75 -6.49 16.34
CA ALA C 288 -2.12 -5.12 16.65
C ALA C 288 -0.86 -4.30 16.81
N SER C 289 -0.62 -3.43 15.86
CA SER C 289 0.60 -2.62 15.87
C SER C 289 0.41 -1.37 16.72
N VAL C 290 1.52 -0.87 17.25
CA VAL C 290 1.53 0.30 18.08
C VAL C 290 2.65 1.22 17.63
N VAL C 291 2.37 2.52 17.60
CA VAL C 291 3.36 3.50 17.19
C VAL C 291 3.14 4.81 17.93
N THR C 292 4.21 5.59 18.08
CA THR C 292 4.14 7.00 18.48
C THR C 292 4.48 7.84 17.27
N PRO C 293 3.47 8.36 16.56
CA PRO C 293 3.73 9.16 15.39
C PRO C 293 4.14 10.57 15.81
N PHE C 294 4.73 11.31 14.89
CA PHE C 294 5.19 12.66 15.17
C PHE C 294 4.85 13.58 14.02
N ALA C 295 4.08 14.61 14.33
CA ALA C 295 3.74 15.68 13.39
C ALA C 295 3.16 15.06 12.10
N GLY C 296 3.59 15.53 10.94
CA GLY C 296 3.15 14.97 9.68
C GLY C 296 4.02 15.47 8.56
N THR C 297 3.68 15.04 7.36
CA THR C 297 4.47 15.33 6.19
C THR C 297 3.98 16.58 5.45
N ARG C 298 4.80 17.06 4.54
CA ARG C 298 4.46 18.22 3.73
C ARG C 298 3.16 18.02 2.95
N SER C 299 3.04 16.87 2.29
CA SER C 299 1.86 16.61 1.47
C SER C 299 0.64 16.41 2.36
N GLU C 300 0.84 15.86 3.55
CA GLU C 300 -0.25 15.74 4.52
C GLU C 300 -0.78 17.11 4.95
N LEU C 301 0.11 18.08 5.17
CA LEU C 301 -0.38 19.43 5.49
C LEU C 301 -1.24 19.98 4.35
N MET C 302 -0.82 19.77 3.11
CA MET C 302 -1.60 20.22 1.96
C MET C 302 -2.98 19.56 1.94
N GLU C 303 -3.02 18.27 2.29
CA GLU C 303 -4.28 17.53 2.34
C GLU C 303 -5.19 18.04 3.46
N VAL C 304 -4.60 18.38 4.60
CA VAL C 304 -5.38 18.96 5.69
C VAL C 304 -6.01 20.28 5.27
N VAL C 305 -5.20 21.12 4.63
CA VAL C 305 -5.70 22.37 4.09
C VAL C 305 -6.83 22.12 3.06
N ALA C 306 -6.66 21.12 2.21
CA ALA C 306 -7.71 20.76 1.25
C ALA C 306 -9.01 20.33 1.93
N LEU C 307 -8.92 19.59 3.04
CA LEU C 307 -10.11 19.23 3.80
C LEU C 307 -10.81 20.46 4.34
N ALA C 308 -10.02 21.37 4.90
CA ALA C 308 -10.55 22.63 5.43
C ALA C 308 -11.25 23.45 4.36
N ARG C 309 -10.60 23.58 3.21
CA ARG C 309 -11.17 24.33 2.09
C ARG C 309 -12.45 23.70 1.54
N ALA C 310 -12.57 22.37 1.63
CA ALA C 310 -13.77 21.66 1.18
C ALA C 310 -14.91 21.68 2.22
N GLY C 311 -14.68 22.28 3.39
CA GLY C 311 -15.72 22.41 4.40
C GLY C 311 -15.86 21.19 5.28
N ARG C 312 -14.83 20.33 5.32
CA ARG C 312 -14.90 19.08 6.07
C ARG C 312 -14.42 19.19 7.50
N LEU C 313 -13.79 20.31 7.85
CA LEU C 313 -13.23 20.50 9.19
C LEU C 313 -13.81 21.76 9.83
N ASP C 314 -14.59 21.57 10.88
CA ASP C 314 -15.12 22.67 11.70
C ASP C 314 -14.19 22.77 12.90
N ILE C 315 -13.28 23.72 12.85
CA ILE C 315 -12.28 23.89 13.88
C ILE C 315 -12.86 24.79 14.96
N HIS C 316 -13.02 24.26 16.15
CA HIS C 316 -13.53 25.01 17.29
C HIS C 316 -12.37 25.75 17.93
N THR C 317 -12.50 27.06 18.00
CA THR C 317 -11.46 27.92 18.53
C THR C 317 -12.00 28.93 19.54
N GLU C 318 -11.08 29.45 20.34
CA GLU C 318 -11.28 30.68 21.08
C GLU C 318 -10.13 31.61 20.75
N THR C 319 -10.45 32.87 20.51
CA THR C 319 -9.49 33.86 20.04
C THR C 319 -8.98 34.69 21.20
N PHE C 320 -7.68 34.98 21.18
CA PHE C 320 -7.00 35.80 22.16
C PHE C 320 -6.13 36.83 21.45
N THR C 321 -5.90 37.96 22.09
CA THR C 321 -4.91 38.92 21.60
C THR C 321 -3.51 38.46 22.04
N LEU C 322 -2.47 39.09 21.51
CA LEU C 322 -1.10 38.84 21.99
C LEU C 322 -0.94 39.15 23.47
N ASP C 323 -1.53 40.25 23.90
CA ASP C 323 -1.55 40.65 25.33
C ASP C 323 -2.17 39.58 26.23
N GLU C 324 -3.16 38.85 25.70
CA GLU C 324 -3.82 37.76 26.41
C GLU C 324 -3.12 36.40 26.27
N GLY C 325 -1.97 36.37 25.58
CA GLY C 325 -1.28 35.12 25.33
C GLY C 325 -0.96 34.34 26.60
N PRO C 326 -0.34 35.00 27.58
CA PRO C 326 -0.09 34.30 28.86
C PRO C 326 -1.37 33.79 29.53
N ALA C 327 -2.44 34.60 29.54
CA ALA C 327 -3.74 34.15 30.05
C ALA C 327 -4.27 32.93 29.30
N ALA C 328 -4.11 32.93 27.99
CA ALA C 328 -4.52 31.80 27.15
C ALA C 328 -3.78 30.52 27.53
N TYR C 329 -2.48 30.64 27.81
CA TYR C 329 -1.69 29.49 28.29
C TYR C 329 -2.17 28.97 29.65
N ARG C 330 -2.57 29.88 30.54
CA ARG C 330 -3.21 29.47 31.82
C ARG C 330 -4.52 28.71 31.57
N ARG C 331 -5.31 29.19 30.61
CA ARG C 331 -6.57 28.53 30.23
C ARG C 331 -6.30 27.12 29.67
N LEU C 332 -5.28 27.01 28.83
CA LEU C 332 -4.88 25.72 28.28
C LEU C 332 -4.47 24.76 29.39
N ARG C 333 -3.63 25.24 30.32
CA ARG C 333 -3.25 24.46 31.51
C ARG C 333 -4.42 23.90 32.28
N GLU C 334 -5.40 24.75 32.57
CA GLU C 334 -6.55 24.32 33.38
C GLU C 334 -7.60 23.54 32.58
N GLY C 335 -7.48 23.48 31.27
CA GLY C 335 -8.39 22.70 30.42
C GLY C 335 -9.72 23.40 30.12
N SER C 336 -9.69 24.72 30.01
CA SER C 336 -10.92 25.48 29.84
C SER C 336 -11.07 26.10 28.45
N ILE C 337 -10.28 25.64 27.48
CA ILE C 337 -10.46 26.08 26.08
C ILE C 337 -11.19 24.97 25.35
N ARG C 338 -12.37 25.30 24.82
CA ARG C 338 -13.20 24.33 24.13
C ARG C 338 -12.74 24.17 22.68
N GLY C 339 -11.73 23.34 22.49
CA GLY C 339 -11.10 23.18 21.18
C GLY C 339 -9.68 23.76 21.25
N ARG C 340 -9.36 24.64 20.30
CA ARG C 340 -8.02 25.22 20.18
C ARG C 340 -7.99 26.70 20.52
N GLY C 341 -7.05 27.11 21.36
CA GLY C 341 -6.78 28.53 21.58
C GLY C 341 -6.00 29.07 20.42
N VAL C 342 -6.35 30.27 19.95
CA VAL C 342 -5.69 30.92 18.83
C VAL C 342 -5.46 32.38 19.14
N VAL C 343 -4.20 32.79 19.07
CA VAL C 343 -3.84 34.19 19.22
C VAL C 343 -3.91 34.86 17.87
N VAL C 344 -4.56 36.02 17.82
CA VAL C 344 -4.66 36.83 16.62
C VAL C 344 -3.94 38.14 16.90
N PRO C 345 -2.73 38.33 16.33
CA PRO C 345 -2.00 39.59 16.55
C PRO C 345 -2.72 40.78 15.92
N THR C 346 -2.71 41.92 16.63
CA THR C 346 -3.38 43.19 16.23
C THR C 346 -2.41 44.05 15.44
N MET D 1 -41.59 -24.23 -9.26
CA MET D 1 -41.41 -22.79 -8.89
C MET D 1 -41.42 -21.90 -10.13
N LYS D 2 -41.71 -20.63 -9.91
CA LYS D 2 -41.68 -19.63 -10.96
C LYS D 2 -40.26 -19.12 -11.13
N ALA D 3 -39.86 -18.94 -12.39
CA ALA D 3 -38.55 -18.35 -12.71
C ALA D 3 -38.65 -17.54 -13.99
N VAL D 4 -37.69 -16.65 -14.19
CA VAL D 4 -37.55 -15.91 -15.45
C VAL D 4 -36.32 -16.45 -16.13
N GLN D 5 -36.51 -16.97 -17.34
CA GLN D 5 -35.42 -17.58 -18.07
C GLN D 5 -35.22 -16.99 -19.45
N TYR D 6 -33.97 -16.92 -19.87
CA TYR D 6 -33.61 -16.72 -21.27
C TYR D 6 -33.64 -18.10 -21.91
N THR D 7 -34.52 -18.29 -22.89
CA THR D 7 -34.81 -19.63 -23.44
C THR D 7 -34.48 -19.82 -24.94
N GLU D 8 -34.41 -18.71 -25.68
CA GLU D 8 -34.17 -18.74 -27.12
C GLU D 8 -33.33 -17.56 -27.52
N ILE D 9 -32.28 -17.79 -28.31
CA ILE D 9 -31.37 -16.72 -28.72
C ILE D 9 -32.15 -15.63 -29.45
N GLY D 10 -31.94 -14.38 -29.07
CA GLY D 10 -32.63 -13.24 -29.70
C GLY D 10 -34.05 -12.94 -29.22
N SER D 11 -34.59 -13.77 -28.33
CA SER D 11 -35.95 -13.61 -27.82
C SER D 11 -35.92 -12.99 -26.43
N GLU D 12 -37.03 -12.39 -26.05
CA GLU D 12 -37.19 -11.88 -24.71
C GLU D 12 -37.21 -13.03 -23.70
N PRO D 13 -36.74 -12.76 -22.47
CA PRO D 13 -36.88 -13.79 -21.46
C PRO D 13 -38.34 -14.04 -21.12
N VAL D 14 -38.61 -15.24 -20.61
CA VAL D 14 -39.97 -15.67 -20.34
C VAL D 14 -40.13 -16.18 -18.91
N VAL D 15 -41.34 -16.02 -18.39
CA VAL D 15 -41.71 -16.58 -17.10
C VAL D 15 -42.04 -18.05 -17.32
N VAL D 16 -41.43 -18.93 -16.53
CA VAL D 16 -41.57 -20.37 -16.68
C VAL D 16 -41.94 -20.98 -15.34
N ASP D 17 -42.38 -22.24 -15.37
CA ASP D 17 -42.55 -23.05 -14.17
C ASP D 17 -41.56 -24.20 -14.30
N ILE D 18 -40.63 -24.28 -13.35
CA ILE D 18 -39.59 -25.32 -13.38
C ILE D 18 -39.47 -25.93 -11.97
N PRO D 19 -38.88 -27.14 -11.84
CA PRO D 19 -38.77 -27.74 -10.51
C PRO D 19 -37.98 -26.88 -9.51
N THR D 20 -38.47 -26.83 -8.28
CA THR D 20 -37.70 -26.24 -7.18
C THR D 20 -36.48 -27.15 -7.00
N PRO D 21 -35.26 -26.57 -7.04
CA PRO D 21 -34.06 -27.41 -6.87
C PRO D 21 -33.88 -27.88 -5.43
N THR D 22 -33.08 -28.93 -5.28
CA THR D 22 -32.77 -29.53 -3.99
C THR D 22 -31.26 -29.40 -3.81
N PRO D 23 -30.80 -28.95 -2.63
CA PRO D 23 -29.34 -28.78 -2.46
C PRO D 23 -28.63 -30.13 -2.26
N GLY D 24 -27.60 -30.36 -3.08
CA GLY D 24 -26.67 -31.48 -2.87
C GLY D 24 -25.70 -31.17 -1.74
N PRO D 25 -24.73 -32.09 -1.48
CA PRO D 25 -23.74 -31.86 -0.42
C PRO D 25 -22.97 -30.54 -0.62
N GLY D 26 -22.80 -29.78 0.47
CA GLY D 26 -22.11 -28.49 0.41
C GLY D 26 -22.94 -27.33 -0.09
N GLU D 27 -24.08 -27.58 -0.74
CA GLU D 27 -24.88 -26.52 -1.33
C GLU D 27 -25.91 -25.97 -0.34
N ILE D 28 -26.42 -24.78 -0.64
CA ILE D 28 -27.45 -24.13 0.14
C ILE D 28 -28.57 -23.73 -0.79
N LEU D 29 -29.81 -24.00 -0.37
CA LEU D 29 -30.99 -23.54 -1.10
C LEU D 29 -31.44 -22.26 -0.43
N LEU D 30 -31.55 -21.19 -1.21
CA LEU D 30 -32.12 -19.94 -0.73
C LEU D 30 -33.53 -19.74 -1.25
N LYS D 31 -34.40 -19.23 -0.39
CA LYS D 31 -35.62 -18.59 -0.83
C LYS D 31 -35.25 -17.17 -1.20
N VAL D 32 -35.40 -16.84 -2.47
CA VAL D 32 -34.96 -15.53 -2.97
C VAL D 32 -35.93 -14.46 -2.47
N THR D 33 -35.37 -13.41 -1.89
CA THR D 33 -36.15 -12.28 -1.42
C THR D 33 -36.02 -11.08 -2.35
N ALA D 34 -34.94 -11.02 -3.14
CA ALA D 34 -34.79 -9.93 -4.11
C ALA D 34 -33.75 -10.33 -5.14
N ALA D 35 -34.01 -9.95 -6.40
CA ALA D 35 -33.11 -10.30 -7.49
C ALA D 35 -32.93 -9.06 -8.36
N GLY D 36 -31.70 -8.57 -8.45
CA GLY D 36 -31.42 -7.33 -9.18
C GLY D 36 -31.29 -7.55 -10.68
N LEU D 37 -31.74 -6.56 -11.47
CA LEU D 37 -31.52 -6.56 -12.92
C LEU D 37 -30.31 -5.72 -13.23
N CYS D 38 -29.35 -6.27 -13.95
CA CYS D 38 -28.13 -5.57 -14.31
C CYS D 38 -28.11 -5.41 -15.82
N TYR D 39 -27.59 -4.29 -16.30
CA TYR D 39 -27.51 -4.10 -17.75
C TYR D 39 -26.64 -5.16 -18.43
N SER D 40 -25.74 -5.80 -17.69
CA SER D 40 -24.99 -6.92 -18.26
C SER D 40 -25.93 -8.04 -18.78
N ASP D 41 -27.08 -8.21 -18.17
CA ASP D 41 -28.08 -9.17 -18.68
C ASP D 41 -28.53 -8.82 -20.10
N ILE D 42 -28.62 -7.51 -20.39
CA ILE D 42 -28.93 -7.05 -21.74
C ILE D 42 -27.79 -7.44 -22.70
N HIS D 43 -26.54 -7.20 -22.31
CA HIS D 43 -25.40 -7.63 -23.12
C HIS D 43 -25.48 -9.12 -23.41
N VAL D 44 -25.78 -9.92 -22.39
CA VAL D 44 -25.85 -11.38 -22.53
C VAL D 44 -26.92 -11.78 -23.53
N MET D 45 -28.11 -11.20 -23.39
CA MET D 45 -29.24 -11.56 -24.27
C MET D 45 -29.09 -11.00 -25.69
N ASP D 46 -28.19 -10.04 -25.89
CA ASP D 46 -27.90 -9.52 -27.23
C ASP D 46 -26.76 -10.24 -27.95
N MET D 47 -26.09 -11.16 -27.27
CA MET D 47 -25.03 -11.96 -27.91
C MET D 47 -25.64 -12.81 -29.02
N PRO D 48 -24.98 -12.86 -30.20
CA PRO D 48 -25.42 -13.83 -31.22
C PRO D 48 -25.17 -15.26 -30.77
N ALA D 49 -25.82 -16.21 -31.44
CA ALA D 49 -25.73 -17.63 -31.09
C ALA D 49 -24.28 -18.13 -31.00
N ALA D 50 -23.42 -17.65 -31.90
CA ALA D 50 -22.02 -18.06 -31.97
C ALA D 50 -21.19 -17.65 -30.74
N GLN D 51 -21.56 -16.54 -30.10
CA GLN D 51 -20.86 -16.03 -28.92
C GLN D 51 -21.49 -16.54 -27.61
N TYR D 52 -22.82 -16.65 -27.57
CA TYR D 52 -23.52 -17.04 -26.35
C TYR D 52 -23.07 -18.42 -25.88
N ALA D 53 -22.58 -18.51 -24.65
CA ALA D 53 -22.00 -19.75 -24.11
C ALA D 53 -22.55 -20.17 -22.75
N PHE D 54 -23.61 -19.55 -22.26
CA PHE D 54 -24.13 -19.85 -20.92
C PHE D 54 -25.20 -20.93 -20.86
N GLY D 55 -25.55 -21.52 -22.00
CA GLY D 55 -26.53 -22.59 -22.06
C GLY D 55 -27.96 -22.07 -22.03
N LEU D 56 -28.87 -22.85 -22.61
CA LEU D 56 -30.29 -22.55 -22.61
C LEU D 56 -31.06 -23.76 -22.08
N PRO D 57 -32.07 -23.56 -21.23
CA PRO D 57 -32.45 -22.24 -20.69
C PRO D 57 -31.45 -21.75 -19.63
N LEU D 58 -31.54 -20.46 -19.32
CA LEU D 58 -30.74 -19.87 -18.26
C LEU D 58 -31.67 -19.04 -17.41
N THR D 59 -31.78 -19.39 -16.13
CA THR D 59 -32.46 -18.55 -15.16
C THR D 59 -31.59 -17.34 -14.93
N LEU D 60 -32.11 -16.18 -15.27
CA LEU D 60 -31.36 -14.94 -15.16
C LEU D 60 -31.16 -14.53 -13.69
N GLY D 61 -30.27 -13.57 -13.48
CA GLY D 61 -30.15 -12.88 -12.21
C GLY D 61 -28.87 -13.24 -11.50
N HIS D 62 -27.91 -12.33 -11.53
CA HIS D 62 -26.66 -12.53 -10.81
C HIS D 62 -26.49 -11.56 -9.64
N GLU D 63 -27.59 -10.87 -9.29
CA GLU D 63 -27.68 -10.05 -8.09
C GLU D 63 -28.72 -10.67 -7.19
N GLY D 64 -28.32 -11.50 -6.24
CA GLY D 64 -29.28 -12.26 -5.46
C GLY D 64 -29.11 -12.09 -3.96
N VAL D 65 -30.23 -11.93 -3.28
CA VAL D 65 -30.32 -11.98 -1.83
C VAL D 65 -31.48 -12.93 -1.47
N GLY D 66 -31.36 -13.62 -0.35
CA GLY D 66 -32.42 -14.52 0.08
C GLY D 66 -32.28 -14.90 1.53
N THR D 67 -33.10 -15.87 1.92
CA THR D 67 -33.01 -16.45 3.23
C THR D 67 -32.69 -17.92 3.04
N VAL D 68 -31.88 -18.47 3.95
CA VAL D 68 -31.48 -19.85 3.86
C VAL D 68 -32.75 -20.71 4.07
N ALA D 69 -33.06 -21.54 3.09
CA ALA D 69 -34.26 -22.39 3.15
C ALA D 69 -33.92 -23.81 3.52
N GLU D 70 -32.87 -24.35 2.91
CA GLU D 70 -32.41 -25.72 3.18
C GLU D 70 -30.89 -25.74 3.09
N LEU D 71 -30.27 -26.44 4.04
CA LEU D 71 -28.85 -26.70 4.03
C LEU D 71 -28.61 -28.08 3.42
N GLY D 72 -27.74 -28.14 2.42
CA GLY D 72 -27.25 -29.40 1.90
C GLY D 72 -26.43 -30.13 2.97
N GLU D 73 -26.24 -31.43 2.74
CA GLU D 73 -25.43 -32.27 3.61
C GLU D 73 -24.06 -31.65 3.90
N GLY D 74 -23.70 -31.57 5.17
CA GLY D 74 -22.37 -31.09 5.59
C GLY D 74 -22.22 -29.59 5.79
N VAL D 75 -23.21 -28.80 5.37
CA VAL D 75 -23.12 -27.34 5.49
C VAL D 75 -23.36 -26.90 6.92
N THR D 76 -22.39 -26.15 7.46
CA THR D 76 -22.55 -25.41 8.71
C THR D 76 -22.14 -23.94 8.47
N GLY D 77 -22.29 -23.12 9.50
CA GLY D 77 -21.99 -21.70 9.42
C GLY D 77 -23.23 -20.86 9.16
N PHE D 78 -24.32 -21.51 8.72
CA PHE D 78 -25.60 -20.85 8.50
C PHE D 78 -26.75 -21.68 9.03
N GLY D 79 -27.76 -20.99 9.56
CA GLY D 79 -29.00 -21.61 9.98
C GLY D 79 -30.12 -21.27 9.01
N VAL D 80 -31.15 -22.12 9.01
CA VAL D 80 -32.34 -21.85 8.22
C VAL D 80 -32.93 -20.51 8.67
N GLY D 81 -33.34 -19.69 7.72
CA GLY D 81 -33.84 -18.34 8.00
C GLY D 81 -32.81 -17.22 7.92
N ASP D 82 -31.51 -17.53 7.92
CA ASP D 82 -30.49 -16.47 7.86
C ASP D 82 -30.60 -15.70 6.54
N ALA D 83 -30.61 -14.37 6.64
CA ALA D 83 -30.64 -13.49 5.48
C ALA D 83 -29.21 -13.33 4.94
N VAL D 84 -29.06 -13.60 3.65
CA VAL D 84 -27.76 -13.65 3.01
C VAL D 84 -27.78 -13.06 1.61
N ALA D 85 -26.65 -12.48 1.25
CA ALA D 85 -26.39 -12.02 -0.11
C ALA D 85 -25.49 -13.04 -0.76
N VAL D 86 -25.67 -13.22 -2.05
CA VAL D 86 -24.86 -14.18 -2.80
C VAL D 86 -23.66 -13.45 -3.42
N TYR D 87 -22.46 -13.90 -3.08
CA TYR D 87 -21.27 -13.47 -3.77
C TYR D 87 -21.28 -14.11 -5.15
N GLY D 88 -21.31 -13.28 -6.18
CA GLY D 88 -21.55 -13.72 -7.55
C GLY D 88 -20.45 -14.37 -8.34
N PRO D 89 -19.23 -13.79 -8.36
CA PRO D 89 -18.21 -14.30 -9.28
C PRO D 89 -17.42 -15.49 -8.73
N TRP D 90 -18.07 -16.65 -8.74
CA TRP D 90 -17.52 -17.84 -8.12
C TRP D 90 -16.20 -18.23 -8.73
N GLY D 91 -15.22 -18.50 -7.88
CA GLY D 91 -13.93 -19.03 -8.30
C GLY D 91 -13.68 -20.42 -7.76
N CYS D 92 -12.48 -20.93 -8.02
CA CYS D 92 -12.11 -22.28 -7.60
C CYS D 92 -11.90 -22.40 -6.09
N GLY D 93 -11.62 -21.29 -5.41
CA GLY D 93 -11.44 -21.28 -3.95
C GLY D 93 -10.04 -21.64 -3.46
N ALA D 94 -9.18 -22.10 -4.38
CA ALA D 94 -7.91 -22.77 -4.03
C ALA D 94 -6.64 -22.05 -4.52
N CYS D 95 -6.75 -21.28 -5.59
CA CYS D 95 -5.58 -20.63 -6.20
C CYS D 95 -5.17 -19.41 -5.40
N HIS D 96 -4.07 -18.81 -5.78
CA HIS D 96 -3.54 -17.66 -5.05
C HIS D 96 -4.48 -16.47 -5.00
N ALA D 97 -5.15 -16.16 -6.11
CA ALA D 97 -6.20 -15.13 -6.12
C ALA D 97 -7.35 -15.49 -5.18
N CYS D 98 -7.87 -16.71 -5.30
CA CYS D 98 -8.99 -17.14 -4.47
C CYS D 98 -8.62 -17.18 -2.97
N ALA D 99 -7.38 -17.53 -2.69
CA ALA D 99 -6.89 -17.58 -1.30
C ALA D 99 -6.94 -16.19 -0.65
N ARG D 100 -6.86 -15.14 -1.44
CA ARG D 100 -7.06 -13.77 -0.97
C ARG D 100 -8.50 -13.26 -1.09
N GLY D 101 -9.44 -14.14 -1.41
CA GLY D 101 -10.83 -13.75 -1.63
C GLY D 101 -11.12 -13.14 -2.99
N ARG D 102 -10.11 -13.11 -3.87
CA ARG D 102 -10.21 -12.41 -5.14
C ARG D 102 -10.71 -13.36 -6.20
N GLU D 103 -11.87 -13.96 -5.95
CA GLU D 103 -12.39 -15.01 -6.81
C GLU D 103 -12.82 -14.44 -8.15
N ASN D 104 -13.10 -13.15 -8.17
CA ASN D 104 -13.35 -12.41 -9.40
C ASN D 104 -12.19 -12.48 -10.41
N TYR D 105 -10.97 -12.69 -9.92
CA TYR D 105 -9.80 -12.84 -10.78
C TYR D 105 -9.24 -14.26 -10.78
N CYS D 106 -10.08 -15.24 -10.44
CA CYS D 106 -9.68 -16.65 -10.53
C CYS D 106 -9.48 -17.01 -12.00
N THR D 107 -8.38 -17.64 -12.34
CA THR D 107 -8.16 -18.12 -13.72
C THR D 107 -8.46 -19.63 -13.89
N ARG D 108 -8.74 -20.31 -12.80
CA ARG D 108 -9.00 -21.76 -12.82
C ARG D 108 -10.49 -22.11 -12.96
N ALA D 109 -11.38 -21.16 -12.72
CA ALA D 109 -12.82 -21.44 -12.66
C ALA D 109 -13.37 -22.05 -13.96
N ALA D 110 -13.01 -21.43 -15.09
CA ALA D 110 -13.43 -21.88 -16.43
C ALA D 110 -13.14 -23.36 -16.66
N ASP D 111 -11.86 -23.75 -16.53
CA ASP D 111 -11.43 -25.14 -16.73
C ASP D 111 -12.07 -26.12 -15.75
N LEU D 112 -12.43 -25.65 -14.55
CA LEU D 112 -13.13 -26.49 -13.59
C LEU D 112 -14.66 -26.55 -13.78
N GLY D 113 -15.18 -25.82 -14.79
CA GLY D 113 -16.63 -25.77 -15.03
C GLY D 113 -17.43 -24.98 -14.00
N ILE D 114 -16.79 -24.00 -13.36
CA ILE D 114 -17.44 -23.20 -12.35
C ILE D 114 -17.95 -21.97 -13.05
N THR D 115 -19.27 -21.79 -13.04
CA THR D 115 -19.89 -20.59 -13.62
C THR D 115 -20.73 -19.85 -12.57
N PRO D 116 -20.87 -18.52 -12.72
CA PRO D 116 -21.68 -17.82 -11.74
C PRO D 116 -23.19 -17.99 -11.93
N PRO D 117 -23.97 -17.84 -10.85
CA PRO D 117 -25.44 -17.83 -10.95
C PRO D 117 -25.88 -16.69 -11.86
N GLY D 118 -26.81 -16.98 -12.76
CA GLY D 118 -27.31 -16.03 -13.74
C GLY D 118 -26.44 -15.88 -14.96
N LEU D 119 -25.26 -16.51 -14.97
CA LEU D 119 -24.26 -16.33 -16.04
C LEU D 119 -23.58 -17.67 -16.34
N GLY D 120 -24.39 -18.73 -16.41
CA GLY D 120 -23.92 -20.08 -16.69
C GLY D 120 -24.53 -21.10 -15.75
N SER D 121 -24.77 -20.69 -14.50
CA SER D 121 -25.52 -21.48 -13.52
C SER D 121 -26.85 -20.78 -13.23
N PRO D 122 -27.82 -21.49 -12.64
CA PRO D 122 -29.14 -20.84 -12.47
C PRO D 122 -29.09 -19.65 -11.50
N GLY D 123 -29.70 -18.55 -11.93
CA GLY D 123 -29.63 -17.28 -11.19
C GLY D 123 -30.73 -17.08 -10.16
N SER D 124 -30.86 -15.82 -9.74
CA SER D 124 -31.73 -15.45 -8.64
C SER D 124 -33.12 -15.00 -9.06
N MET D 125 -33.41 -14.94 -10.37
CA MET D 125 -34.73 -14.52 -10.81
C MET D 125 -35.67 -15.71 -10.80
N ALA D 126 -35.95 -16.16 -9.59
CA ALA D 126 -36.73 -17.36 -9.34
C ALA D 126 -37.13 -17.34 -7.88
N GLU D 127 -38.10 -18.17 -7.51
CA GLU D 127 -38.51 -18.24 -6.12
C GLU D 127 -37.40 -18.80 -5.22
N TYR D 128 -36.59 -19.71 -5.77
CA TYR D 128 -35.50 -20.33 -5.05
C TYR D 128 -34.25 -20.39 -5.91
N MET D 129 -33.09 -20.47 -5.25
CA MET D 129 -31.83 -20.67 -5.96
C MET D 129 -30.82 -21.44 -5.13
N ILE D 130 -29.95 -22.15 -5.82
CA ILE D 130 -28.88 -22.91 -5.22
C ILE D 130 -27.61 -22.06 -5.21
N VAL D 131 -26.89 -22.12 -4.09
CA VAL D 131 -25.54 -21.59 -3.94
C VAL D 131 -24.63 -22.78 -3.69
N ASP D 132 -23.47 -22.80 -4.34
CA ASP D 132 -22.57 -23.95 -4.37
C ASP D 132 -21.85 -24.21 -3.06
N SER D 133 -21.58 -23.16 -2.31
CA SER D 133 -20.72 -23.28 -1.13
C SER D 133 -20.99 -22.13 -0.16
N ALA D 134 -20.83 -22.41 1.11
CA ALA D 134 -21.03 -21.45 2.19
C ALA D 134 -20.18 -20.18 2.04
N ARG D 135 -18.98 -20.30 1.48
CA ARG D 135 -18.11 -19.14 1.33
C ARG D 135 -18.67 -18.11 0.34
N HIS D 136 -19.68 -18.48 -0.45
CA HIS D 136 -20.32 -17.55 -1.35
C HIS D 136 -21.58 -16.89 -0.79
N LEU D 137 -21.80 -17.02 0.52
CA LEU D 137 -22.88 -16.32 1.21
C LEU D 137 -22.30 -15.33 2.19
N VAL D 138 -22.87 -14.13 2.20
CA VAL D 138 -22.47 -13.10 3.14
C VAL D 138 -23.72 -12.70 3.94
N PRO D 139 -23.67 -12.72 5.28
CA PRO D 139 -24.88 -12.31 6.04
C PRO D 139 -25.19 -10.83 5.88
N ILE D 140 -26.47 -10.51 5.79
CA ILE D 140 -26.94 -9.12 5.69
C ILE D 140 -27.79 -8.68 6.88
N GLY D 141 -28.03 -9.58 7.83
CA GLY D 141 -28.87 -9.30 9.01
C GLY D 141 -30.24 -8.79 8.58
N ASP D 142 -30.69 -7.69 9.17
CA ASP D 142 -32.02 -7.13 8.88
C ASP D 142 -32.05 -6.08 7.73
N LEU D 143 -31.02 -6.02 6.88
CA LEU D 143 -31.09 -5.15 5.70
C LEU D 143 -32.31 -5.47 4.85
N ASP D 144 -33.00 -4.43 4.40
CA ASP D 144 -34.10 -4.57 3.44
C ASP D 144 -33.56 -5.31 2.20
N PRO D 145 -34.15 -6.48 1.88
CA PRO D 145 -33.61 -7.23 0.72
C PRO D 145 -33.63 -6.47 -0.61
N VAL D 146 -34.65 -5.65 -0.83
CA VAL D 146 -34.78 -4.92 -2.09
C VAL D 146 -33.56 -3.99 -2.32
N ALA D 147 -33.17 -3.29 -1.28
CA ALA D 147 -32.01 -2.41 -1.35
C ALA D 147 -30.70 -3.20 -1.27
N ALA D 148 -30.74 -4.42 -0.72
CA ALA D 148 -29.57 -5.26 -0.62
C ALA D 148 -29.18 -5.97 -1.90
N ALA D 149 -30.16 -6.41 -2.71
CA ALA D 149 -29.85 -7.19 -3.91
C ALA D 149 -28.83 -6.49 -4.83
N PRO D 150 -29.01 -5.18 -5.11
CA PRO D 150 -28.03 -4.47 -5.94
C PRO D 150 -26.61 -4.36 -5.39
N LEU D 151 -26.44 -4.50 -4.07
CA LEU D 151 -25.12 -4.47 -3.46
C LEU D 151 -24.20 -5.51 -4.07
N THR D 152 -24.76 -6.62 -4.52
CA THR D 152 -23.98 -7.74 -5.01
C THR D 152 -23.32 -7.52 -6.37
N ASP D 153 -23.71 -6.47 -7.08
CA ASP D 153 -23.02 -6.13 -8.32
C ASP D 153 -23.00 -4.62 -8.55
N ALA D 154 -24.14 -3.97 -8.51
CA ALA D 154 -24.18 -2.49 -8.55
C ALA D 154 -23.37 -1.84 -7.44
N GLY D 155 -23.29 -2.50 -6.27
CA GLY D 155 -22.42 -2.04 -5.20
C GLY D 155 -21.00 -2.59 -5.33
N LEU D 156 -20.90 -3.91 -5.45
CA LEU D 156 -19.60 -4.60 -5.49
C LEU D 156 -18.66 -4.10 -6.57
N THR D 157 -19.17 -3.94 -7.80
CA THR D 157 -18.31 -3.62 -8.92
C THR D 157 -17.69 -2.20 -8.78
N PRO D 158 -18.52 -1.17 -8.53
CA PRO D 158 -17.91 0.15 -8.28
C PRO D 158 -17.02 0.17 -7.06
N TYR D 159 -17.41 -0.58 -6.02
CA TYR D 159 -16.61 -0.63 -4.82
C TYR D 159 -15.21 -1.16 -5.10
N HIS D 160 -15.14 -2.24 -5.86
CA HIS D 160 -13.87 -2.81 -6.26
C HIS D 160 -13.05 -1.85 -7.13
N ALA D 161 -13.70 -1.25 -8.11
CA ALA D 161 -13.05 -0.30 -9.02
C ALA D 161 -12.43 0.87 -8.25
N ILE D 162 -13.20 1.40 -7.30
CA ILE D 162 -12.73 2.49 -6.44
C ILE D 162 -11.60 2.01 -5.52
N SER D 163 -11.76 0.82 -4.96
CA SER D 163 -10.77 0.27 -4.02
C SER D 163 -9.40 0.09 -4.64
N ARG D 164 -9.33 -0.21 -5.93
CA ARG D 164 -8.07 -0.42 -6.60
C ARG D 164 -7.18 0.82 -6.51
N VAL D 165 -7.79 2.01 -6.47
CA VAL D 165 -7.04 3.25 -6.47
C VAL D 165 -7.40 4.17 -5.32
N LEU D 166 -7.97 3.62 -4.26
CA LEU D 166 -8.40 4.44 -3.15
C LEU D 166 -7.30 5.33 -2.57
N PRO D 167 -6.05 4.83 -2.50
CA PRO D 167 -4.99 5.72 -2.01
C PRO D 167 -4.74 6.98 -2.85
N LEU D 168 -5.17 7.03 -4.12
CA LEU D 168 -5.10 8.26 -4.90
C LEU D 168 -6.11 9.31 -4.49
N LEU D 169 -7.20 8.90 -3.85
CA LEU D 169 -8.38 9.73 -3.70
C LEU D 169 -8.40 10.43 -2.35
N GLY D 170 -7.32 11.14 -2.06
CA GLY D 170 -7.19 11.90 -0.82
C GLY D 170 -7.91 13.23 -0.91
N PRO D 171 -7.86 14.00 0.17
CA PRO D 171 -8.38 15.36 0.12
C PRO D 171 -7.69 16.15 -0.98
N GLY D 172 -8.48 16.90 -1.72
CA GLY D 172 -8.00 17.65 -2.87
C GLY D 172 -8.11 16.90 -4.18
N SER D 173 -8.39 15.60 -4.12
CA SER D 173 -8.61 14.81 -5.33
C SER D 173 -10.01 15.05 -5.91
N THR D 174 -10.16 14.70 -7.17
CA THR D 174 -11.43 14.74 -7.88
C THR D 174 -11.65 13.38 -8.52
N ALA D 175 -12.86 12.83 -8.35
CA ALA D 175 -13.25 11.62 -9.03
C ALA D 175 -14.43 11.94 -9.94
N VAL D 176 -14.31 11.58 -11.22
CA VAL D 176 -15.38 11.70 -12.19
C VAL D 176 -16.10 10.34 -12.30
N VAL D 177 -17.42 10.35 -12.25
CA VAL D 177 -18.26 9.18 -12.42
C VAL D 177 -19.06 9.42 -13.69
N ILE D 178 -18.84 8.59 -14.70
CA ILE D 178 -19.58 8.67 -15.95
C ILE D 178 -20.62 7.58 -16.00
N GLY D 179 -21.88 7.98 -16.10
CA GLY D 179 -23.01 7.05 -16.09
C GLY D 179 -23.57 6.93 -14.71
N VAL D 180 -24.71 7.55 -14.45
CA VAL D 180 -25.38 7.53 -13.14
C VAL D 180 -26.61 6.62 -13.21
N GLY D 181 -26.36 5.34 -13.48
CA GLY D 181 -27.41 4.33 -13.45
C GLY D 181 -27.25 3.43 -12.27
N GLY D 182 -27.50 2.13 -12.46
CA GLY D 182 -27.41 1.16 -11.38
C GLY D 182 -26.07 1.24 -10.66
N LEU D 183 -24.99 1.08 -11.42
CA LEU D 183 -23.66 1.10 -10.83
C LEU D 183 -23.27 2.52 -10.43
N GLY D 184 -23.47 3.48 -11.33
CA GLY D 184 -22.92 4.81 -11.11
C GLY D 184 -23.50 5.53 -9.91
N HIS D 185 -24.80 5.37 -9.67
CA HIS D 185 -25.44 6.07 -8.57
C HIS D 185 -24.96 5.50 -7.24
N VAL D 186 -24.54 4.25 -7.23
CA VAL D 186 -23.94 3.66 -6.02
C VAL D 186 -22.48 4.07 -5.92
N GLY D 187 -21.76 4.08 -7.04
CA GLY D 187 -20.36 4.56 -7.10
C GLY D 187 -20.14 5.94 -6.49
N ILE D 188 -21.02 6.89 -6.79
CA ILE D 188 -20.98 8.22 -6.20
C ILE D 188 -21.01 8.14 -4.68
N GLN D 189 -21.91 7.32 -4.17
CA GLN D 189 -22.10 7.20 -2.73
C GLN D 189 -20.93 6.50 -2.04
N ILE D 190 -20.34 5.52 -2.71
CA ILE D 190 -19.16 4.85 -2.19
C ILE D 190 -18.03 5.87 -2.10
N LEU D 191 -17.82 6.65 -3.16
CA LEU D 191 -16.78 7.68 -3.15
C LEU D 191 -16.94 8.64 -1.99
N ARG D 192 -18.17 9.06 -1.72
CA ARG D 192 -18.44 9.96 -0.60
C ARG D 192 -18.16 9.31 0.76
N ALA D 193 -18.44 8.01 0.86
CA ALA D 193 -18.29 7.30 2.12
C ALA D 193 -16.83 6.93 2.46
N VAL D 194 -16.04 6.56 1.46
CA VAL D 194 -14.72 6.00 1.72
C VAL D 194 -13.56 6.93 1.31
N SER D 195 -13.89 8.10 0.77
CA SER D 195 -12.87 9.08 0.40
C SER D 195 -13.32 10.48 0.66
N ALA D 196 -12.38 11.41 0.58
CA ALA D 196 -12.67 12.81 0.60
C ALA D 196 -12.62 13.42 -0.80
N ALA D 197 -12.67 12.60 -1.84
CA ALA D 197 -12.68 13.11 -3.22
C ALA D 197 -13.89 14.00 -3.49
N ARG D 198 -13.68 15.04 -4.26
CA ARG D 198 -14.76 15.79 -4.86
C ARG D 198 -15.31 14.95 -6.01
N VAL D 199 -16.63 14.80 -6.11
CA VAL D 199 -17.22 13.89 -7.06
C VAL D 199 -17.99 14.67 -8.13
N ILE D 200 -17.59 14.47 -9.39
CA ILE D 200 -18.24 15.07 -10.54
C ILE D 200 -18.93 13.95 -11.31
N ALA D 201 -20.23 14.03 -11.44
CA ALA D 201 -21.03 13.04 -12.16
C ALA D 201 -21.33 13.54 -13.57
N VAL D 202 -21.39 12.58 -14.50
CA VAL D 202 -21.63 12.85 -15.92
C VAL D 202 -22.70 11.90 -16.42
N ASP D 203 -23.73 12.40 -17.09
CA ASP D 203 -24.75 11.53 -17.69
C ASP D 203 -25.38 12.24 -18.85
N LEU D 204 -26.01 11.46 -19.73
CA LEU D 204 -26.78 12.03 -20.84
C LEU D 204 -28.08 12.67 -20.43
N ASP D 205 -28.65 12.17 -19.34
CA ASP D 205 -30.04 12.42 -18.96
C ASP D 205 -30.04 13.36 -17.75
N ASP D 206 -30.73 14.48 -17.89
CA ASP D 206 -30.83 15.49 -16.83
C ASP D 206 -31.44 14.96 -15.54
N ASP D 207 -32.39 14.04 -15.65
CA ASP D 207 -32.95 13.41 -14.45
C ASP D 207 -31.91 12.56 -13.71
N ARG D 208 -30.99 11.95 -14.44
CA ARG D 208 -29.90 11.20 -13.82
C ARG D 208 -28.89 12.13 -13.19
N LEU D 209 -28.69 13.31 -13.76
CA LEU D 209 -27.86 14.32 -13.11
C LEU D 209 -28.49 14.78 -11.80
N ALA D 210 -29.82 14.91 -11.79
CA ALA D 210 -30.53 15.23 -10.54
C ALA D 210 -30.31 14.10 -9.52
N LEU D 211 -30.42 12.85 -9.96
CA LEU D 211 -30.13 11.71 -9.10
C LEU D 211 -28.73 11.78 -8.53
N ALA D 212 -27.76 12.13 -9.37
CA ALA D 212 -26.37 12.25 -8.93
C ALA D 212 -26.25 13.26 -7.77
N ARG D 213 -26.88 14.42 -7.92
CA ARG D 213 -26.84 15.44 -6.88
C ARG D 213 -27.58 14.96 -5.63
N GLU D 214 -28.70 14.26 -5.80
CA GLU D 214 -29.46 13.70 -4.67
C GLU D 214 -28.62 12.73 -3.82
N VAL D 215 -27.71 11.96 -4.46
CA VAL D 215 -26.90 10.98 -3.74
C VAL D 215 -25.50 11.47 -3.40
N GLY D 216 -25.24 12.76 -3.60
CA GLY D 216 -24.07 13.42 -3.05
C GLY D 216 -22.99 13.88 -4.02
N ALA D 217 -23.24 13.86 -5.33
CA ALA D 217 -22.28 14.43 -6.27
C ALA D 217 -22.12 15.93 -6.02
N ASP D 218 -20.89 16.40 -6.08
CA ASP D 218 -20.57 17.81 -5.91
C ASP D 218 -20.93 18.65 -7.13
N ALA D 219 -20.85 18.05 -8.30
CA ALA D 219 -21.29 18.68 -9.54
C ALA D 219 -21.79 17.61 -10.47
N ALA D 220 -22.68 17.97 -11.37
CA ALA D 220 -23.25 16.99 -12.29
C ALA D 220 -23.32 17.66 -13.63
N VAL D 221 -22.66 17.10 -14.65
CA VAL D 221 -22.61 17.70 -15.94
C VAL D 221 -22.99 16.78 -17.07
N LYS D 222 -23.49 17.42 -18.10
CA LYS D 222 -24.04 16.75 -19.26
C LYS D 222 -22.93 16.02 -20.05
N SER D 223 -23.16 14.75 -20.36
CA SER D 223 -22.22 13.98 -21.18
C SER D 223 -22.25 14.47 -22.62
N GLY D 224 -21.25 14.10 -23.39
CA GLY D 224 -21.18 14.44 -24.80
C GLY D 224 -19.95 15.30 -25.07
N ALA D 225 -20.00 16.00 -26.19
CA ALA D 225 -18.82 16.71 -26.72
C ALA D 225 -18.28 17.79 -25.79
N GLY D 226 -19.16 18.42 -25.02
CA GLY D 226 -18.76 19.48 -24.09
C GLY D 226 -18.30 19.03 -22.71
N ALA D 227 -18.41 17.73 -22.42
CA ALA D 227 -18.19 17.25 -21.06
C ALA D 227 -16.74 17.44 -20.60
N ALA D 228 -15.80 17.15 -21.47
CA ALA D 228 -14.38 17.24 -21.11
C ALA D 228 -14.03 18.67 -20.71
N ASP D 229 -14.46 19.65 -21.51
CA ASP D 229 -14.19 21.05 -21.18
C ASP D 229 -14.88 21.49 -19.90
N ALA D 230 -16.11 21.03 -19.68
CA ALA D 230 -16.85 21.38 -18.48
C ALA D 230 -16.17 20.81 -17.23
N ILE D 231 -15.71 19.57 -17.32
CA ILE D 231 -14.99 18.93 -16.22
C ILE D 231 -13.68 19.66 -15.94
N ARG D 232 -12.92 19.97 -16.99
CA ARG D 232 -11.68 20.75 -16.82
C ARG D 232 -11.90 22.11 -16.19
N GLU D 233 -13.01 22.77 -16.51
CA GLU D 233 -13.33 24.05 -15.89
C GLU D 233 -13.57 23.88 -14.38
N LEU D 234 -14.23 22.78 -14.00
CA LEU D 234 -14.45 22.48 -12.60
C LEU D 234 -13.16 22.09 -11.85
N THR D 235 -12.22 21.42 -12.50
CA THR D 235 -10.97 20.97 -11.86
C THR D 235 -9.81 21.99 -11.98
N GLY D 236 -10.10 23.19 -12.46
CA GLY D 236 -9.09 24.26 -12.55
C GLY D 236 -8.00 24.05 -13.58
N GLY D 237 -8.24 23.16 -14.56
CA GLY D 237 -7.26 22.85 -15.59
C GLY D 237 -6.36 21.65 -15.30
N GLN D 238 -6.39 21.12 -14.09
CA GLN D 238 -5.49 20.03 -13.69
C GLN D 238 -6.04 18.66 -14.04
N GLY D 239 -7.35 18.60 -14.23
CA GLY D 239 -8.01 17.36 -14.58
C GLY D 239 -8.37 16.59 -13.34
N ALA D 240 -8.94 15.42 -13.59
CA ALA D 240 -9.51 14.61 -12.55
C ALA D 240 -8.51 13.55 -12.13
N THR D 241 -8.35 13.40 -10.83
CA THR D 241 -7.51 12.35 -10.30
C THR D 241 -7.91 10.96 -10.78
N ALA D 242 -9.20 10.66 -10.77
CA ALA D 242 -9.68 9.38 -11.25
C ALA D 242 -11.00 9.54 -12.01
N VAL D 243 -11.15 8.74 -13.05
CA VAL D 243 -12.37 8.69 -13.81
C VAL D 243 -12.89 7.26 -13.74
N PHE D 244 -14.12 7.09 -13.27
CA PHE D 244 -14.78 5.80 -13.21
C PHE D 244 -15.84 5.83 -14.28
N ASP D 245 -15.59 5.14 -15.38
CA ASP D 245 -16.46 5.16 -16.53
C ASP D 245 -17.37 3.93 -16.49
N PHE D 246 -18.61 4.14 -16.06
CA PHE D 246 -19.60 3.07 -15.98
C PHE D 246 -20.41 2.91 -17.27
N VAL D 247 -20.02 3.63 -18.33
CA VAL D 247 -20.64 3.48 -19.63
C VAL D 247 -19.68 2.69 -20.51
N GLY D 248 -18.47 3.18 -20.65
CA GLY D 248 -17.43 2.48 -21.38
C GLY D 248 -17.60 2.51 -22.87
N ALA D 249 -18.35 3.48 -23.39
CA ALA D 249 -18.44 3.70 -24.82
C ALA D 249 -17.16 4.38 -25.26
N GLN D 250 -16.85 4.34 -26.55
CA GLN D 250 -15.65 5.03 -27.02
C GLN D 250 -15.70 6.52 -26.66
N SER D 251 -16.86 7.15 -26.80
CA SER D 251 -16.97 8.60 -26.53
C SER D 251 -16.67 8.93 -25.03
N THR D 252 -17.13 8.07 -24.13
CA THR D 252 -16.90 8.30 -22.68
C THR D 252 -15.47 7.99 -22.27
N ILE D 253 -14.88 6.96 -22.88
CA ILE D 253 -13.47 6.67 -22.67
C ILE D 253 -12.62 7.84 -23.19
N ASP D 254 -13.00 8.39 -24.34
CA ASP D 254 -12.30 9.56 -24.87
C ASP D 254 -12.43 10.74 -23.91
N THR D 255 -13.63 10.99 -23.39
CA THR D 255 -13.81 12.02 -22.36
C THR D 255 -12.86 11.77 -21.18
N ALA D 256 -12.82 10.52 -20.72
CA ALA D 256 -11.98 10.12 -19.60
C ALA D 256 -10.50 10.44 -19.86
N GLN D 257 -10.01 10.11 -21.06
CA GLN D 257 -8.62 10.40 -21.39
C GLN D 257 -8.32 11.89 -21.50
N GLN D 258 -9.30 12.67 -21.92
CA GLN D 258 -9.15 14.11 -22.05
C GLN D 258 -9.22 14.87 -20.72
N VAL D 259 -9.71 14.22 -19.67
CA VAL D 259 -9.82 14.87 -18.37
C VAL D 259 -8.91 14.30 -17.27
N VAL D 260 -8.39 13.10 -17.43
CA VAL D 260 -7.61 12.48 -16.37
C VAL D 260 -6.34 13.27 -16.11
N ALA D 261 -5.97 13.35 -14.84
CA ALA D 261 -4.76 14.05 -14.42
C ALA D 261 -3.52 13.19 -14.67
N VAL D 262 -2.40 13.87 -14.73
CA VAL D 262 -1.08 13.22 -14.60
C VAL D 262 -1.08 12.37 -13.33
N ASP D 263 -0.58 11.14 -13.44
CA ASP D 263 -0.50 10.21 -12.32
C ASP D 263 -1.88 9.83 -11.76
N GLY D 264 -2.91 9.92 -12.60
CA GLY D 264 -4.27 9.59 -12.24
C GLY D 264 -4.64 8.20 -12.68
N HIS D 265 -5.93 7.97 -12.86
CA HIS D 265 -6.45 6.65 -13.13
C HIS D 265 -7.75 6.72 -13.91
N ILE D 266 -7.90 5.82 -14.89
CA ILE D 266 -9.18 5.60 -15.56
C ILE D 266 -9.56 4.16 -15.34
N SER D 267 -10.77 3.97 -14.82
CA SER D 267 -11.33 2.65 -14.62
C SER D 267 -12.47 2.49 -15.62
N VAL D 268 -12.28 1.61 -16.59
CA VAL D 268 -13.28 1.37 -17.62
C VAL D 268 -14.12 0.21 -17.11
N VAL D 269 -15.27 0.53 -16.55
CA VAL D 269 -16.12 -0.46 -15.89
C VAL D 269 -17.27 -0.88 -16.81
N GLY D 270 -17.90 0.10 -17.47
CA GLY D 270 -18.95 -0.20 -18.40
C GLY D 270 -18.43 -0.95 -19.63
N ILE D 271 -19.29 -1.77 -20.21
CA ILE D 271 -18.94 -2.66 -21.28
C ILE D 271 -19.62 -2.22 -22.58
N HIS D 272 -18.83 -1.87 -23.58
CA HIS D 272 -19.33 -1.52 -24.90
C HIS D 272 -18.34 -2.16 -25.87
N ALA D 273 -18.77 -3.19 -26.59
CA ALA D 273 -17.86 -4.02 -27.43
C ALA D 273 -17.02 -3.19 -28.39
N GLY D 274 -15.70 -3.42 -28.39
CA GLY D 274 -14.79 -2.70 -29.28
C GLY D 274 -14.23 -1.42 -28.66
N ALA D 275 -14.89 -0.85 -27.65
CA ALA D 275 -14.44 0.39 -27.07
C ALA D 275 -13.18 0.13 -26.26
N HIS D 276 -12.24 1.06 -26.28
CA HIS D 276 -11.02 0.88 -25.52
C HIS D 276 -10.31 2.20 -25.30
N ALA D 277 -9.59 2.29 -24.18
CA ALA D 277 -8.67 3.38 -23.97
C ALA D 277 -7.41 3.14 -24.80
N LYS D 278 -6.79 4.24 -25.22
CA LYS D 278 -5.58 4.20 -26.02
C LYS D 278 -4.47 4.69 -25.13
N VAL D 279 -3.71 3.74 -24.57
CA VAL D 279 -2.71 4.06 -23.57
C VAL D 279 -1.34 4.03 -24.22
N GLY D 280 -0.85 5.23 -24.53
CA GLY D 280 0.43 5.39 -25.16
C GLY D 280 0.90 6.80 -24.98
N PHE D 281 2.19 7.02 -25.19
CA PHE D 281 2.76 8.35 -25.06
C PHE D 281 2.08 9.34 -25.96
N PHE D 282 1.84 10.55 -25.44
CA PHE D 282 1.14 11.63 -26.18
C PHE D 282 -0.36 11.42 -26.34
N MET D 283 -0.91 10.28 -25.91
CA MET D 283 -2.34 9.99 -26.01
C MET D 283 -3.03 9.96 -24.67
N ILE D 284 -2.23 9.99 -23.60
CA ILE D 284 -2.72 9.95 -22.24
C ILE D 284 -1.67 10.61 -21.37
N PRO D 285 -2.06 11.20 -20.23
CA PRO D 285 -1.00 11.82 -19.41
C PRO D 285 -0.01 10.80 -18.83
N PHE D 286 1.22 11.28 -18.59
CA PHE D 286 2.19 10.48 -17.86
C PHE D 286 1.62 9.93 -16.56
N GLY D 287 1.88 8.65 -16.30
CA GLY D 287 1.50 8.05 -15.05
C GLY D 287 0.04 7.75 -14.84
N ALA D 288 -0.83 8.03 -15.82
CA ALA D 288 -2.24 7.78 -15.68
C ALA D 288 -2.53 6.34 -16.08
N SER D 289 -2.84 5.52 -15.10
CA SER D 289 -3.10 4.11 -15.34
C SER D 289 -4.53 3.87 -15.79
N VAL D 290 -4.71 2.79 -16.56
CA VAL D 290 -6.02 2.43 -17.06
C VAL D 290 -6.22 0.94 -16.84
N VAL D 291 -7.43 0.57 -16.43
CA VAL D 291 -7.77 -0.83 -16.18
C VAL D 291 -9.24 -1.06 -16.49
N THR D 292 -9.56 -2.32 -16.83
CA THR D 292 -10.93 -2.82 -16.86
C THR D 292 -11.12 -3.77 -15.69
N PRO D 293 -11.67 -3.28 -14.56
CA PRO D 293 -11.87 -4.14 -13.44
C PRO D 293 -13.09 -5.04 -13.64
N PHE D 294 -13.17 -6.09 -12.85
CA PHE D 294 -14.25 -7.05 -12.98
C PHE D 294 -14.77 -7.45 -11.60
N ALA D 295 -16.06 -7.21 -11.41
CA ALA D 295 -16.77 -7.62 -10.21
C ALA D 295 -16.03 -7.13 -8.95
N GLY D 296 -15.87 -7.98 -7.94
CA GLY D 296 -15.11 -7.60 -6.77
C GLY D 296 -14.80 -8.83 -5.94
N THR D 297 -14.14 -8.58 -4.82
CA THR D 297 -13.68 -9.64 -3.95
C THR D 297 -14.67 -9.96 -2.85
N ARG D 298 -14.44 -11.10 -2.20
CA ARG D 298 -15.29 -11.52 -1.09
C ARG D 298 -15.34 -10.47 0.05
N SER D 299 -14.18 -9.97 0.43
CA SER D 299 -14.12 -9.03 1.54
C SER D 299 -14.70 -7.69 1.11
N GLU D 300 -14.58 -7.34 -0.17
CA GLU D 300 -15.23 -6.15 -0.69
C GLU D 300 -16.75 -6.24 -0.62
N LEU D 301 -17.34 -7.40 -0.90
CA LEU D 301 -18.78 -7.54 -0.73
C LEU D 301 -19.18 -7.32 0.73
N MET D 302 -18.41 -7.85 1.66
CA MET D 302 -18.68 -7.64 3.07
C MET D 302 -18.63 -6.15 3.42
N GLU D 303 -17.68 -5.44 2.84
CA GLU D 303 -17.55 -4.01 3.09
C GLU D 303 -18.71 -3.23 2.50
N VAL D 304 -19.18 -3.64 1.31
CA VAL D 304 -20.37 -3.02 0.73
C VAL D 304 -21.59 -3.19 1.62
N VAL D 305 -21.78 -4.42 2.11
CA VAL D 305 -22.83 -4.69 3.03
C VAL D 305 -22.70 -3.84 4.31
N ALA D 306 -21.47 -3.69 4.81
CA ALA D 306 -21.24 -2.84 5.98
C ALA D 306 -21.60 -1.35 5.72
N LEU D 307 -21.31 -0.86 4.52
CA LEU D 307 -21.73 0.51 4.15
C LEU D 307 -23.24 0.64 4.16
N ALA D 308 -23.90 -0.35 3.59
CA ALA D 308 -25.37 -0.36 3.54
C ALA D 308 -25.97 -0.38 4.95
N ARG D 309 -25.43 -1.26 5.80
CA ARG D 309 -25.89 -1.35 7.18
C ARG D 309 -25.66 -0.09 7.99
N ALA D 310 -24.61 0.66 7.68
CA ALA D 310 -24.31 1.91 8.36
C ALA D 310 -25.12 3.11 7.81
N GLY D 311 -25.94 2.89 6.80
CA GLY D 311 -26.79 3.95 6.25
C GLY D 311 -26.06 4.84 5.24
N ARG D 312 -24.95 4.37 4.68
CA ARG D 312 -24.15 5.18 3.78
C ARG D 312 -24.54 5.04 2.32
N LEU D 313 -25.41 4.07 2.01
CA LEU D 313 -25.82 3.80 0.65
C LEU D 313 -27.34 3.86 0.57
N ASP D 314 -27.84 4.85 -0.17
CA ASP D 314 -29.26 4.97 -0.49
C ASP D 314 -29.41 4.39 -1.89
N ILE D 315 -29.86 3.14 -1.96
CA ILE D 315 -29.97 2.44 -3.21
C ILE D 315 -31.35 2.77 -3.78
N HIS D 316 -31.37 3.42 -4.94
CA HIS D 316 -32.61 3.76 -5.63
C HIS D 316 -33.04 2.56 -6.44
N THR D 317 -34.25 2.09 -6.16
CA THR D 317 -34.76 0.90 -6.82
C THR D 317 -36.19 1.11 -7.34
N GLU D 318 -36.58 0.26 -8.28
CA GLU D 318 -37.96 0.03 -8.60
C GLU D 318 -38.21 -1.48 -8.50
N THR D 319 -39.32 -1.85 -7.89
CA THR D 319 -39.63 -3.23 -7.58
C THR D 319 -40.59 -3.79 -8.64
N PHE D 320 -40.35 -5.04 -9.02
CA PHE D 320 -41.15 -5.78 -9.97
C PHE D 320 -41.46 -7.17 -9.40
N THR D 321 -42.57 -7.75 -9.82
CA THR D 321 -42.86 -9.16 -9.53
C THR D 321 -42.08 -10.03 -10.53
N LEU D 322 -42.06 -11.35 -10.28
CA LEU D 322 -41.49 -12.30 -11.24
C LEU D 322 -42.21 -12.24 -12.59
N ASP D 323 -43.54 -12.16 -12.53
CA ASP D 323 -44.39 -12.01 -13.73
C ASP D 323 -44.02 -10.77 -14.56
N GLU D 324 -43.58 -9.70 -13.88
CA GLU D 324 -43.14 -8.46 -14.53
C GLU D 324 -41.67 -8.47 -14.95
N GLY D 325 -40.96 -9.58 -14.75
CA GLY D 325 -39.55 -9.65 -15.04
C GLY D 325 -39.21 -9.28 -16.48
N PRO D 326 -39.91 -9.90 -17.45
CA PRO D 326 -39.68 -9.50 -18.84
C PRO D 326 -39.95 -8.03 -19.12
N ALA D 327 -41.03 -7.49 -18.58
CA ALA D 327 -41.33 -6.04 -18.69
C ALA D 327 -40.22 -5.19 -18.09
N ALA D 328 -39.68 -5.62 -16.94
CA ALA D 328 -38.57 -4.92 -16.29
C ALA D 328 -37.33 -4.88 -17.18
N TYR D 329 -37.05 -5.99 -17.87
CA TYR D 329 -35.92 -6.02 -18.82
C TYR D 329 -36.14 -5.07 -20.00
N ARG D 330 -37.38 -4.94 -20.49
CA ARG D 330 -37.71 -3.93 -21.50
C ARG D 330 -37.47 -2.51 -20.99
N ARG D 331 -37.84 -2.27 -19.72
CA ARG D 331 -37.61 -0.97 -19.08
C ARG D 331 -36.10 -0.67 -18.97
N LEU D 332 -35.34 -1.68 -18.58
CA LEU D 332 -33.88 -1.54 -18.48
C LEU D 332 -33.30 -1.19 -19.86
N ARG D 333 -33.72 -1.93 -20.90
CA ARG D 333 -33.32 -1.62 -22.29
C ARG D 333 -33.55 -0.18 -22.70
N GLU D 334 -34.75 0.33 -22.43
CA GLU D 334 -35.10 1.69 -22.84
C GLU D 334 -34.55 2.78 -21.90
N GLY D 335 -33.98 2.40 -20.76
CA GLY D 335 -33.33 3.34 -19.84
C GLY D 335 -34.31 4.09 -18.94
N SER D 336 -35.40 3.43 -18.56
CA SER D 336 -36.45 4.09 -17.81
C SER D 336 -36.55 3.62 -16.36
N ILE D 337 -35.53 2.92 -15.86
CA ILE D 337 -35.47 2.58 -14.43
C ILE D 337 -34.51 3.54 -13.77
N ARG D 338 -35.02 4.32 -12.81
CA ARG D 338 -34.20 5.33 -12.14
C ARG D 338 -33.42 4.66 -11.01
N GLY D 339 -32.27 4.11 -11.36
CA GLY D 339 -31.46 3.35 -10.41
C GLY D 339 -31.46 1.89 -10.84
N ARG D 340 -31.79 1.00 -9.89
CA ARG D 340 -31.74 -0.45 -10.13
C ARG D 340 -33.13 -1.07 -10.12
N GLY D 341 -33.43 -1.89 -11.13
CA GLY D 341 -34.62 -2.73 -11.13
C GLY D 341 -34.38 -3.91 -10.22
N VAL D 342 -35.37 -4.27 -9.41
CA VAL D 342 -35.29 -5.39 -8.49
C VAL D 342 -36.57 -6.20 -8.53
N VAL D 343 -36.43 -7.49 -8.81
CA VAL D 343 -37.55 -8.41 -8.79
C VAL D 343 -37.67 -8.97 -7.38
N VAL D 344 -38.89 -8.97 -6.86
CA VAL D 344 -39.20 -9.55 -5.55
C VAL D 344 -40.13 -10.73 -5.78
N PRO D 345 -39.63 -11.97 -5.54
CA PRO D 345 -40.49 -13.17 -5.51
C PRO D 345 -41.23 -13.33 -4.19
ZN ZN E . 5.67 20.70 -8.77
ZN ZN F . 16.48 9.48 -21.20
PA NAD G . 18.49 1.49 -26.40
O1A NAD G . 18.61 1.84 -27.87
O2A NAD G . 19.70 1.45 -25.51
O5B NAD G . 17.88 0.02 -26.34
C5B NAD G . 16.92 -0.51 -27.26
C4B NAD G . 16.85 -2.01 -27.01
O4B NAD G . 15.58 -2.44 -27.48
C3B NAD G . 17.92 -2.80 -27.76
O3B NAD G . 18.43 -3.89 -26.97
C2B NAD G . 17.17 -3.30 -29.00
O2B NAD G . 17.66 -4.52 -29.57
C1B NAD G . 15.80 -3.52 -28.39
N9A NAD G . 14.67 -3.57 -29.34
C8A NAD G . 14.39 -2.69 -30.33
N7A NAD G . 13.25 -3.06 -30.96
C5A NAD G . 12.82 -4.19 -30.35
C6A NAD G . 11.66 -5.08 -30.50
N6A NAD G . 10.76 -4.83 -31.47
N1A NAD G . 11.54 -6.12 -29.67
C2A NAD G . 12.43 -6.36 -28.69
N3A NAD G . 13.52 -5.58 -28.48
C4A NAD G . 13.75 -4.50 -29.28
O3 NAD G . 17.32 2.39 -25.82
PN NAD G . 17.22 2.96 -24.32
O1N NAD G . 18.10 4.17 -24.14
O2N NAD G . 17.28 1.79 -23.36
O5D NAD G . 15.73 3.51 -24.36
C5D NAD G . 14.64 2.62 -24.60
C4D NAD G . 13.34 3.40 -24.80
O4D NAD G . 12.91 3.97 -23.56
C3D NAD G . 13.44 4.56 -25.79
O3D NAD G . 12.25 4.67 -26.58
C2D NAD G . 13.57 5.76 -24.88
O2D NAD G . 13.17 6.99 -25.49
C1D NAD G . 12.63 5.36 -23.77
N1N NAD G . 12.78 6.06 -22.50
C2N NAD G . 11.67 6.33 -21.82
C3N NAD G . 11.71 6.97 -20.59
C7N NAD G . 10.48 7.27 -19.81
O7N NAD G . 10.56 8.01 -18.84
N7N NAD G . 9.30 6.68 -20.11
C4N NAD G . 12.97 7.30 -20.06
C5N NAD G . 14.13 6.97 -20.76
C6N NAD G . 14.01 6.34 -21.99
O12 9ON H . 9.31 12.02 -22.72
C7 9ON H . 10.22 12.87 -22.89
O10 9ON H . 10.16 14.03 -22.46
C4 9ON H . 11.44 12.44 -23.65
C5 9ON H . 11.66 13.37 -24.83
C3 9ON H . 12.62 12.45 -22.66
C2 9ON H . 12.53 11.30 -21.65
C1 9ON H . 13.89 10.91 -21.13
O8 9ON H . 14.33 11.55 -20.14
O9 9ON H . 14.53 9.98 -21.66
ZN ZN I . -12.56 -16.38 10.43
ZN ZN J . 5.39 -23.12 15.55
PA NAD K . 14.86 -22.29 17.87
O1A NAD K . 15.08 -22.85 19.23
O2A NAD K . 15.00 -23.15 16.64
O5B NAD K . 15.87 -21.08 17.64
C5B NAD K . 16.22 -20.21 18.71
C4B NAD K . 17.44 -19.42 18.25
O4B NAD K . 17.49 -18.23 19.03
C3B NAD K . 18.74 -20.17 18.43
O3B NAD K . 19.60 -20.00 17.31
C2B NAD K . 19.33 -19.52 19.68
O2B NAD K . 20.74 -19.57 19.78
C1B NAD K . 18.82 -18.10 19.51
N9A NAD K . 18.78 -17.31 20.76
C8A NAD K . 18.30 -17.68 21.96
N7A NAD K . 18.39 -16.66 22.85
C5A NAD K . 18.95 -15.63 22.20
C6A NAD K . 19.33 -14.26 22.54
N6A NAD K . 19.14 -13.78 23.78
N1A NAD K . 19.87 -13.50 21.57
C2A NAD K . 20.07 -13.96 20.31
N3A NAD K . 19.76 -15.21 19.92
C4A NAD K . 19.20 -16.07 20.82
O3 NAD K . 13.43 -21.59 17.92
PN NAD K . 12.35 -21.44 16.73
O1N NAD K . 11.59 -22.72 16.59
O2N NAD K . 13.04 -20.74 15.60
O5D NAD K . 11.40 -20.39 17.48
C5D NAD K . 11.80 -19.06 17.80
C4D NAD K . 10.70 -18.38 18.62
O4D NAD K . 9.61 -18.04 17.77
C3D NAD K . 10.11 -19.23 19.75
O3D NAD K . 9.87 -18.44 20.93
C2D NAD K . 8.80 -19.73 19.18
O2D NAD K . 7.81 -20.04 20.15
C1D NAD K . 8.39 -18.52 18.36
N1N NAD K . 7.39 -18.72 17.28
C2N NAD K . 6.49 -17.74 17.11
C3N NAD K . 5.53 -17.78 16.11
C7N NAD K . 4.55 -16.65 15.94
O7N NAD K . 3.54 -16.86 15.28
N7N NAD K . 4.81 -15.42 16.44
C4N NAD K . 5.51 -18.90 15.25
C5N NAD K . 6.48 -19.89 15.42
C6N NAD K . 7.41 -19.78 16.45
O12 9ON L . -0.50 -19.86 19.55
C7 9ON L . 0.63 -19.80 20.09
O10 9ON L . 1.10 -18.76 20.60
C4 9ON L . 1.45 -21.04 20.15
C5 9ON L . 0.73 -22.03 21.07
C3 9ON L . 1.67 -21.62 18.74
C2 9ON L . 2.62 -20.80 17.89
C1 9ON L . 3.16 -21.63 16.74
O8 9ON L . 4.38 -21.89 16.70
O9 9ON L . 2.36 -22.04 15.86
ZN ZN M . 16.13 15.35 6.16
ZN ZN N . 2.02 21.04 18.98
PA NAD O . -5.73 19.71 24.84
O1A NAD O . -5.34 20.15 26.24
O2A NAD O . -6.34 20.68 23.88
O5B NAD O . -6.72 18.50 25.01
C5B NAD O . -6.60 17.47 25.96
C4B NAD O . -7.90 16.68 25.89
O4B NAD O . -7.67 15.40 26.46
C3B NAD O . -9.03 17.33 26.67
O3B NAD O . -10.30 17.21 26.01
C2B NAD O . -9.05 16.56 27.97
O2B NAD O . -10.30 16.55 28.66
C1B NAD O . -8.67 15.18 27.46
N9A NAD O . -8.14 14.26 28.48
C8A NAD O . -7.19 14.48 29.41
N7A NAD O . -6.98 13.37 30.15
C5A NAD O . -7.79 12.40 29.68
C6A NAD O . -8.08 11.00 29.98
N6A NAD O . -7.45 10.36 30.98
N1A NAD O . -9.00 10.35 29.23
C2A NAD O . -9.66 10.96 28.23
N3A NAD O . -9.46 12.25 27.91
C4A NAD O . -8.56 13.00 28.59
O3 NAD O . -4.39 19.06 24.24
PN NAD O . -3.90 19.05 22.71
O1N NAD O . -3.24 20.35 22.33
O2N NAD O . -5.09 18.56 21.91
O5D NAD O . -2.74 17.96 22.85
C5D NAD O . -3.03 16.61 23.20
C4D NAD O . -1.73 15.85 23.37
O4D NAD O . -1.12 15.66 22.10
C3D NAD O . -0.72 16.56 24.25
O3D NAD O . -0.03 15.62 25.07
C2D NAD O . 0.25 17.15 23.22
O2D NAD O . 1.54 17.35 23.73
C1D NAD O . 0.26 16.04 22.19
N1N NAD O . 0.75 16.38 20.86
C2N NAD O . 1.48 15.44 20.22
C3N NAD O . 1.96 15.65 18.93
C7N NAD O . 2.75 14.60 18.21
O7N NAD O . 3.40 14.92 17.21
N7N NAD O . 2.73 13.33 18.60
C4N NAD O . 1.69 16.87 18.31
C5N NAD O . 0.90 17.82 18.98
C6N NAD O . 0.44 17.55 20.26
O12 9ON P . 7.40 16.10 20.95
C7 9ON P . 7.88 17.25 20.93
O10 9ON P . 8.99 17.55 20.41
C4 9ON P . 7.08 18.35 21.56
C5 9ON P . 7.95 19.15 22.52
C3 9ON P . 6.51 19.22 20.44
C2 9ON P . 5.40 18.47 19.67
C1 9ON P . 4.50 19.43 18.94
O8 9ON P . 4.87 19.92 17.85
O9 9ON P . 3.38 19.70 19.44
ZN ZN Q . -9.26 -19.66 -8.01
ZN ZN R . -23.96 -7.38 -13.52
PA NAD S . -27.79 1.22 -16.40
O1A NAD S . -28.55 0.97 -17.67
O2A NAD S . -28.50 1.11 -15.09
O5B NAD S . -27.23 2.72 -16.46
C5B NAD S . -26.68 3.30 -17.60
C4B NAD S . -26.54 4.78 -17.26
O4B NAD S . -25.54 5.30 -18.11
C3B NAD S . -27.80 5.61 -17.47
O3B NAD S . -27.98 6.56 -16.40
C2B NAD S . -27.54 6.32 -18.78
O2B NAD S . -28.20 7.59 -18.98
C1B NAD S . -26.03 6.50 -18.70
N9A NAD S . -25.37 6.67 -20.00
C8A NAD S . -25.54 5.92 -21.10
N7A NAD S . -24.75 6.36 -22.11
C5A NAD S . -24.06 7.41 -21.64
C6A NAD S . -23.04 8.34 -22.13
N6A NAD S . -22.59 8.25 -23.38
N1A NAD S . -22.55 9.30 -21.29
C2A NAD S . -22.98 9.41 -20.03
N3A NAD S . -23.91 8.60 -19.51
C4A NAD S . -24.47 7.60 -20.24
O3 NAD S . -26.46 0.33 -16.49
PN NAD S . -25.79 -0.44 -15.25
O1N NAD S . -26.52 -1.69 -14.87
O2N NAD S . -25.42 0.57 -14.21
O5D NAD S . -24.47 -0.93 -16.00
C5D NAD S . -23.55 0.00 -16.59
C4D NAD S . -22.45 -0.77 -17.31
O4D NAD S . -21.62 -1.47 -16.38
C3D NAD S . -22.99 -1.83 -18.27
O3D NAD S . -22.23 -1.80 -19.47
C2D NAD S . -22.79 -3.13 -17.54
O2D NAD S . -22.71 -4.27 -18.38
C1D NAD S . -21.47 -2.82 -16.83
N1N NAD S . -21.11 -3.70 -15.72
C2N NAD S . -19.80 -4.03 -15.60
C3N NAD S . -19.35 -4.87 -14.59
C7N NAD S . -17.90 -5.22 -14.43
O7N NAD S . -17.57 -6.15 -13.68
N7N NAD S . -16.96 -4.49 -15.04
C4N NAD S . -20.29 -5.35 -13.68
C5N NAD S . -21.62 -4.97 -13.81
C6N NAD S . -22.02 -4.15 -14.83
O12 9ON T . -18.71 -11.40 -18.06
C7 9ON T . -19.08 -10.23 -18.29
O10 9ON T . -18.29 -9.28 -18.49
C4 9ON T . -20.55 -9.93 -18.32
C5 9ON T . -21.23 -10.85 -19.34
C3 9ON T . -21.14 -10.11 -16.91
C2 9ON T . -20.70 -8.98 -15.97
C1 9ON T . -21.58 -8.87 -14.73
O8 9ON T . -22.35 -7.89 -14.65
O9 9ON T . -21.51 -9.74 -13.84
#